data_6NH6
#
_entry.id   6NH6
#
_cell.length_a   59.860
_cell.length_b   152.820
_cell.length_c   109.190
_cell.angle_alpha   90.00
_cell.angle_beta   91.00
_cell.angle_gamma   90.00
#
_symmetry.space_group_name_H-M   'P 1 21 1'
#
loop_
_entity.id
_entity.type
_entity.pdbx_description
1 polymer 'Endothelial nitric oxide synthase splice variant eNOS13A'
2 non-polymer 'PROTOPORPHYRIN IX CONTAINING FE'
3 non-polymer 5,6,7,8-TETRAHYDROBIOPTERIN
4 non-polymer 6-(2-{3-[3-(dimethylamino)propyl]-2,6-difluorophenyl}ethyl)-4-methylpyridin-2-amine
5 non-polymer 2-[BIS-(2-HYDROXY-ETHYL)-AMINO]-2-HYDROXYMETHYL-PROPANE-1,3-DIOL
6 non-polymer 'ZINC ION'
7 non-polymer GLYCEROL
8 non-polymer 'CHLORIDE ION'
9 non-polymer 'GADOLINIUM ATOM'
10 water water
#
_entity_poly.entity_id   1
_entity_poly.type   'polypeptide(L)'
_entity_poly.pdbx_seq_one_letter_code
;APASLLPPAPEHSPPSSPLTQPPEGPKFPRVKNWEVGSITYDTLSAQAQQDGPCTPRRCLGSLVFPRKLQGRPSPGPPAP
EQLLSQARDFINQYYSSIKRSGSQAHEQRLQEVEAEVAATGTYQLRESELVFGAKQAWRNAPRCVGRIQWGKLQVFDARD
CRSAQEMFTYICNHIKYATNRGNLRSAITVFPQRCPGRGDFRIWNSQLVRYAGYRQQDGSVRGDPANVEITELCIQHGWT
PGNGRFDVLPLLLQAPDEPPELFLLPPELVLEVPLEHPTLEWFAALGLRWYALPAVSNMLLEIGGLEFPAAPFSGWYMST
EIGTRNLCDPHRYNILEDVAVCMDLDTRTTSSLWKDKAAVEINVAVLHSYQLAKVTIVDHHAATASFMKHLENEQKARGG
CPADWAWIVPPISGSLTPVFHQEMVNYFLSPAFRYQPDPW
;
_entity_poly.pdbx_strand_id   A,B,C,D
#
loop_
_chem_comp.id
_chem_comp.type
_chem_comp.name
_chem_comp.formula
BTB non-polymer 2-[BIS-(2-HYDROXY-ETHYL)-AMINO]-2-HYDROXYMETHYL-PROPANE-1,3-DIOL 'C8 H19 N O5'
CL non-polymer 'CHLORIDE ION' 'Cl -1'
GD non-polymer 'GADOLINIUM ATOM' Gd
GOL non-polymer GLYCEROL 'C3 H8 O3'
H4B non-polymer 5,6,7,8-TETRAHYDROBIOPTERIN 'C9 H15 N5 O3'
HEM non-polymer 'PROTOPORPHYRIN IX CONTAINING FE' 'C34 H32 Fe N4 O4'
KL7 non-polymer 6-(2-{3-[3-(dimethylamino)propyl]-2,6-difluorophenyl}ethyl)-4-methylpyridin-2-amine 'C19 H25 F2 N3'
ZN non-polymer 'ZINC ION' 'Zn 2'
#
# COMPACT_ATOMS: atom_id res chain seq x y z
N PHE A 28 -49.58 -9.73 5.16
CA PHE A 28 -48.24 -10.33 5.31
C PHE A 28 -47.21 -9.64 4.42
N PRO A 29 -46.38 -8.79 5.04
CA PRO A 29 -45.40 -8.00 4.26
C PRO A 29 -44.41 -8.88 3.53
N ARG A 30 -44.11 -8.49 2.29
CA ARG A 30 -43.11 -9.13 1.45
C ARG A 30 -41.78 -8.44 1.71
N VAL A 31 -40.76 -9.23 2.03
CA VAL A 31 -39.44 -8.74 2.41
C VAL A 31 -38.42 -9.39 1.48
N LYS A 32 -37.61 -8.54 0.85
CA LYS A 32 -36.65 -8.95 -0.17
C LYS A 32 -35.23 -8.73 0.31
N ASN A 33 -34.32 -9.63 -0.11
CA ASN A 33 -32.88 -9.44 0.03
C ASN A 33 -32.32 -9.07 -1.33
N TRP A 34 -31.79 -7.85 -1.45
CA TRP A 34 -31.35 -7.32 -2.73
C TRP A 34 -29.98 -7.85 -3.16
N GLU A 35 -29.20 -8.43 -2.24
CA GLU A 35 -27.94 -9.04 -2.62
C GLU A 35 -28.16 -10.37 -3.34
N VAL A 36 -29.16 -11.14 -2.93
CA VAL A 36 -29.38 -12.46 -3.49
C VAL A 36 -30.60 -12.51 -4.40
N GLY A 37 -31.61 -11.70 -4.15
CA GLY A 37 -32.89 -11.76 -4.85
C GLY A 37 -33.94 -12.59 -4.16
N SER A 38 -33.69 -13.08 -2.96
CA SER A 38 -34.63 -13.97 -2.30
C SER A 38 -35.73 -13.17 -1.60
N ILE A 39 -36.88 -13.82 -1.42
CA ILE A 39 -38.11 -13.21 -0.95
C ILE A 39 -38.68 -14.07 0.17
N THR A 40 -39.18 -13.42 1.22
CA THR A 40 -39.88 -14.09 2.31
C THR A 40 -41.04 -13.20 2.74
N TYR A 41 -41.95 -13.78 3.51
CA TYR A 41 -43.11 -13.09 4.05
C TYR A 41 -43.04 -13.13 5.57
N ASP A 42 -43.28 -11.99 6.22
CA ASP A 42 -43.23 -11.91 7.68
C ASP A 42 -44.64 -12.09 8.21
N THR A 43 -44.97 -13.34 8.55
CA THR A 43 -46.27 -13.62 9.15
C THR A 43 -46.30 -13.31 10.64
N LEU A 44 -45.13 -13.35 11.29
CA LEU A 44 -45.07 -13.03 12.72
C LEU A 44 -45.47 -11.59 13.01
N SER A 45 -45.26 -10.68 12.05
CA SER A 45 -45.70 -9.30 12.22
C SER A 45 -47.18 -9.20 12.51
N ALA A 46 -47.99 -10.12 11.96
CA ALA A 46 -49.43 -10.09 12.20
C ALA A 46 -49.74 -10.16 13.68
N GLN A 47 -48.95 -10.90 14.44
CA GLN A 47 -49.16 -11.09 15.87
C GLN A 47 -48.49 -10.02 16.72
N ALA A 48 -48.21 -8.84 16.15
CA ALA A 48 -47.61 -7.74 16.89
C ALA A 48 -48.67 -6.99 17.69
N GLN A 49 -48.30 -6.55 18.91
CA GLN A 49 -49.25 -5.91 19.80
C GLN A 49 -48.85 -4.44 19.95
N GLN A 50 -48.17 -4.06 21.04
CA GLN A 50 -48.06 -2.67 21.46
C GLN A 50 -47.56 -1.76 20.32
N ASP A 51 -48.52 -1.05 19.71
CA ASP A 51 -48.27 -0.30 18.48
C ASP A 51 -47.07 0.65 18.60
N GLY A 52 -46.29 0.72 17.54
CA GLY A 52 -45.17 1.63 17.46
C GLY A 52 -45.55 3.02 17.01
N PRO A 53 -44.59 3.74 16.44
CA PRO A 53 -44.75 5.19 16.25
C PRO A 53 -45.26 5.63 14.88
N CYS A 54 -45.35 4.73 13.92
CA CYS A 54 -45.59 5.10 12.54
C CYS A 54 -47.08 5.04 12.21
N THR A 55 -47.49 5.85 11.24
CA THR A 55 -48.83 5.87 10.67
C THR A 55 -48.72 5.86 9.15
N PRO A 56 -49.80 5.51 8.45
CA PRO A 56 -49.76 5.58 6.97
C PRO A 56 -49.27 6.92 6.41
N ARG A 57 -49.45 8.02 7.14
CA ARG A 57 -49.10 9.34 6.61
C ARG A 57 -47.63 9.73 6.79
N ARG A 58 -46.94 9.19 7.79
CA ARG A 58 -45.57 9.58 8.11
C ARG A 58 -44.87 8.44 8.82
N CYS A 59 -43.58 8.27 8.54
CA CYS A 59 -42.77 7.24 9.16
C CYS A 59 -41.80 7.86 10.16
N LEU A 60 -41.78 7.32 11.37
CA LEU A 60 -40.93 7.81 12.44
C LEU A 60 -39.92 6.76 12.89
N GLY A 61 -39.56 5.84 11.99
CA GLY A 61 -38.68 4.75 12.36
C GLY A 61 -37.32 5.21 12.88
N SER A 62 -36.86 6.39 12.44
CA SER A 62 -35.54 6.86 12.80
C SER A 62 -35.46 7.51 14.17
N LEU A 63 -36.57 7.60 14.91
CA LEU A 63 -36.55 8.24 16.22
C LEU A 63 -36.07 7.26 17.28
N VAL A 64 -35.13 7.70 18.12
CA VAL A 64 -34.51 6.82 19.10
C VAL A 64 -35.52 6.36 20.14
N PHE A 65 -36.22 7.31 20.77
CA PHE A 65 -37.29 6.98 21.72
C PHE A 65 -38.63 7.23 21.06
N PRO A 66 -39.34 6.20 20.61
CA PRO A 66 -40.61 6.41 19.92
C PRO A 66 -41.66 6.99 20.86
N ARG A 67 -42.34 8.05 20.40
CA ARG A 67 -43.48 8.66 21.09
C ARG A 67 -43.02 9.15 22.46
N LYS A 68 -43.63 8.71 23.56
CA LYS A 68 -43.16 9.04 24.89
C LYS A 68 -43.21 7.79 25.76
N LEU A 69 -42.35 7.76 26.77
CA LEU A 69 -42.16 6.57 27.60
C LEU A 69 -43.38 6.26 28.47
N ALA A 79 -58.56 -1.43 38.13
CA ALA A 79 -59.01 -2.34 37.06
C ALA A 79 -57.84 -3.15 36.48
N PRO A 80 -57.46 -4.24 37.17
CA PRO A 80 -56.33 -5.06 36.69
C PRO A 80 -56.75 -6.14 35.70
N GLU A 81 -57.78 -5.85 34.90
CA GLU A 81 -58.24 -6.80 33.90
C GLU A 81 -57.18 -7.06 32.84
N GLN A 82 -56.32 -6.08 32.57
CA GLN A 82 -55.31 -6.21 31.52
C GLN A 82 -54.13 -7.06 31.96
N LEU A 83 -53.97 -7.30 33.25
CA LEU A 83 -52.89 -8.17 33.71
C LEU A 83 -53.15 -9.61 33.32
N LEU A 84 -54.40 -10.08 33.46
CA LEU A 84 -54.75 -11.45 33.11
C LEU A 84 -54.58 -11.71 31.62
N SER A 85 -54.80 -10.71 30.76
CA SER A 85 -54.73 -10.94 29.33
C SER A 85 -53.30 -11.09 28.83
N GLN A 86 -52.35 -10.34 29.39
CA GLN A 86 -50.95 -10.49 29.01
C GLN A 86 -50.30 -11.70 29.67
N ALA A 87 -50.72 -12.00 30.90
CA ALA A 87 -50.22 -13.19 31.59
C ALA A 87 -50.65 -14.47 30.87
N ARG A 88 -51.91 -14.56 30.45
CA ARG A 88 -52.37 -15.75 29.75
C ARG A 88 -51.66 -15.91 28.41
N ASP A 89 -51.49 -14.82 27.66
CA ASP A 89 -50.75 -14.88 26.40
C ASP A 89 -49.34 -15.43 26.64
N PHE A 90 -48.65 -14.88 27.63
CA PHE A 90 -47.27 -15.28 27.89
C PHE A 90 -47.20 -16.73 28.33
N ILE A 91 -48.13 -17.16 29.20
CA ILE A 91 -48.18 -18.55 29.62
C ILE A 91 -48.43 -19.47 28.44
N ASN A 92 -49.24 -19.00 27.47
CA ASN A 92 -49.61 -19.82 26.32
C ASN A 92 -48.42 -20.15 25.43
N GLN A 93 -47.61 -19.15 25.10
CA GLN A 93 -46.49 -19.48 24.22
C GLN A 93 -45.38 -20.20 24.97
N TYR A 94 -45.39 -20.18 26.31
CA TYR A 94 -44.42 -20.99 27.05
C TYR A 94 -44.68 -22.47 26.87
N TYR A 95 -45.94 -22.89 26.96
CA TYR A 95 -46.24 -24.29 26.76
C TYR A 95 -46.19 -24.69 25.28
N SER A 96 -46.34 -23.72 24.39
CA SER A 96 -46.11 -23.96 22.96
C SER A 96 -44.65 -24.32 22.71
N SER A 97 -43.73 -23.58 23.34
CA SER A 97 -42.31 -23.76 23.14
C SER A 97 -41.76 -25.06 23.73
N ILE A 98 -42.55 -25.83 24.48
CA ILE A 98 -42.07 -27.11 24.99
C ILE A 98 -42.98 -28.24 24.51
N LYS A 99 -43.65 -28.02 23.37
CA LYS A 99 -44.65 -28.91 22.80
C LYS A 99 -45.94 -28.94 23.63
N ARG A 100 -45.83 -28.91 24.95
CA ARG A 100 -46.93 -29.31 25.82
C ARG A 100 -48.07 -28.29 25.93
N SER A 101 -48.53 -27.79 24.79
CA SER A 101 -49.83 -27.12 24.75
C SER A 101 -50.89 -28.17 24.40
N GLY A 102 -52.01 -28.13 25.13
CA GLY A 102 -53.02 -29.16 25.00
C GLY A 102 -52.92 -30.18 26.11
N SER A 103 -53.91 -30.18 27.01
CA SER A 103 -53.93 -31.06 28.19
C SER A 103 -52.70 -30.85 29.08
N GLN A 104 -52.63 -31.63 30.17
CA GLN A 104 -51.48 -31.63 31.07
C GLN A 104 -51.40 -30.28 31.79
N ALA A 105 -50.36 -30.08 32.61
CA ALA A 105 -50.11 -28.88 33.41
C ALA A 105 -50.38 -27.54 32.70
N HIS A 106 -50.47 -27.53 31.36
CA HIS A 106 -50.83 -26.30 30.68
C HIS A 106 -52.22 -25.83 31.10
N GLU A 107 -53.21 -26.73 31.03
CA GLU A 107 -54.51 -26.45 31.62
C GLU A 107 -54.37 -25.95 33.05
N GLN A 108 -53.51 -26.59 33.83
CA GLN A 108 -53.45 -26.34 35.28
C GLN A 108 -52.76 -25.02 35.60
N ARG A 109 -51.66 -24.69 34.91
CA ARG A 109 -50.95 -23.44 35.18
C ARG A 109 -51.80 -22.22 34.83
N LEU A 110 -52.74 -22.36 33.89
CA LEU A 110 -53.67 -21.25 33.63
C LEU A 110 -54.51 -20.93 34.86
N GLN A 111 -54.84 -21.93 35.67
CA GLN A 111 -55.72 -21.70 36.82
C GLN A 111 -54.98 -20.97 37.94
N GLU A 112 -53.78 -21.45 38.29
CA GLU A 112 -53.03 -20.83 39.38
C GLU A 112 -52.89 -19.32 39.17
N VAL A 113 -52.63 -18.89 37.93
CA VAL A 113 -52.45 -17.46 37.70
C VAL A 113 -53.78 -16.72 37.80
N GLU A 114 -54.85 -17.28 37.24
CA GLU A 114 -56.19 -16.73 37.46
C GLU A 114 -56.48 -16.56 38.94
N ALA A 115 -56.22 -17.61 39.74
CA ALA A 115 -56.45 -17.55 41.18
C ALA A 115 -55.48 -16.60 41.86
N GLU A 116 -54.20 -16.64 41.48
CA GLU A 116 -53.18 -15.80 42.10
C GLU A 116 -53.52 -14.31 41.97
N VAL A 117 -54.05 -13.90 40.81
CA VAL A 117 -54.39 -12.49 40.59
C VAL A 117 -55.73 -12.14 41.22
N ALA A 118 -56.72 -13.03 41.12
CA ALA A 118 -57.99 -12.79 41.80
C ALA A 118 -57.78 -12.58 43.30
N ALA A 119 -56.80 -13.25 43.90
CA ALA A 119 -56.56 -13.15 45.33
C ALA A 119 -55.59 -12.04 45.70
N THR A 120 -54.67 -11.67 44.82
CA THR A 120 -53.61 -10.74 45.19
C THR A 120 -53.46 -9.55 44.27
N GLY A 121 -54.01 -9.58 43.05
CA GLY A 121 -53.87 -8.50 42.11
C GLY A 121 -52.69 -8.63 41.16
N THR A 122 -51.65 -9.38 41.57
CA THR A 122 -50.50 -9.64 40.71
C THR A 122 -50.26 -11.15 40.66
N TYR A 123 -49.10 -11.58 40.17
CA TYR A 123 -48.78 -13.00 40.24
C TYR A 123 -47.27 -13.16 40.21
N GLN A 124 -46.81 -14.34 40.62
CA GLN A 124 -45.39 -14.66 40.63
C GLN A 124 -45.08 -15.65 39.52
N LEU A 125 -43.94 -15.44 38.85
CA LEU A 125 -43.52 -16.31 37.76
C LEU A 125 -42.80 -17.54 38.29
N ARG A 126 -43.16 -18.72 37.78
CA ARG A 126 -42.32 -19.90 37.96
C ARG A 126 -40.92 -19.62 37.40
N GLU A 127 -39.92 -20.25 38.02
CA GLU A 127 -38.53 -19.97 37.71
C GLU A 127 -38.20 -20.20 36.24
N SER A 128 -38.81 -21.22 35.62
CA SER A 128 -38.53 -21.51 34.21
C SER A 128 -39.23 -20.53 33.30
N GLU A 129 -40.45 -20.10 33.66
CA GLU A 129 -41.13 -19.05 32.93
C GLU A 129 -40.30 -17.77 32.92
N LEU A 130 -39.75 -17.42 34.08
CA LEU A 130 -38.89 -16.23 34.18
C LEU A 130 -37.66 -16.38 33.31
N VAL A 131 -37.12 -17.60 33.20
CA VAL A 131 -36.00 -17.86 32.29
C VAL A 131 -36.47 -17.72 30.84
N PHE A 132 -37.58 -18.37 30.50
CA PHE A 132 -38.11 -18.31 29.14
C PHE A 132 -38.41 -16.87 28.73
N GLY A 133 -39.09 -16.12 29.59
CA GLY A 133 -39.41 -14.74 29.27
C GLY A 133 -38.18 -13.86 29.12
N ALA A 134 -37.14 -14.11 29.92
CA ALA A 134 -35.94 -13.30 29.82
C ALA A 134 -35.27 -13.51 28.47
N LYS A 135 -35.25 -14.75 27.99
CA LYS A 135 -34.69 -15.04 26.67
C LYS A 135 -35.59 -14.52 25.56
N GLN A 136 -36.91 -14.55 25.76
CA GLN A 136 -37.81 -14.04 24.74
C GLN A 136 -37.64 -12.54 24.54
N ALA A 137 -37.51 -11.80 25.64
CA ALA A 137 -37.30 -10.36 25.54
C ALA A 137 -36.10 -10.05 24.66
N TRP A 138 -34.98 -10.75 24.90
CA TRP A 138 -33.79 -10.57 24.08
C TRP A 138 -34.04 -10.96 22.63
N ARG A 139 -34.72 -12.09 22.41
CA ARG A 139 -35.06 -12.54 21.06
C ARG A 139 -35.89 -11.51 20.30
N ASN A 140 -36.77 -10.80 21.02
CA ASN A 140 -37.71 -9.87 20.43
C ASN A 140 -37.17 -8.44 20.31
N ALA A 141 -35.93 -8.20 20.74
CA ALA A 141 -35.34 -6.86 20.71
C ALA A 141 -35.01 -6.45 19.28
N PRO A 142 -35.80 -5.58 18.64
CA PRO A 142 -35.56 -5.31 17.22
C PRO A 142 -34.22 -4.70 16.94
N ARG A 143 -33.64 -3.95 17.89
CA ARG A 143 -32.41 -3.23 17.65
C ARG A 143 -31.16 -4.06 17.92
N CYS A 144 -31.28 -5.28 18.43
CA CYS A 144 -30.12 -6.07 18.82
C CYS A 144 -29.62 -6.91 17.65
N VAL A 145 -28.37 -6.71 17.26
CA VAL A 145 -27.77 -7.51 16.19
C VAL A 145 -27.17 -8.82 16.71
N GLY A 146 -27.06 -9.02 18.02
CA GLY A 146 -26.46 -10.23 18.54
C GLY A 146 -27.42 -11.34 18.90
N ARG A 147 -28.65 -11.31 18.35
CA ARG A 147 -29.68 -12.25 18.79
C ARG A 147 -29.42 -13.69 18.38
N ILE A 148 -28.40 -14.00 17.56
CA ILE A 148 -28.11 -15.41 17.31
C ILE A 148 -27.76 -16.12 18.62
N GLN A 149 -27.29 -15.37 19.61
CA GLN A 149 -26.93 -15.91 20.91
C GLN A 149 -28.11 -16.02 21.88
N TRP A 150 -29.33 -15.72 21.44
CA TRP A 150 -30.41 -15.51 22.40
C TRP A 150 -30.74 -16.74 23.23
N GLY A 151 -30.35 -17.94 22.77
CA GLY A 151 -30.66 -19.14 23.52
C GLY A 151 -29.74 -19.38 24.71
N LYS A 152 -28.54 -18.86 24.64
CA LYS A 152 -27.53 -19.02 25.69
C LYS A 152 -27.52 -17.75 26.52
N LEU A 153 -28.25 -17.78 27.64
CA LEU A 153 -28.39 -16.60 28.50
C LEU A 153 -28.53 -17.07 29.94
N GLN A 154 -27.71 -16.51 30.83
CA GLN A 154 -27.69 -16.91 32.23
C GLN A 154 -28.55 -15.96 33.05
N VAL A 155 -29.57 -16.50 33.70
CA VAL A 155 -30.63 -15.72 34.34
C VAL A 155 -30.53 -15.92 35.84
N PHE A 156 -29.87 -14.99 36.53
CA PHE A 156 -29.86 -14.99 37.99
C PHE A 156 -31.18 -14.42 38.50
N ASP A 157 -31.84 -15.19 39.36
CA ASP A 157 -33.11 -14.80 39.97
C ASP A 157 -32.81 -14.06 41.27
N ALA A 158 -33.01 -12.74 41.26
CA ALA A 158 -32.76 -11.92 42.43
C ALA A 158 -34.08 -11.34 42.96
N ARG A 159 -35.16 -12.10 42.82
CA ARG A 159 -36.49 -11.61 43.18
C ARG A 159 -36.74 -11.59 44.68
N ASP A 160 -35.92 -12.26 45.47
CA ASP A 160 -35.99 -12.21 46.93
C ASP A 160 -35.05 -11.16 47.52
N CYS A 161 -34.43 -10.35 46.67
CA CYS A 161 -33.56 -9.27 47.14
C CYS A 161 -34.38 -8.16 47.76
N ARG A 162 -33.96 -7.67 48.92
CA ARG A 162 -34.72 -6.65 49.64
C ARG A 162 -33.80 -5.66 50.33
N SER A 163 -32.75 -5.21 49.64
CA SER A 163 -31.79 -4.29 50.23
C SER A 163 -30.87 -3.74 49.15
N ALA A 164 -30.43 -2.49 49.33
CA ALA A 164 -29.47 -1.91 48.39
C ALA A 164 -28.07 -2.50 48.61
N GLN A 165 -27.75 -2.95 49.81
CA GLN A 165 -26.54 -3.74 50.00
C GLN A 165 -26.67 -5.11 49.34
N GLU A 166 -27.89 -5.65 49.29
CA GLU A 166 -28.12 -6.94 48.68
C GLU A 166 -28.01 -6.87 47.16
N MET A 167 -28.70 -5.90 46.54
CA MET A 167 -28.54 -5.65 45.12
C MET A 167 -27.07 -5.61 44.74
N PHE A 168 -26.32 -4.74 45.43
CA PHE A 168 -24.90 -4.58 45.13
C PHE A 168 -24.18 -5.91 45.06
N THR A 169 -24.48 -6.82 46.00
CA THR A 169 -23.86 -8.15 45.97
C THR A 169 -24.32 -8.96 44.77
N TYR A 170 -25.62 -8.89 44.45
CA TYR A 170 -26.10 -9.51 43.21
C TYR A 170 -25.38 -8.93 42.00
N ILE A 171 -25.35 -7.61 41.89
CA ILE A 171 -24.70 -6.95 40.75
C ILE A 171 -23.25 -7.41 40.64
N CYS A 172 -22.59 -7.59 41.78
CA CYS A 172 -21.18 -7.97 41.78
C CYS A 172 -20.97 -9.42 41.36
N ASN A 173 -21.90 -10.32 41.73
CA ASN A 173 -21.81 -11.70 41.25
C ASN A 173 -21.93 -11.74 39.73
N HIS A 174 -22.98 -11.11 39.21
CA HIS A 174 -23.21 -10.94 37.79
C HIS A 174 -21.94 -10.48 37.09
N ILE A 175 -21.43 -9.31 37.49
CA ILE A 175 -20.24 -8.75 36.84
C ILE A 175 -19.11 -9.76 36.84
N LYS A 176 -18.89 -10.42 37.98
CA LYS A 176 -17.85 -11.44 38.07
C LYS A 176 -18.16 -12.63 37.15
N TYR A 177 -19.41 -13.10 37.17
CA TYR A 177 -19.80 -14.20 36.29
C TYR A 177 -19.74 -13.78 34.82
N ALA A 178 -20.33 -12.64 34.48
CA ALA A 178 -20.33 -12.19 33.09
C ALA A 178 -18.91 -12.01 32.59
N THR A 179 -18.04 -11.36 33.38
CA THR A 179 -16.72 -11.01 32.87
C THR A 179 -15.84 -12.24 32.73
N ASN A 180 -15.81 -13.09 33.75
CA ASN A 180 -15.23 -14.44 33.66
C ASN A 180 -13.81 -14.39 33.10
N ARG A 181 -13.00 -13.51 33.67
CA ARG A 181 -11.60 -13.32 33.26
C ARG A 181 -11.46 -12.96 31.78
N GLY A 182 -12.49 -12.36 31.17
CA GLY A 182 -12.42 -11.91 29.80
C GLY A 182 -13.09 -12.84 28.80
N ASN A 183 -13.47 -14.05 29.22
CA ASN A 183 -14.24 -14.95 28.38
C ASN A 183 -15.72 -14.72 28.65
N LEU A 184 -16.25 -13.67 28.02
CA LEU A 184 -17.54 -13.12 28.40
C LEU A 184 -18.70 -14.10 28.19
N ARG A 185 -19.68 -14.02 29.09
CA ARG A 185 -20.88 -14.85 29.06
C ARG A 185 -22.09 -13.96 29.32
N SER A 186 -23.07 -14.01 28.41
CA SER A 186 -24.26 -13.18 28.53
C SER A 186 -25.01 -13.52 29.80
N ALA A 187 -25.52 -12.49 30.47
CA ALA A 187 -26.17 -12.72 31.76
C ALA A 187 -27.11 -11.57 32.05
N ILE A 188 -28.17 -11.87 32.79
CA ILE A 188 -29.13 -10.89 33.28
C ILE A 188 -29.46 -11.24 34.73
N THR A 189 -29.57 -10.24 35.58
CA THR A 189 -30.04 -10.40 36.95
C THR A 189 -31.41 -9.74 37.07
N VAL A 190 -32.38 -10.49 37.58
CA VAL A 190 -33.77 -10.05 37.65
C VAL A 190 -34.11 -9.75 39.11
N PHE A 191 -34.23 -8.47 39.43
CA PHE A 191 -34.62 -8.02 40.75
C PHE A 191 -36.14 -8.00 40.86
N PRO A 192 -36.70 -7.82 42.06
CA PRO A 192 -38.14 -8.07 42.25
C PRO A 192 -39.02 -7.18 41.39
N GLN A 193 -40.14 -7.74 40.96
CA GLN A 193 -41.05 -7.01 40.10
C GLN A 193 -41.67 -5.84 40.85
N ARG A 194 -42.11 -4.85 40.09
CA ARG A 194 -42.85 -3.75 40.66
C ARG A 194 -44.19 -4.25 41.21
N CYS A 195 -44.53 -3.80 42.41
CA CYS A 195 -45.80 -4.13 43.02
C CYS A 195 -46.56 -2.86 43.35
N PRO A 196 -47.83 -2.74 42.94
CA PRO A 196 -48.62 -1.56 43.36
C PRO A 196 -48.64 -1.47 44.87
N GLY A 197 -48.18 -0.33 45.39
CA GLY A 197 -48.07 -0.16 46.82
C GLY A 197 -46.76 0.43 47.27
N ARG A 198 -46.22 1.35 46.46
CA ARG A 198 -45.01 2.11 46.78
C ARG A 198 -43.78 1.20 46.85
N GLY A 199 -42.89 1.30 45.86
CA GLY A 199 -41.68 0.52 45.87
C GLY A 199 -41.15 0.16 44.49
N ASP A 200 -39.90 0.52 44.22
CA ASP A 200 -39.30 0.24 42.92
C ASP A 200 -37.79 0.09 43.08
N PHE A 201 -37.29 -1.12 42.86
CA PHE A 201 -35.85 -1.30 42.68
C PHE A 201 -35.42 -0.57 41.41
N ARG A 202 -34.26 0.07 41.47
CA ARG A 202 -33.78 0.80 40.31
C ARG A 202 -32.28 1.04 40.42
N ILE A 203 -31.58 0.91 39.29
CA ILE A 203 -30.21 1.37 39.15
C ILE A 203 -30.25 2.70 38.41
N TRP A 204 -29.52 3.69 38.92
CA TRP A 204 -29.56 5.02 38.32
C TRP A 204 -28.59 5.16 37.16
N ASN A 205 -27.48 4.44 37.18
CA ASN A 205 -26.55 4.46 36.06
C ASN A 205 -27.19 3.77 34.85
N SER A 206 -26.87 4.29 33.66
CA SER A 206 -27.38 3.69 32.43
C SER A 206 -26.72 2.32 32.18
N GLN A 207 -25.45 2.18 32.56
CA GLN A 207 -24.74 0.91 32.51
C GLN A 207 -24.05 0.67 33.85
N LEU A 208 -23.67 -0.59 34.08
CA LEU A 208 -22.94 -0.90 35.31
C LEU A 208 -21.54 -0.30 35.29
N VAL A 209 -20.91 -0.23 34.13
CA VAL A 209 -19.60 0.39 33.96
C VAL A 209 -19.77 1.63 33.09
N ARG A 210 -19.51 2.79 33.66
CA ARG A 210 -19.61 4.08 32.99
C ARG A 210 -18.42 4.95 33.38
N TYR A 211 -17.86 5.68 32.42
CA TYR A 211 -16.76 6.59 32.72
C TYR A 211 -17.30 7.98 33.08
N ALA A 212 -16.56 8.65 33.97
CA ALA A 212 -17.02 9.91 34.51
C ALA A 212 -17.02 11.00 33.46
N GLY A 213 -17.89 12.00 33.66
CA GLY A 213 -17.96 13.18 32.82
C GLY A 213 -17.89 14.46 33.61
N TYR A 214 -16.73 15.14 33.54
CA TYR A 214 -16.43 16.30 34.37
C TYR A 214 -16.61 17.59 33.56
N ARG A 215 -17.57 18.40 33.95
CA ARG A 215 -17.65 19.77 33.46
C ARG A 215 -16.40 20.55 33.87
N GLN A 216 -16.26 21.75 33.31
CA GLN A 216 -15.28 22.67 33.87
C GLN A 216 -15.61 24.09 33.43
N GLN A 217 -14.60 24.96 33.47
CA GLN A 217 -14.77 26.40 33.28
C GLN A 217 -15.24 26.74 31.88
N ASP A 218 -14.85 25.94 30.87
CA ASP A 218 -15.40 26.12 29.53
C ASP A 218 -16.77 25.49 29.36
N GLY A 219 -17.23 24.71 30.33
CA GLY A 219 -18.38 23.86 30.14
C GLY A 219 -18.01 22.57 29.43
N SER A 220 -16.92 22.62 28.64
CA SER A 220 -16.41 21.42 27.98
C SER A 220 -16.10 20.34 29.02
N VAL A 221 -16.08 19.09 28.56
CA VAL A 221 -16.02 17.95 29.46
C VAL A 221 -14.67 17.28 29.35
N ARG A 222 -14.13 16.85 30.49
CA ARG A 222 -13.08 15.87 30.56
C ARG A 222 -13.73 14.55 30.96
N GLY A 223 -13.53 13.51 30.15
CA GLY A 223 -14.24 12.26 30.35
C GLY A 223 -15.34 12.03 29.33
N ASP A 224 -16.33 11.22 29.71
CA ASP A 224 -17.40 10.84 28.80
C ASP A 224 -18.54 11.84 28.89
N PRO A 225 -18.81 12.61 27.84
CA PRO A 225 -19.90 13.59 27.92
C PRO A 225 -21.29 12.97 28.06
N ALA A 226 -21.48 11.71 27.65
CA ALA A 226 -22.78 11.06 27.82
C ALA A 226 -23.12 10.81 29.29
N ASN A 227 -22.14 10.91 30.19
CA ASN A 227 -22.32 10.59 31.61
C ASN A 227 -22.14 11.80 32.50
N VAL A 228 -22.23 13.00 31.93
CA VAL A 228 -22.11 14.23 32.71
C VAL A 228 -23.19 14.29 33.79
N GLU A 229 -24.42 13.94 33.43
CA GLU A 229 -25.53 14.03 34.38
C GLU A 229 -25.34 13.09 35.56
N ILE A 230 -25.06 11.82 35.28
CA ILE A 230 -24.96 10.87 36.38
C ILE A 230 -23.71 11.14 37.23
N THR A 231 -22.61 11.60 36.60
CA THR A 231 -21.46 12.05 37.38
C THR A 231 -21.84 13.19 38.30
N GLU A 232 -22.80 14.04 37.90
CA GLU A 232 -23.32 15.08 38.79
C GLU A 232 -24.03 14.47 39.99
N LEU A 233 -24.98 13.57 39.75
CA LEU A 233 -25.72 12.94 40.84
C LEU A 233 -24.80 12.11 41.72
N CYS A 234 -23.74 11.53 41.15
CA CYS A 234 -22.78 10.80 41.99
C CYS A 234 -22.07 11.74 42.95
N ILE A 235 -21.66 12.92 42.46
CA ILE A 235 -20.98 13.87 43.34
C ILE A 235 -21.94 14.40 44.39
N GLN A 236 -23.17 14.76 43.99
CA GLN A 236 -24.10 15.34 44.96
C GLN A 236 -24.68 14.31 45.92
N HIS A 237 -24.30 13.03 45.80
CA HIS A 237 -24.64 12.02 46.80
C HIS A 237 -23.40 11.51 47.53
N GLY A 238 -22.34 12.30 47.54
CA GLY A 238 -21.19 12.04 48.38
C GLY A 238 -19.91 11.72 47.66
N TRP A 239 -19.97 11.33 46.38
CA TRP A 239 -18.79 10.75 45.74
C TRP A 239 -17.64 11.74 45.69
N THR A 240 -16.44 11.23 45.92
CA THR A 240 -15.20 11.96 45.75
C THR A 240 -14.85 12.01 44.27
N PRO A 241 -14.93 13.18 43.62
CA PRO A 241 -14.57 13.26 42.20
C PRO A 241 -13.14 12.78 41.96
N GLY A 242 -12.79 12.61 40.70
CA GLY A 242 -11.60 11.89 40.33
C GLY A 242 -10.68 12.63 39.38
N ASN A 243 -9.62 11.94 39.00
CA ASN A 243 -8.59 12.32 38.05
C ASN A 243 -9.14 12.81 36.69
N GLY A 244 -9.09 11.95 35.67
CA GLY A 244 -9.34 12.42 34.32
C GLY A 244 -10.47 11.75 33.55
N ARG A 245 -10.13 11.27 32.35
CA ARG A 245 -11.13 10.98 31.34
C ARG A 245 -11.50 9.50 31.26
N PHE A 246 -11.05 8.68 32.21
CA PHE A 246 -11.44 7.27 32.23
C PHE A 246 -11.59 6.79 33.67
N ASP A 247 -12.36 7.51 34.48
CA ASP A 247 -12.65 7.13 35.86
C ASP A 247 -13.98 6.39 35.91
N VAL A 248 -13.95 5.13 36.35
CA VAL A 248 -15.18 4.35 36.51
C VAL A 248 -16.03 4.97 37.58
N LEU A 249 -17.28 5.29 37.25
CA LEU A 249 -18.18 5.89 38.20
C LEU A 249 -18.59 4.89 39.28
N PRO A 250 -19.11 5.36 40.40
CA PRO A 250 -19.74 4.46 41.37
C PRO A 250 -21.21 4.22 41.03
N LEU A 251 -21.72 3.10 41.51
CA LEU A 251 -23.12 2.76 41.30
C LEU A 251 -24.01 3.53 42.24
N LEU A 252 -25.21 3.83 41.78
CA LEU A 252 -26.26 4.45 42.59
C LEU A 252 -27.43 3.49 42.61
N LEU A 253 -27.53 2.71 43.69
CA LEU A 253 -28.50 1.64 43.82
C LEU A 253 -29.65 2.08 44.71
N GLN A 254 -30.87 1.73 44.32
CA GLN A 254 -32.08 2.28 44.95
C GLN A 254 -33.03 1.15 45.35
N ALA A 255 -32.93 0.71 46.61
CA ALA A 255 -33.96 -0.15 47.17
C ALA A 255 -35.26 0.64 47.26
N PRO A 256 -36.41 -0.06 47.24
CA PRO A 256 -37.70 0.65 47.24
C PRO A 256 -37.81 1.70 48.34
N ASP A 257 -38.37 2.85 47.95
CA ASP A 257 -38.67 3.98 48.83
C ASP A 257 -37.42 4.70 49.33
N GLU A 258 -36.68 4.08 50.25
CA GLU A 258 -35.48 4.71 50.81
C GLU A 258 -34.56 5.18 49.67
N PRO A 259 -33.91 6.34 49.80
CA PRO A 259 -33.30 6.99 48.63
C PRO A 259 -32.03 6.27 48.20
N PRO A 260 -31.46 6.63 47.05
CA PRO A 260 -30.27 5.92 46.55
C PRO A 260 -29.05 6.14 47.44
N GLU A 261 -28.20 5.11 47.49
CA GLU A 261 -26.94 5.15 48.21
C GLU A 261 -25.81 4.75 47.26
N LEU A 262 -24.63 5.32 47.51
CA LEU A 262 -23.49 5.11 46.62
C LEU A 262 -22.77 3.82 46.95
N PHE A 263 -22.35 3.10 45.90
CA PHE A 263 -21.54 1.90 46.05
C PHE A 263 -20.35 2.00 45.11
N LEU A 264 -19.20 1.53 45.57
CA LEU A 264 -17.96 1.63 44.81
C LEU A 264 -17.63 0.27 44.23
N LEU A 265 -17.32 0.25 42.93
CA LEU A 265 -16.99 -1.01 42.26
C LEU A 265 -15.53 -1.36 42.53
N PRO A 266 -15.23 -2.54 43.01
CA PRO A 266 -13.84 -2.92 43.27
C PRO A 266 -13.05 -3.00 41.97
N PRO A 267 -11.87 -2.37 41.91
CA PRO A 267 -11.10 -2.33 40.66
C PRO A 267 -10.90 -3.67 40.00
N GLU A 268 -10.65 -4.73 40.78
CA GLU A 268 -10.44 -6.06 40.22
C GLU A 268 -11.70 -6.63 39.59
N LEU A 269 -12.87 -6.08 39.90
CA LEU A 269 -14.11 -6.53 39.27
C LEU A 269 -14.38 -5.85 37.95
N VAL A 270 -13.79 -4.67 37.72
CA VAL A 270 -14.03 -3.90 36.50
C VAL A 270 -12.83 -4.15 35.60
N LEU A 271 -12.97 -5.14 34.73
CA LEU A 271 -11.91 -5.45 33.79
C LEU A 271 -11.90 -4.43 32.65
N GLU A 272 -10.72 -3.95 32.31
CA GLU A 272 -10.58 -2.87 31.35
C GLU A 272 -9.44 -3.23 30.39
N VAL A 273 -9.55 -2.69 29.17
CA VAL A 273 -8.59 -2.97 28.11
C VAL A 273 -7.92 -1.66 27.71
N PRO A 274 -6.62 -1.50 27.90
CA PRO A 274 -5.93 -0.34 27.33
C PRO A 274 -5.79 -0.51 25.83
N LEU A 275 -5.90 0.60 25.10
CA LEU A 275 -6.03 0.54 23.65
C LEU A 275 -4.67 0.81 23.00
N GLU A 276 -4.23 -0.13 22.19
CA GLU A 276 -2.99 -0.02 21.43
CA GLU A 276 -2.99 -0.04 21.44
C GLU A 276 -3.27 -0.43 20.00
N HIS A 277 -2.37 -0.07 19.10
CA HIS A 277 -2.56 -0.37 17.69
C HIS A 277 -1.43 -1.28 17.21
N PRO A 278 -1.74 -2.32 16.42
CA PRO A 278 -0.69 -3.29 16.05
C PRO A 278 0.51 -2.68 15.36
N THR A 279 0.35 -1.60 14.60
CA THR A 279 1.48 -1.04 13.86
C THR A 279 1.71 0.44 14.11
N LEU A 280 0.76 1.18 14.66
CA LEU A 280 0.94 2.60 15.00
C LEU A 280 1.39 2.64 16.46
N GLU A 281 2.71 2.73 16.66
CA GLU A 281 3.31 2.63 17.98
C GLU A 281 2.87 3.76 18.92
N TRP A 282 2.55 4.92 18.38
CA TRP A 282 2.14 6.06 19.21
C TRP A 282 0.72 5.95 19.73
N PHE A 283 -0.09 5.02 19.19
CA PHE A 283 -1.50 4.97 19.58
C PHE A 283 -1.69 4.70 21.06
N ALA A 284 -0.93 3.73 21.61
CA ALA A 284 -0.99 3.45 23.04
C ALA A 284 -0.73 4.71 23.87
N ALA A 285 0.12 5.61 23.38
CA ALA A 285 0.47 6.79 24.16
C ALA A 285 -0.68 7.78 24.25
N LEU A 286 -1.69 7.65 23.39
CA LEU A 286 -2.90 8.45 23.52
C LEU A 286 -3.64 8.19 24.82
N GLY A 287 -3.30 7.12 25.54
CA GLY A 287 -3.87 6.86 26.85
C GLY A 287 -5.30 6.38 26.83
N LEU A 288 -5.76 5.82 25.71
CA LEU A 288 -7.16 5.44 25.58
C LEU A 288 -7.41 4.07 26.18
N ARG A 289 -8.54 3.92 26.87
CA ARG A 289 -9.01 2.66 27.40
C ARG A 289 -10.49 2.49 27.09
N TRP A 290 -10.98 1.25 27.18
CA TRP A 290 -12.42 1.00 27.33
C TRP A 290 -12.59 -0.23 28.22
N TYR A 291 -13.80 -0.39 28.77
CA TYR A 291 -14.02 -1.52 29.66
C TYR A 291 -14.47 -2.74 28.87
N ALA A 292 -14.51 -3.89 29.55
CA ALA A 292 -14.78 -5.16 28.88
C ALA A 292 -16.26 -5.50 28.81
N LEU A 293 -17.06 -5.09 29.79
CA LEU A 293 -18.40 -5.62 29.98
C LEU A 293 -19.48 -4.59 29.67
N PRO A 294 -20.26 -4.76 28.57
CA PRO A 294 -21.40 -3.87 28.34
C PRO A 294 -22.62 -4.39 29.08
N ALA A 295 -23.06 -3.67 30.11
CA ALA A 295 -24.12 -4.14 31.00
C ALA A 295 -25.14 -3.01 31.16
N VAL A 296 -26.25 -3.12 30.44
CA VAL A 296 -27.31 -2.11 30.42
C VAL A 296 -28.18 -2.27 31.66
N SER A 297 -28.30 -1.20 32.47
CA SER A 297 -28.94 -1.27 33.78
C SER A 297 -30.04 -0.23 33.97
N ASN A 298 -30.69 0.20 32.87
CA ASN A 298 -31.73 1.21 32.99
C ASN A 298 -32.99 0.87 32.19
N MET A 299 -33.07 -0.32 31.60
CA MET A 299 -34.25 -0.71 30.86
C MET A 299 -35.14 -1.61 31.71
N LEU A 300 -36.42 -1.62 31.34
CA LEU A 300 -37.44 -2.35 32.08
C LEU A 300 -37.77 -3.62 31.32
N LEU A 301 -37.57 -4.75 31.97
CA LEU A 301 -37.96 -6.04 31.42
C LEU A 301 -39.43 -6.30 31.75
N GLU A 302 -40.19 -6.72 30.75
CA GLU A 302 -41.63 -6.89 30.89
C GLU A 302 -42.00 -8.30 30.44
N ILE A 303 -42.43 -9.12 31.38
CA ILE A 303 -42.81 -10.50 31.10
C ILE A 303 -44.23 -10.73 31.59
N GLY A 304 -45.07 -11.27 30.71
CA GLY A 304 -46.44 -11.59 31.04
C GLY A 304 -47.17 -10.52 31.83
N GLY A 305 -47.06 -9.27 31.39
CA GLY A 305 -47.72 -8.19 32.10
C GLY A 305 -47.06 -7.79 33.40
N LEU A 306 -45.94 -8.42 33.78
CA LEU A 306 -45.18 -7.98 34.93
C LEU A 306 -44.04 -7.09 34.50
N GLU A 307 -43.63 -6.22 35.42
CA GLU A 307 -42.66 -5.18 35.12
C GLU A 307 -41.50 -5.27 36.10
N PHE A 308 -40.29 -5.43 35.57
CA PHE A 308 -39.11 -5.51 36.42
C PHE A 308 -38.23 -4.30 36.14
N PRO A 309 -38.31 -3.24 36.95
CA PRO A 309 -37.59 -2.00 36.62
C PRO A 309 -36.10 -2.10 36.81
N ALA A 310 -35.61 -3.09 37.53
CA ALA A 310 -34.19 -3.37 37.67
C ALA A 310 -33.95 -4.80 37.22
N ALA A 311 -33.34 -4.95 36.04
CA ALA A 311 -33.02 -6.23 35.44
C ALA A 311 -31.80 -6.07 34.53
N PRO A 312 -30.63 -5.78 35.10
CA PRO A 312 -29.45 -5.50 34.27
C PRO A 312 -29.01 -6.70 33.47
N PHE A 313 -28.89 -6.52 32.15
CA PHE A 313 -28.41 -7.56 31.26
C PHE A 313 -27.06 -7.16 30.66
N SER A 314 -26.29 -8.17 30.27
CA SER A 314 -24.94 -7.92 29.79
C SER A 314 -24.60 -8.96 28.74
N GLY A 315 -23.73 -8.56 27.81
CA GLY A 315 -23.29 -9.45 26.75
C GLY A 315 -21.83 -9.20 26.48
N TRP A 316 -21.46 -9.10 25.21
CA TRP A 316 -20.13 -8.62 24.86
C TRP A 316 -20.26 -7.64 23.73
N TYR A 317 -19.23 -6.82 23.57
CA TYR A 317 -19.27 -5.70 22.64
C TYR A 317 -19.11 -6.17 21.20
N MET A 318 -19.76 -5.43 20.31
CA MET A 318 -19.32 -5.35 18.92
C MET A 318 -18.36 -4.17 18.82
N SER A 319 -17.29 -4.33 18.05
CA SER A 319 -16.20 -3.36 18.15
C SER A 319 -16.59 -1.95 17.68
N THR A 320 -17.52 -1.81 16.72
CA THR A 320 -17.91 -0.47 16.27
C THR A 320 -18.57 0.34 17.38
N GLU A 321 -19.22 -0.32 18.34
CA GLU A 321 -19.74 0.42 19.49
C GLU A 321 -18.65 1.22 20.17
N ILE A 322 -17.49 0.60 20.41
CA ILE A 322 -16.42 1.28 21.12
C ILE A 322 -15.67 2.21 20.18
N GLY A 323 -15.12 1.66 19.09
CA GLY A 323 -14.28 2.46 18.21
C GLY A 323 -15.07 3.54 17.50
N THR A 324 -16.27 3.23 17.03
CA THR A 324 -16.93 4.22 16.22
C THR A 324 -17.83 5.13 17.04
N ARG A 325 -18.74 4.56 17.82
CA ARG A 325 -19.70 5.42 18.51
C ARG A 325 -19.09 6.05 19.76
N ASN A 326 -18.51 5.24 20.64
CA ASN A 326 -18.07 5.77 21.94
C ASN A 326 -16.89 6.73 21.79
N LEU A 327 -15.93 6.38 20.95
CA LEU A 327 -14.72 7.17 20.85
C LEU A 327 -14.77 8.23 19.76
N CYS A 328 -15.61 8.06 18.72
CA CYS A 328 -15.58 8.99 17.57
C CYS A 328 -16.81 9.87 17.39
N ASP A 329 -17.92 9.60 18.06
CA ASP A 329 -19.06 10.50 17.99
C ASP A 329 -18.66 11.90 18.43
N PRO A 330 -19.13 12.95 17.76
CA PRO A 330 -18.75 14.32 18.17
C PRO A 330 -19.19 14.65 19.58
N HIS A 331 -20.25 14.03 20.07
CA HIS A 331 -20.75 14.31 21.41
C HIS A 331 -20.30 13.26 22.41
N ARG A 332 -19.34 12.42 22.03
CA ARG A 332 -18.70 11.51 22.97
C ARG A 332 -17.23 11.89 23.14
N TYR A 333 -16.31 10.93 23.04
CA TYR A 333 -14.91 11.29 23.25
C TYR A 333 -14.34 12.11 22.09
N ASN A 334 -14.91 12.02 20.90
CA ASN A 334 -14.57 12.91 19.79
C ASN A 334 -13.06 12.91 19.49
N ILE A 335 -12.49 11.71 19.35
CA ILE A 335 -11.02 11.62 19.22
C ILE A 335 -10.56 11.66 17.77
N LEU A 336 -11.49 11.59 16.81
CA LEU A 336 -11.15 11.37 15.41
C LEU A 336 -10.06 12.32 14.91
N GLU A 337 -10.19 13.61 15.19
CA GLU A 337 -9.21 14.58 14.71
C GLU A 337 -7.81 14.26 15.27
N ASP A 338 -7.74 13.90 16.55
CA ASP A 338 -6.45 13.69 17.18
C ASP A 338 -5.73 12.49 16.60
N VAL A 339 -6.48 11.43 16.27
CA VAL A 339 -5.86 10.26 15.66
C VAL A 339 -5.42 10.59 14.23
N ALA A 340 -6.16 11.45 13.54
CA ALA A 340 -5.82 11.84 12.18
C ALA A 340 -4.55 12.69 12.14
N VAL A 341 -4.41 13.62 13.08
CA VAL A 341 -3.18 14.41 13.19
C VAL A 341 -1.97 13.50 13.40
N CYS A 342 -2.11 12.53 14.29
CA CYS A 342 -1.04 11.57 14.51
C CYS A 342 -0.73 10.75 13.27
N MET A 343 -1.75 10.42 12.47
CA MET A 343 -1.52 9.66 11.25
C MET A 343 -1.04 10.52 10.09
N ASP A 344 -0.83 11.82 10.31
CA ASP A 344 -0.38 12.73 9.26
C ASP A 344 -1.37 12.78 8.08
N LEU A 345 -2.66 12.71 8.36
CA LEU A 345 -3.68 12.74 7.31
C LEU A 345 -4.02 14.17 6.91
N ASP A 346 -4.47 14.33 5.68
CA ASP A 346 -4.79 15.66 5.15
C ASP A 346 -6.16 16.09 5.67
N THR A 347 -6.17 16.61 6.88
CA THR A 347 -7.37 17.13 7.52
C THR A 347 -7.84 18.46 6.95
N ARG A 348 -7.21 18.96 5.90
CA ARG A 348 -7.59 20.24 5.32
C ARG A 348 -8.75 20.12 4.34
N THR A 349 -9.18 18.90 4.00
CA THR A 349 -10.23 18.73 3.00
C THR A 349 -11.03 17.47 3.32
N THR A 350 -12.35 17.57 3.23
CA THR A 350 -13.17 16.40 3.49
C THR A 350 -12.92 15.31 2.45
N SER A 351 -12.53 15.68 1.23
CA SER A 351 -12.36 14.70 0.15
C SER A 351 -11.11 13.84 0.29
N SER A 352 -10.26 14.12 1.28
CA SER A 352 -9.18 13.20 1.60
C SER A 352 -9.69 11.94 2.29
N LEU A 353 -10.93 11.95 2.77
CA LEU A 353 -11.51 10.88 3.57
C LEU A 353 -10.69 10.60 4.83
N TRP A 354 -10.06 11.65 5.37
CA TRP A 354 -9.27 11.47 6.58
C TRP A 354 -10.10 10.95 7.74
N LYS A 355 -11.38 11.35 7.83
CA LYS A 355 -12.21 10.79 8.92
C LYS A 355 -12.42 9.30 8.75
N ASP A 356 -12.75 8.86 7.54
CA ASP A 356 -12.91 7.45 7.27
C ASP A 356 -11.65 6.65 7.58
N LYS A 357 -10.49 7.16 7.14
CA LYS A 357 -9.24 6.43 7.38
C LYS A 357 -8.93 6.34 8.87
N ALA A 358 -9.12 7.43 9.61
CA ALA A 358 -8.76 7.39 11.03
C ALA A 358 -9.71 6.50 11.79
N ALA A 359 -11.01 6.54 11.43
CA ALA A 359 -12.00 5.74 12.13
C ALA A 359 -11.72 4.25 11.96
N VAL A 360 -11.27 3.83 10.78
CA VAL A 360 -11.00 2.41 10.57
C VAL A 360 -9.90 1.95 11.52
N GLU A 361 -8.84 2.73 11.63
CA GLU A 361 -7.71 2.32 12.44
C GLU A 361 -8.07 2.31 13.92
N ILE A 362 -8.93 3.23 14.35
CA ILE A 362 -9.45 3.14 15.72
C ILE A 362 -10.13 1.80 15.91
N ASN A 363 -10.98 1.41 14.97
CA ASN A 363 -11.64 0.10 15.07
C ASN A 363 -10.62 -1.03 15.00
N VAL A 364 -9.57 -0.87 14.19
CA VAL A 364 -8.52 -1.88 14.17
C VAL A 364 -7.88 -1.99 15.56
N ALA A 365 -7.59 -0.85 16.18
CA ALA A 365 -6.94 -0.88 17.48
C ALA A 365 -7.84 -1.48 18.54
N VAL A 366 -9.15 -1.21 18.46
CA VAL A 366 -10.08 -1.78 19.43
C VAL A 366 -10.08 -3.30 19.33
N LEU A 367 -10.25 -3.82 18.11
CA LEU A 367 -10.23 -5.27 17.91
C LEU A 367 -8.90 -5.88 18.35
N HIS A 368 -7.78 -5.24 17.98
CA HIS A 368 -6.48 -5.76 18.34
C HIS A 368 -6.30 -5.79 19.86
N SER A 369 -6.72 -4.71 20.55
CA SER A 369 -6.50 -4.59 21.98
C SER A 369 -7.33 -5.58 22.77
N TYR A 370 -8.60 -5.75 22.40
CA TYR A 370 -9.42 -6.73 23.11
C TYR A 370 -8.93 -8.15 22.86
N GLN A 371 -8.46 -8.44 21.64
CA GLN A 371 -7.91 -9.76 21.36
C GLN A 371 -6.64 -10.01 22.16
N LEU A 372 -5.72 -9.03 22.14
CA LEU A 372 -4.47 -9.21 22.88
C LEU A 372 -4.73 -9.40 24.35
N ALA A 373 -5.76 -8.76 24.88
CA ALA A 373 -6.18 -8.96 26.27
C ALA A 373 -7.08 -10.16 26.46
N LYS A 374 -7.27 -10.98 25.42
CA LYS A 374 -8.15 -12.15 25.50
C LYS A 374 -9.50 -11.80 26.12
N VAL A 375 -10.15 -10.81 25.52
CA VAL A 375 -11.45 -10.32 25.96
C VAL A 375 -12.41 -10.47 24.79
N THR A 376 -13.56 -11.09 25.04
CA THR A 376 -14.51 -11.37 23.97
C THR A 376 -14.95 -10.06 23.30
N ILE A 377 -14.80 -10.02 21.98
CA ILE A 377 -15.32 -8.91 21.18
C ILE A 377 -15.64 -9.49 19.80
N VAL A 378 -16.51 -8.81 19.06
CA VAL A 378 -16.93 -9.26 17.74
C VAL A 378 -16.91 -8.07 16.78
N ASP A 379 -16.27 -8.27 15.62
CA ASP A 379 -16.23 -7.21 14.63
C ASP A 379 -17.57 -7.13 13.88
N HIS A 380 -17.79 -6.01 13.21
CA HIS A 380 -19.15 -5.79 12.68
C HIS A 380 -19.45 -6.68 11.49
N HIS A 381 -18.44 -7.16 10.76
CA HIS A 381 -18.68 -8.13 9.70
C HIS A 381 -19.14 -9.46 10.25
N ALA A 382 -18.43 -9.96 11.27
CA ALA A 382 -18.80 -11.23 11.88
C ALA A 382 -20.20 -11.17 12.49
N ALA A 383 -20.53 -10.05 13.15
CA ALA A 383 -21.81 -9.94 13.83
C ALA A 383 -22.96 -9.92 12.83
N THR A 384 -22.89 -9.06 11.80
CA THR A 384 -23.97 -8.97 10.84
C THR A 384 -24.17 -10.28 10.11
N ALA A 385 -23.08 -10.96 9.74
CA ALA A 385 -23.24 -12.26 9.09
C ALA A 385 -23.95 -13.26 10.00
N SER A 386 -23.73 -13.18 11.32
CA SER A 386 -24.43 -14.11 12.21
CA SER A 386 -24.43 -14.12 12.20
C SER A 386 -25.90 -13.71 12.36
N PHE A 387 -26.20 -12.44 12.19
CA PHE A 387 -27.58 -11.97 12.25
C PHE A 387 -28.38 -12.43 11.03
N MET A 388 -27.77 -12.39 9.84
CA MET A 388 -28.41 -13.00 8.68
C MET A 388 -28.76 -14.45 8.95
N LYS A 389 -27.83 -15.18 9.56
CA LYS A 389 -28.11 -16.56 9.90
C LYS A 389 -29.23 -16.64 10.92
N HIS A 390 -29.28 -15.68 11.86
CA HIS A 390 -30.39 -15.63 12.80
C HIS A 390 -31.70 -15.35 12.08
N LEU A 391 -31.67 -14.45 11.08
CA LEU A 391 -32.89 -14.18 10.31
C LEU A 391 -33.40 -15.44 9.64
N GLU A 392 -32.51 -16.23 9.04
CA GLU A 392 -32.96 -17.44 8.36
C GLU A 392 -33.57 -18.43 9.36
N ASN A 393 -32.91 -18.61 10.52
CA ASN A 393 -33.44 -19.47 11.56
C ASN A 393 -34.84 -19.04 11.97
N GLU A 394 -35.01 -17.75 12.28
CA GLU A 394 -36.28 -17.27 12.81
C GLU A 394 -37.38 -17.40 11.76
N GLN A 395 -37.03 -17.26 10.47
CA GLN A 395 -38.00 -17.49 9.41
C GLN A 395 -38.62 -18.87 9.54
N LYS A 396 -37.79 -19.91 9.66
CA LYS A 396 -38.32 -21.25 9.85
C LYS A 396 -39.06 -21.39 11.18
N ALA A 397 -38.53 -20.79 12.25
CA ALA A 397 -39.07 -21.10 13.58
C ALA A 397 -40.38 -20.35 13.82
N ARG A 398 -40.39 -19.03 13.61
CA ARG A 398 -41.55 -18.20 13.92
C ARG A 398 -42.14 -17.47 12.71
N GLY A 399 -41.62 -17.72 11.50
CA GLY A 399 -42.11 -17.03 10.32
C GLY A 399 -41.75 -15.56 10.24
N GLY A 400 -40.56 -15.18 10.73
CA GLY A 400 -40.18 -13.78 10.72
C GLY A 400 -39.44 -13.34 11.96
N CYS A 401 -39.11 -12.06 12.01
CA CYS A 401 -38.25 -11.55 13.06
C CYS A 401 -38.35 -10.03 13.04
N PRO A 402 -38.63 -9.37 14.17
CA PRO A 402 -38.62 -7.91 14.19
C PRO A 402 -37.20 -7.38 14.19
N ALA A 403 -36.93 -6.45 13.28
CA ALA A 403 -35.59 -5.91 13.15
C ALA A 403 -35.70 -4.46 12.77
N ASP A 404 -34.91 -3.61 13.43
CA ASP A 404 -34.87 -2.18 13.17
C ASP A 404 -33.62 -1.93 12.34
N TRP A 405 -33.82 -1.84 11.02
CA TRP A 405 -32.73 -1.69 10.05
C TRP A 405 -31.70 -0.65 10.50
N ALA A 406 -32.18 0.51 10.95
CA ALA A 406 -31.27 1.61 11.24
C ALA A 406 -30.31 1.26 12.36
N TRP A 407 -30.71 0.37 13.26
CA TRP A 407 -29.81 -0.06 14.32
C TRP A 407 -29.10 -1.37 14.02
N ILE A 408 -29.62 -2.17 13.10
CA ILE A 408 -28.95 -3.42 12.76
C ILE A 408 -27.71 -3.16 11.90
N VAL A 409 -27.85 -2.30 10.88
CA VAL A 409 -26.73 -1.92 10.02
C VAL A 409 -25.66 -1.21 10.86
N PRO A 410 -24.39 -1.58 10.74
CA PRO A 410 -23.35 -0.97 11.60
C PRO A 410 -23.12 0.49 11.24
N PRO A 411 -22.48 1.26 12.14
CA PRO A 411 -22.28 2.70 11.90
C PRO A 411 -21.11 3.05 11.01
N ILE A 412 -20.32 2.07 10.60
CA ILE A 412 -19.28 2.22 9.59
C ILE A 412 -19.47 1.08 8.60
N SER A 413 -19.17 1.33 7.34
CA SER A 413 -19.12 0.27 6.32
C SER A 413 -20.46 -0.46 6.16
N GLY A 414 -21.57 0.23 6.43
CA GLY A 414 -22.90 -0.31 6.27
C GLY A 414 -23.13 -1.23 5.08
N SER A 415 -23.02 -0.69 3.85
CA SER A 415 -23.32 -1.52 2.67
C SER A 415 -22.31 -2.62 2.44
N LEU A 416 -21.20 -2.65 3.19
CA LEU A 416 -20.31 -3.79 3.09
C LEU A 416 -20.77 -4.95 3.93
N THR A 417 -21.82 -4.76 4.72
CA THR A 417 -22.33 -5.88 5.49
C THR A 417 -23.60 -6.40 4.86
N PRO A 418 -23.91 -7.69 5.01
CA PRO A 418 -25.07 -8.26 4.31
C PRO A 418 -26.42 -7.73 4.82
N VAL A 419 -26.50 -7.21 6.05
CA VAL A 419 -27.78 -6.73 6.56
C VAL A 419 -28.25 -5.45 5.85
N PHE A 420 -27.32 -4.69 5.27
CA PHE A 420 -27.70 -3.47 4.56
C PHE A 420 -28.65 -3.77 3.41
N HIS A 421 -28.44 -4.88 2.72
CA HIS A 421 -29.25 -5.18 1.56
C HIS A 421 -30.46 -6.03 1.92
N GLN A 422 -30.67 -6.30 3.22
CA GLN A 422 -31.81 -7.06 3.70
C GLN A 422 -32.92 -6.11 4.16
N GLU A 423 -34.09 -6.20 3.51
CA GLU A 423 -35.25 -5.50 4.02
C GLU A 423 -35.72 -6.13 5.32
N MET A 424 -36.29 -5.29 6.20
CA MET A 424 -36.64 -5.71 7.54
C MET A 424 -37.97 -5.10 7.95
N VAL A 425 -38.71 -5.84 8.76
CA VAL A 425 -39.98 -5.39 9.33
C VAL A 425 -39.79 -5.15 10.82
N ASN A 426 -40.27 -4.01 11.29
CA ASN A 426 -40.13 -3.61 12.67
C ASN A 426 -41.49 -3.60 13.32
N TYR A 427 -41.59 -4.21 14.51
CA TYR A 427 -42.83 -4.30 15.27
C TYR A 427 -42.50 -4.81 16.66
N PHE A 428 -43.44 -4.61 17.58
CA PHE A 428 -43.20 -4.89 19.00
C PHE A 428 -43.89 -6.20 19.39
N LEU A 429 -43.09 -7.19 19.83
CA LEU A 429 -43.59 -8.41 20.45
C LEU A 429 -43.31 -8.43 21.94
N SER A 430 -44.13 -9.20 22.68
CA SER A 430 -43.90 -9.40 24.10
C SER A 430 -43.57 -10.87 24.37
N PRO A 431 -42.67 -11.17 25.34
CA PRO A 431 -41.90 -10.34 26.29
C PRO A 431 -40.90 -9.38 25.63
N ALA A 432 -40.54 -8.32 26.34
CA ALA A 432 -39.74 -7.28 25.72
C ALA A 432 -38.96 -6.50 26.76
N PHE A 433 -37.84 -5.93 26.31
CA PHE A 433 -37.19 -4.86 27.03
C PHE A 433 -37.77 -3.54 26.56
N ARG A 434 -38.13 -2.67 27.51
CA ARG A 434 -38.71 -1.38 27.19
C ARG A 434 -37.90 -0.28 27.86
N TYR A 435 -37.95 0.90 27.26
CA TYR A 435 -37.40 2.09 27.91
C TYR A 435 -38.32 2.54 29.03
N GLN A 436 -37.75 3.17 30.04
CA GLN A 436 -38.53 3.58 31.18
C GLN A 436 -38.05 4.94 31.64
N PRO A 437 -38.94 5.74 32.24
CA PRO A 437 -38.53 7.07 32.75
C PRO A 437 -37.33 6.97 33.68
N ASP A 438 -36.69 8.06 33.97
CA ASP A 438 -35.59 7.97 34.91
C ASP A 438 -36.02 8.35 36.31
N PRO A 439 -35.33 7.83 37.34
CA PRO A 439 -35.83 7.96 38.72
C PRO A 439 -35.65 9.35 39.32
N TRP A 440 -35.81 10.39 38.51
CA TRP A 440 -35.68 11.75 39.00
C TRP A 440 -36.56 12.71 38.19
N LYS B 27 -49.68 18.12 18.15
CA LYS B 27 -49.71 16.71 17.79
C LYS B 27 -48.85 16.48 16.54
N PHE B 28 -47.69 17.16 16.48
CA PHE B 28 -46.72 17.08 15.41
C PHE B 28 -45.48 16.35 15.87
N PRO B 29 -44.91 15.50 15.03
CA PRO B 29 -43.73 14.71 15.42
C PRO B 29 -42.60 15.61 15.90
N ARG B 30 -41.99 15.23 17.02
CA ARG B 30 -40.87 15.94 17.62
C ARG B 30 -39.57 15.22 17.26
N VAL B 31 -38.61 15.98 16.74
CA VAL B 31 -37.45 15.45 16.03
C VAL B 31 -36.19 16.01 16.68
N LYS B 32 -35.32 15.12 17.17
CA LYS B 32 -34.13 15.55 17.87
C LYS B 32 -32.88 15.33 17.02
N ASN B 33 -31.94 16.28 17.10
CA ASN B 33 -30.58 16.05 16.65
C ASN B 33 -29.74 15.63 17.85
N TRP B 34 -29.06 14.49 17.73
CA TRP B 34 -28.38 13.93 18.89
C TRP B 34 -26.94 14.41 19.01
N GLU B 35 -26.35 14.94 17.94
CA GLU B 35 -25.01 15.48 18.05
C GLU B 35 -24.99 16.77 18.87
N VAL B 36 -26.07 17.56 18.81
CA VAL B 36 -26.07 18.94 19.25
C VAL B 36 -27.16 19.18 20.30
N GLY B 37 -28.23 18.39 20.27
CA GLY B 37 -29.32 18.58 21.19
C GLY B 37 -30.48 19.44 20.69
N SER B 38 -30.47 19.83 19.42
CA SER B 38 -31.59 20.61 18.88
C SER B 38 -32.86 19.78 18.88
N ILE B 39 -33.99 20.48 18.92
CA ILE B 39 -35.31 19.87 18.86
C ILE B 39 -36.20 20.75 17.99
N THR B 40 -36.84 20.15 16.99
CA THR B 40 -37.83 20.83 16.16
C THR B 40 -39.07 19.95 16.07
N TYR B 41 -40.14 20.51 15.50
CA TYR B 41 -41.39 19.78 15.31
C TYR B 41 -41.77 19.87 13.85
N ASP B 42 -42.06 18.73 13.22
CA ASP B 42 -42.32 18.69 11.79
C ASP B 42 -43.81 18.91 11.56
N THR B 43 -44.20 20.18 11.47
CA THR B 43 -45.58 20.55 11.20
C THR B 43 -45.98 20.26 9.76
N LEU B 44 -45.01 20.20 8.85
CA LEU B 44 -45.32 19.97 7.44
C LEU B 44 -45.82 18.55 7.18
N SER B 45 -45.35 17.58 7.97
CA SER B 45 -45.81 16.19 7.84
C SER B 45 -47.33 16.08 7.93
N ALA B 46 -47.97 17.01 8.63
CA ALA B 46 -49.43 16.97 8.76
C ALA B 46 -50.13 17.12 7.41
N GLN B 47 -49.48 17.75 6.43
CA GLN B 47 -50.07 17.95 5.11
C GLN B 47 -49.80 16.80 4.15
N ALA B 48 -49.32 15.65 4.65
CA ALA B 48 -48.94 14.52 3.81
C ALA B 48 -50.07 14.09 2.89
N GLN B 49 -49.91 14.35 1.58
CA GLN B 49 -50.93 14.21 0.54
C GLN B 49 -51.07 12.78 0.01
N GLN B 50 -50.43 11.80 0.65
CA GLN B 50 -50.56 10.41 0.24
C GLN B 50 -50.09 9.53 1.40
N ASP B 51 -50.36 8.24 1.30
CA ASP B 51 -50.09 7.32 2.39
C ASP B 51 -49.00 6.34 2.01
N GLY B 52 -48.06 6.12 2.92
CA GLY B 52 -46.96 5.19 2.74
C GLY B 52 -47.23 3.82 3.33
N PRO B 53 -46.18 3.00 3.46
CA PRO B 53 -46.37 1.59 3.78
C PRO B 53 -46.46 1.24 5.26
N CYS B 54 -46.19 2.17 6.18
CA CYS B 54 -46.13 1.87 7.60
C CYS B 54 -47.51 1.95 8.24
N THR B 55 -47.67 1.20 9.33
CA THR B 55 -48.85 1.30 10.18
C THR B 55 -48.38 1.34 11.63
N PRO B 56 -49.26 1.59 12.60
CA PRO B 56 -48.84 1.46 14.00
C PRO B 56 -48.43 0.05 14.38
N ARG B 57 -48.87 -0.96 13.61
CA ARG B 57 -48.52 -2.33 13.92
C ARG B 57 -47.08 -2.65 13.55
N ARG B 58 -46.57 -2.05 12.48
CA ARG B 58 -45.29 -2.46 11.91
C ARG B 58 -44.75 -1.34 11.02
N CYS B 59 -43.45 -1.11 11.13
CA CYS B 59 -42.76 -0.15 10.26
C CYS B 59 -42.17 -0.89 9.07
N LEU B 60 -42.35 -0.31 7.87
CA LEU B 60 -41.81 -0.85 6.62
C LEU B 60 -40.91 0.17 5.92
N GLY B 61 -40.35 1.11 6.69
CA GLY B 61 -39.52 2.17 6.13
C GLY B 61 -38.36 1.67 5.29
N SER B 62 -37.84 0.47 5.57
CA SER B 62 -36.68 -0.06 4.87
C SER B 62 -37.00 -0.76 3.56
N LEU B 63 -38.27 -0.85 3.15
CA LEU B 63 -38.60 -1.40 1.85
C LEU B 63 -38.15 -0.44 0.75
N VAL B 64 -37.43 -0.97 -0.25
CA VAL B 64 -37.00 -0.14 -1.39
C VAL B 64 -38.21 0.33 -2.19
N PHE B 65 -39.14 -0.57 -2.52
CA PHE B 65 -40.36 -0.18 -3.23
C PHE B 65 -41.56 -0.30 -2.31
N PRO B 66 -42.06 0.80 -1.73
CA PRO B 66 -43.15 0.86 -0.77
C PRO B 66 -44.52 1.04 -1.44
N ALA B 79 -62.34 9.64 -11.21
CA ALA B 79 -61.15 10.26 -11.78
C ALA B 79 -61.21 11.81 -11.85
N PRO B 80 -62.31 12.41 -12.34
CA PRO B 80 -62.29 13.88 -12.51
C PRO B 80 -62.25 14.65 -11.19
N GLU B 81 -63.00 14.21 -10.17
CA GLU B 81 -63.07 15.01 -8.96
C GLU B 81 -61.78 14.95 -8.15
N GLN B 82 -60.99 13.89 -8.32
CA GLN B 82 -59.71 13.75 -7.63
C GLN B 82 -58.58 14.40 -8.43
N LEU B 83 -58.65 14.34 -9.76
CA LEU B 83 -57.77 15.17 -10.58
C LEU B 83 -57.92 16.63 -10.20
N LEU B 84 -59.17 17.07 -9.96
CA LEU B 84 -59.46 18.47 -9.64
C LEU B 84 -58.86 18.89 -8.30
N SER B 85 -58.93 18.01 -7.28
CA SER B 85 -58.43 18.42 -5.97
C SER B 85 -56.90 18.42 -5.94
N GLN B 86 -56.24 17.49 -6.64
CA GLN B 86 -54.78 17.60 -6.79
C GLN B 86 -54.41 18.87 -7.53
N ALA B 87 -55.14 19.17 -8.61
CA ALA B 87 -54.88 20.39 -9.38
C ALA B 87 -55.08 21.63 -8.50
N ARG B 88 -56.20 21.67 -7.77
CA ARG B 88 -56.49 22.82 -6.93
C ARG B 88 -55.40 23.03 -5.89
N ASP B 89 -54.85 21.95 -5.35
CA ASP B 89 -53.78 22.08 -4.36
C ASP B 89 -52.48 22.55 -5.00
N PHE B 90 -52.17 22.10 -6.22
CA PHE B 90 -50.94 22.56 -6.86
C PHE B 90 -51.01 24.04 -7.22
N ILE B 91 -52.12 24.46 -7.84
CA ILE B 91 -52.32 25.88 -8.19
C ILE B 91 -52.22 26.75 -6.94
N ASN B 92 -52.73 26.25 -5.81
CA ASN B 92 -52.58 26.98 -4.55
C ASN B 92 -51.11 27.12 -4.16
N GLN B 93 -50.35 26.03 -4.27
CA GLN B 93 -48.92 26.09 -3.99
C GLN B 93 -48.24 27.10 -4.91
N TYR B 94 -48.51 27.01 -6.21
CA TYR B 94 -47.87 27.92 -7.14
C TYR B 94 -48.18 29.36 -6.80
N TYR B 95 -49.46 29.68 -6.58
CA TYR B 95 -49.81 31.06 -6.29
C TYR B 95 -49.40 31.49 -4.88
N SER B 96 -49.02 30.56 -4.01
CA SER B 96 -48.37 30.97 -2.76
C SER B 96 -46.93 31.37 -2.99
N SER B 97 -46.19 30.61 -3.81
CA SER B 97 -44.76 30.83 -4.00
C SER B 97 -44.47 32.19 -4.62
N ILE B 98 -45.36 32.68 -5.48
CA ILE B 98 -45.16 33.98 -6.12
C ILE B 98 -45.80 35.05 -5.25
N LYS B 99 -46.11 34.70 -4.00
CA LYS B 99 -46.69 35.61 -3.02
C LYS B 99 -47.86 36.38 -3.62
N ARG B 100 -48.83 35.59 -4.12
CA ARG B 100 -50.03 36.09 -4.79
C ARG B 100 -51.22 35.20 -4.45
N SER B 101 -51.21 34.61 -3.25
CA SER B 101 -52.27 33.71 -2.84
CA SER B 101 -52.27 33.71 -2.82
C SER B 101 -53.61 34.44 -2.76
N GLY B 102 -54.67 33.75 -3.21
CA GLY B 102 -56.02 34.27 -3.10
C GLY B 102 -56.35 35.50 -3.91
N SER B 103 -55.51 35.85 -4.89
CA SER B 103 -55.81 37.00 -5.74
C SER B 103 -56.73 36.59 -6.88
N GLN B 104 -57.08 37.57 -7.73
CA GLN B 104 -57.95 37.28 -8.85
C GLN B 104 -57.26 36.39 -9.88
N ALA B 105 -56.00 36.72 -10.22
CA ALA B 105 -55.19 35.86 -11.08
C ALA B 105 -55.24 34.43 -10.59
N HIS B 106 -55.08 34.25 -9.28
CA HIS B 106 -55.16 32.92 -8.67
C HIS B 106 -56.53 32.30 -8.90
N GLU B 107 -57.59 33.02 -8.51
CA GLU B 107 -58.95 32.50 -8.66
C GLU B 107 -59.33 32.29 -10.12
N GLN B 108 -58.80 33.10 -11.03
CA GLN B 108 -59.05 32.85 -12.44
C GLN B 108 -58.46 31.51 -12.85
N ARG B 109 -57.19 31.27 -12.52
CA ARG B 109 -56.53 30.02 -12.91
C ARG B 109 -57.26 28.81 -12.35
N LEU B 110 -57.74 28.90 -11.11
CA LEU B 110 -58.55 27.82 -10.56
C LEU B 110 -59.79 27.59 -11.42
N GLN B 111 -60.50 28.66 -11.77
CA GLN B 111 -61.68 28.50 -12.62
C GLN B 111 -61.29 27.98 -13.99
N GLU B 112 -60.17 28.46 -14.53
CA GLU B 112 -59.69 27.96 -15.82
C GLU B 112 -59.45 26.46 -15.77
N VAL B 113 -58.83 25.96 -14.70
CA VAL B 113 -58.45 24.55 -14.66
C VAL B 113 -59.70 23.66 -14.65
N GLU B 114 -60.63 23.93 -13.73
CA GLU B 114 -61.79 23.05 -13.64
C GLU B 114 -62.66 23.15 -14.88
N ALA B 115 -62.71 24.31 -15.53
CA ALA B 115 -63.37 24.40 -16.83
C ALA B 115 -62.70 23.47 -17.83
N GLU B 116 -61.37 23.51 -17.91
CA GLU B 116 -60.64 22.66 -18.84
C GLU B 116 -60.78 21.19 -18.48
N VAL B 117 -60.90 20.87 -17.20
CA VAL B 117 -61.07 19.48 -16.80
C VAL B 117 -62.44 18.97 -17.24
N ALA B 118 -63.48 19.80 -17.09
CA ALA B 118 -64.81 19.42 -17.56
C ALA B 118 -64.83 19.16 -19.06
N ALA B 119 -64.15 20.01 -19.83
CA ALA B 119 -64.29 19.95 -21.28
C ALA B 119 -63.38 18.89 -21.90
N THR B 120 -62.21 18.63 -21.32
CA THR B 120 -61.24 17.74 -21.95
C THR B 120 -60.83 16.55 -21.09
N GLY B 121 -61.24 16.50 -19.82
CA GLY B 121 -60.77 15.47 -18.92
C GLY B 121 -59.40 15.72 -18.32
N THR B 122 -58.75 16.81 -18.67
CA THR B 122 -57.38 17.06 -18.25
C THR B 122 -57.14 18.57 -18.35
N TYR B 123 -55.90 19.00 -18.15
CA TYR B 123 -55.57 20.41 -18.34
C TYR B 123 -54.08 20.54 -18.63
N GLN B 124 -53.70 21.71 -19.13
CA GLN B 124 -52.32 22.00 -19.48
C GLN B 124 -51.72 22.92 -18.43
N LEU B 125 -50.49 22.64 -18.04
CA LEU B 125 -49.73 23.56 -17.19
C LEU B 125 -49.20 24.72 -18.02
N ARG B 126 -49.20 25.92 -17.44
CA ARG B 126 -48.39 27.01 -17.96
C ARG B 126 -46.92 26.74 -17.70
N GLU B 127 -46.06 27.35 -18.51
CA GLU B 127 -44.63 27.11 -18.43
C GLU B 127 -44.09 27.43 -17.04
N SER B 128 -44.51 28.56 -16.46
CA SER B 128 -44.05 28.90 -15.12
CA SER B 128 -44.07 28.92 -15.11
C SER B 128 -44.51 27.88 -14.09
N GLU B 129 -45.71 27.34 -14.25
CA GLU B 129 -46.19 26.32 -13.33
C GLU B 129 -45.35 25.05 -13.47
N LEU B 130 -44.96 24.71 -14.70
CA LEU B 130 -44.16 23.52 -14.92
C LEU B 130 -42.79 23.63 -14.25
N VAL B 131 -42.11 24.77 -14.41
CA VAL B 131 -40.80 24.96 -13.82
C VAL B 131 -40.88 24.85 -12.30
N PHE B 132 -41.88 25.49 -11.71
CA PHE B 132 -42.09 25.39 -10.28
C PHE B 132 -42.37 23.96 -9.88
N GLY B 133 -43.22 23.26 -10.63
CA GLY B 133 -43.53 21.87 -10.32
C GLY B 133 -42.34 20.94 -10.41
N ALA B 134 -41.46 21.16 -11.38
CA ALA B 134 -40.27 20.31 -11.47
C ALA B 134 -39.36 20.53 -10.25
N LYS B 135 -39.20 21.78 -9.82
CA LYS B 135 -38.33 22.07 -8.69
C LYS B 135 -38.90 21.51 -7.39
N GLN B 136 -40.22 21.68 -7.20
CA GLN B 136 -40.87 21.15 -6.01
C GLN B 136 -40.75 19.64 -5.93
N ALA B 137 -40.82 18.95 -7.07
CA ALA B 137 -40.70 17.49 -7.00
C ALA B 137 -39.33 17.08 -6.50
N TRP B 138 -38.28 17.79 -6.94
CA TRP B 138 -36.95 17.52 -6.42
C TRP B 138 -36.86 17.88 -4.95
N ARG B 139 -37.38 19.06 -4.60
CA ARG B 139 -37.44 19.49 -3.20
C ARG B 139 -38.17 18.46 -2.32
N ASN B 140 -39.20 17.80 -2.86
CA ASN B 140 -40.05 16.91 -2.09
C ASN B 140 -39.51 15.48 -2.00
N ALA B 141 -38.44 15.13 -2.71
CA ALA B 141 -37.95 13.75 -2.76
C ALA B 141 -37.20 13.33 -1.49
N PRO B 142 -37.75 12.39 -0.69
CA PRO B 142 -37.20 12.12 0.66
C PRO B 142 -35.88 11.41 0.68
N ARG B 143 -35.52 10.65 -0.35
CA ARG B 143 -34.23 9.96 -0.35
C ARG B 143 -33.11 10.76 -1.01
N CYS B 144 -33.32 12.03 -1.35
CA CYS B 144 -32.32 12.82 -2.05
C CYS B 144 -31.47 13.62 -1.05
N VAL B 145 -30.18 13.31 -0.99
CA VAL B 145 -29.27 14.05 -0.12
C VAL B 145 -28.82 15.36 -0.75
N GLY B 146 -29.03 15.52 -2.06
CA GLY B 146 -28.56 16.71 -2.76
C GLY B 146 -29.54 17.87 -2.87
N ARG B 147 -30.57 17.94 -2.02
CA ARG B 147 -31.65 18.89 -2.27
C ARG B 147 -31.33 20.34 -1.89
N ILE B 148 -30.18 20.63 -1.26
CA ILE B 148 -29.78 22.02 -1.06
C ILE B 148 -29.80 22.78 -2.40
N GLN B 149 -29.68 22.05 -3.51
CA GLN B 149 -29.59 22.56 -4.87
C GLN B 149 -30.97 22.70 -5.57
N TRP B 150 -32.08 22.40 -4.88
CA TRP B 150 -33.36 22.21 -5.56
C TRP B 150 -33.80 23.44 -6.37
N GLY B 151 -33.42 24.65 -5.92
CA GLY B 151 -33.79 25.85 -6.66
C GLY B 151 -32.99 26.07 -7.95
N LYS B 152 -31.81 25.46 -8.08
CA LYS B 152 -30.98 25.60 -9.28
C LYS B 152 -31.20 24.35 -10.14
N LEU B 153 -32.31 24.36 -10.88
CA LEU B 153 -32.68 23.25 -11.75
C LEU B 153 -33.06 23.85 -13.09
N GLN B 154 -32.36 23.45 -14.14
CA GLN B 154 -32.70 23.93 -15.49
C GLN B 154 -33.78 23.03 -16.06
N VAL B 155 -34.92 23.61 -16.44
CA VAL B 155 -36.10 22.85 -16.88
C VAL B 155 -36.28 23.04 -18.38
N PHE B 156 -36.02 21.98 -19.16
CA PHE B 156 -36.30 22.00 -20.58
C PHE B 156 -37.71 21.50 -20.85
N ASP B 157 -38.48 22.31 -21.60
CA ASP B 157 -39.87 21.99 -21.91
C ASP B 157 -39.89 21.29 -23.25
N ALA B 158 -40.06 19.97 -23.23
CA ALA B 158 -40.17 19.20 -24.46
C ALA B 158 -41.59 18.69 -24.66
N ARG B 159 -42.57 19.43 -24.14
CA ARG B 159 -43.94 18.94 -24.19
C ARG B 159 -44.53 19.00 -25.59
N ASP B 160 -43.84 19.64 -26.54
CA ASP B 160 -44.24 19.64 -27.94
C ASP B 160 -43.56 18.52 -28.72
N CYS B 161 -42.84 17.63 -28.02
CA CYS B 161 -42.19 16.51 -28.70
C CYS B 161 -43.22 15.66 -29.45
N ARG B 162 -42.77 15.10 -30.57
CA ARG B 162 -43.68 14.48 -31.52
C ARG B 162 -43.30 13.08 -31.94
N SER B 163 -42.06 12.66 -31.74
CA SER B 163 -41.66 11.33 -32.19
C SER B 163 -40.50 10.85 -31.33
N ALA B 164 -40.12 9.60 -31.56
CA ALA B 164 -38.95 9.06 -30.90
C ALA B 164 -37.68 9.77 -31.37
N GLN B 165 -37.63 10.19 -32.64
CA GLN B 165 -36.43 10.84 -33.19
C GLN B 165 -36.22 12.24 -32.60
N GLU B 166 -37.29 13.02 -32.51
CA GLU B 166 -37.20 14.31 -31.80
C GLU B 166 -36.86 14.11 -30.34
N MET B 167 -37.40 13.04 -29.73
CA MET B 167 -37.10 12.73 -28.34
C MET B 167 -35.60 12.51 -28.14
N PHE B 168 -35.00 11.74 -29.04
CA PHE B 168 -33.55 11.54 -29.02
C PHE B 168 -32.80 12.87 -29.09
N THR B 169 -33.21 13.76 -30.00
CA THR B 169 -32.56 15.05 -30.12
C THR B 169 -32.62 15.84 -28.83
N TYR B 170 -33.78 15.84 -28.16
CA TYR B 170 -33.92 16.55 -26.89
C TYR B 170 -33.00 15.95 -25.82
N ILE B 171 -32.80 14.64 -25.84
CA ILE B 171 -32.00 13.98 -24.82
C ILE B 171 -30.53 14.33 -25.00
N CYS B 172 -30.05 14.27 -26.24
CA CYS B 172 -28.68 14.65 -26.53
C CYS B 172 -28.41 16.07 -26.07
N ASN B 173 -29.31 17.00 -26.37
CA ASN B 173 -29.18 18.37 -25.88
C ASN B 173 -29.07 18.40 -24.36
N HIS B 174 -29.94 17.65 -23.68
CA HIS B 174 -29.91 17.56 -22.24
C HIS B 174 -28.54 17.09 -21.75
N ILE B 175 -28.07 15.93 -22.24
CA ILE B 175 -26.78 15.38 -21.83
C ILE B 175 -25.66 16.39 -22.06
N LYS B 176 -25.69 17.06 -23.21
CA LYS B 176 -24.63 18.01 -23.54
C LYS B 176 -24.69 19.23 -22.61
N TYR B 177 -25.89 19.74 -22.36
CA TYR B 177 -26.02 20.87 -21.46
C TYR B 177 -25.65 20.50 -20.04
N ALA B 178 -26.12 19.35 -19.55
CA ALA B 178 -25.88 18.97 -18.16
C ALA B 178 -24.41 18.62 -17.93
N THR B 179 -23.80 17.89 -18.87
CA THR B 179 -22.39 17.54 -18.76
C THR B 179 -21.50 18.78 -18.77
N ASN B 180 -21.67 19.67 -19.76
CA ASN B 180 -21.00 20.96 -19.78
C ASN B 180 -19.47 20.82 -19.65
N ARG B 181 -18.93 19.83 -20.36
CA ARG B 181 -17.49 19.53 -20.41
C ARG B 181 -16.92 19.14 -19.04
N GLY B 182 -17.76 18.66 -18.13
CA GLY B 182 -17.32 18.24 -16.82
C GLY B 182 -17.78 19.14 -15.69
N ASN B 183 -18.23 20.36 -16.00
CA ASN B 183 -18.73 21.28 -14.97
C ASN B 183 -20.26 21.12 -14.90
N LEU B 184 -20.68 20.04 -14.24
CA LEU B 184 -22.04 19.53 -14.37
C LEU B 184 -23.09 20.51 -13.88
N ARG B 185 -24.22 20.55 -14.58
CA ARG B 185 -25.36 21.37 -14.20
C ARG B 185 -26.60 20.49 -14.08
N SER B 186 -27.39 20.74 -13.04
CA SER B 186 -28.65 20.01 -12.84
C SER B 186 -29.71 20.40 -13.88
N ALA B 187 -30.42 19.40 -14.40
CA ALA B 187 -31.40 19.70 -15.45
C ALA B 187 -32.45 18.61 -15.50
N ILE B 188 -33.63 18.97 -16.01
CA ILE B 188 -34.67 18.01 -16.33
C ILE B 188 -35.33 18.38 -17.67
N THR B 189 -35.57 17.37 -18.50
CA THR B 189 -36.35 17.53 -19.72
C THR B 189 -37.72 16.88 -19.52
N VAL B 190 -38.78 17.63 -19.77
CA VAL B 190 -40.15 17.15 -19.57
C VAL B 190 -40.80 16.88 -20.93
N PHE B 191 -41.10 15.63 -21.21
CA PHE B 191 -41.79 15.24 -22.41
C PHE B 191 -43.30 15.26 -22.19
N PRO B 192 -44.10 15.10 -23.25
CA PRO B 192 -45.56 15.32 -23.11
C PRO B 192 -46.18 14.44 -22.03
N GLN B 193 -47.21 14.97 -21.38
CA GLN B 193 -47.91 14.27 -20.31
C GLN B 193 -48.73 13.09 -20.85
N ARG B 194 -49.01 12.15 -19.94
CA ARG B 194 -50.03 11.15 -20.17
C ARG B 194 -51.36 11.82 -20.49
N CYS B 195 -52.02 11.36 -21.55
N CYS B 195 -52.00 11.39 -21.56
CA CYS B 195 -53.25 11.97 -22.04
CA CYS B 195 -53.28 11.96 -21.95
C CYS B 195 -54.18 10.88 -22.56
C CYS B 195 -54.18 10.89 -22.54
N PRO B 196 -55.48 10.96 -22.26
CA PRO B 196 -56.42 9.96 -22.79
C PRO B 196 -56.48 9.98 -24.31
N GLY B 197 -56.38 8.79 -24.91
CA GLY B 197 -56.41 8.64 -26.34
C GLY B 197 -55.11 8.08 -26.88
N ARG B 198 -54.00 8.54 -26.33
CA ARG B 198 -52.69 8.25 -26.85
C ARG B 198 -51.87 7.49 -25.80
N GLY B 199 -50.90 6.72 -26.28
CA GLY B 199 -49.95 6.07 -25.39
C GLY B 199 -48.95 7.06 -24.78
N ASP B 200 -48.02 6.52 -24.02
CA ASP B 200 -47.04 7.31 -23.29
C ASP B 200 -45.73 7.41 -24.07
N PHE B 201 -45.05 8.56 -23.95
CA PHE B 201 -43.60 8.56 -24.14
C PHE B 201 -42.96 7.81 -22.98
N ARG B 202 -42.00 6.94 -23.30
CA ARG B 202 -41.24 6.23 -22.28
C ARG B 202 -39.80 6.12 -22.73
N ILE B 203 -38.90 6.37 -21.79
CA ILE B 203 -37.51 5.96 -21.91
C ILE B 203 -37.39 4.61 -21.22
N TRP B 204 -36.96 3.59 -21.97
CA TRP B 204 -36.91 2.26 -21.40
C TRP B 204 -35.73 2.12 -20.44
N ASN B 205 -34.60 2.75 -20.76
CA ASN B 205 -33.41 2.71 -19.92
C ASN B 205 -33.65 3.42 -18.59
N SER B 206 -33.11 2.84 -17.53
CA SER B 206 -33.30 3.40 -16.20
C SER B 206 -32.45 4.66 -15.99
N GLN B 207 -31.30 4.75 -16.67
CA GLN B 207 -30.53 5.98 -16.73
C GLN B 207 -30.11 6.26 -18.17
N LEU B 208 -29.79 7.52 -18.47
CA LEU B 208 -29.35 7.86 -19.82
C LEU B 208 -28.03 7.18 -20.16
N VAL B 209 -27.13 7.00 -19.18
CA VAL B 209 -25.86 6.31 -19.38
C VAL B 209 -25.83 5.07 -18.50
N ARG B 210 -25.74 3.89 -19.11
CA ARG B 210 -25.58 2.66 -18.37
C ARG B 210 -24.57 1.78 -19.09
N TYR B 211 -23.84 0.98 -18.32
CA TYR B 211 -22.94 -0.01 -18.89
C TYR B 211 -23.66 -1.33 -19.09
N ALA B 212 -23.40 -1.98 -20.23
CA ALA B 212 -24.02 -3.25 -20.55
C ALA B 212 -23.63 -4.33 -19.53
N GLY B 213 -24.57 -5.26 -19.29
CA GLY B 213 -24.29 -6.44 -18.49
C GLY B 213 -24.59 -7.71 -19.25
N TYR B 214 -23.57 -8.51 -19.58
CA TYR B 214 -23.72 -9.70 -20.41
C TYR B 214 -23.67 -10.97 -19.57
N ARG B 215 -24.75 -11.76 -19.63
CA ARG B 215 -24.70 -13.15 -19.20
C ARG B 215 -23.51 -13.88 -19.80
N GLN B 216 -23.00 -14.92 -19.13
CA GLN B 216 -21.73 -15.50 -19.50
C GLN B 216 -21.85 -17.01 -19.64
N GLN B 217 -20.70 -17.63 -19.94
CA GLN B 217 -20.57 -19.08 -19.89
C GLN B 217 -20.57 -19.58 -18.45
N ASP B 218 -19.80 -18.91 -17.56
CA ASP B 218 -19.75 -19.23 -16.13
C ASP B 218 -21.12 -19.04 -15.42
N GLY B 219 -22.22 -18.82 -16.14
CA GLY B 219 -23.44 -18.32 -15.54
C GLY B 219 -23.35 -16.91 -14.99
N SER B 220 -22.18 -16.28 -15.10
CA SER B 220 -21.89 -15.00 -14.46
C SER B 220 -22.40 -13.84 -15.33
N VAL B 221 -21.93 -12.64 -15.01
CA VAL B 221 -22.28 -11.43 -15.76
C VAL B 221 -20.99 -10.69 -16.05
N ARG B 222 -20.85 -10.22 -17.29
CA ARG B 222 -19.74 -9.36 -17.67
C ARG B 222 -20.26 -7.93 -17.79
N GLY B 223 -19.61 -7.01 -17.07
CA GLY B 223 -20.10 -5.65 -16.92
C GLY B 223 -21.00 -5.48 -15.71
N ASP B 224 -22.01 -4.62 -15.83
CA ASP B 224 -22.81 -4.22 -14.69
C ASP B 224 -24.00 -5.17 -14.56
N PRO B 225 -24.06 -6.01 -13.51
CA PRO B 225 -25.18 -6.96 -13.38
C PRO B 225 -26.55 -6.31 -13.24
N ALA B 226 -26.64 -5.05 -12.82
CA ALA B 226 -27.94 -4.40 -12.69
C ALA B 226 -28.63 -4.15 -14.04
N ASN B 227 -27.88 -4.22 -15.14
CA ASN B 227 -28.37 -3.82 -16.45
C ASN B 227 -28.51 -5.01 -17.40
N VAL B 228 -28.52 -6.23 -16.86
CA VAL B 228 -28.69 -7.42 -17.68
C VAL B 228 -30.00 -7.36 -18.49
N GLU B 229 -31.09 -6.92 -17.85
CA GLU B 229 -32.41 -6.98 -18.49
C GLU B 229 -32.48 -6.02 -19.68
N ILE B 230 -32.19 -4.73 -19.44
CA ILE B 230 -32.18 -3.72 -20.49
C ILE B 230 -31.19 -4.09 -21.59
N THR B 231 -30.10 -4.76 -21.22
CA THR B 231 -29.11 -5.19 -22.19
C THR B 231 -29.69 -6.23 -23.14
N GLU B 232 -30.40 -7.23 -22.60
CA GLU B 232 -31.02 -8.24 -23.46
C GLU B 232 -32.08 -7.60 -24.35
N LEU B 233 -32.83 -6.63 -23.81
CA LEU B 233 -33.80 -5.88 -24.59
C LEU B 233 -33.13 -5.18 -25.78
N CYS B 234 -32.02 -4.49 -25.53
CA CYS B 234 -31.33 -3.78 -26.59
C CYS B 234 -30.92 -4.73 -27.71
N ILE B 235 -30.32 -5.87 -27.33
CA ILE B 235 -29.80 -6.82 -28.32
C ILE B 235 -30.93 -7.29 -29.24
N GLN B 236 -32.05 -7.67 -28.66
CA GLN B 236 -33.13 -8.19 -29.46
C GLN B 236 -33.91 -7.10 -30.20
N HIS B 237 -33.56 -5.83 -29.97
CA HIS B 237 -34.07 -4.71 -30.78
C HIS B 237 -33.02 -4.22 -31.76
N GLY B 238 -32.06 -5.07 -32.11
CA GLY B 238 -31.12 -4.77 -33.17
C GLY B 238 -29.74 -4.34 -32.71
N TRP B 239 -29.54 -4.10 -31.42
CA TRP B 239 -28.23 -3.67 -30.97
C TRP B 239 -27.22 -4.79 -31.13
N THR B 240 -26.04 -4.45 -31.66
CA THR B 240 -24.94 -5.39 -31.77
C THR B 240 -24.10 -5.30 -30.50
N PRO B 241 -24.08 -6.33 -29.65
CA PRO B 241 -23.44 -6.19 -28.35
C PRO B 241 -21.93 -6.17 -28.46
N GLY B 242 -21.31 -5.48 -27.49
CA GLY B 242 -19.88 -5.55 -27.30
C GLY B 242 -19.52 -6.71 -26.40
N ASN B 243 -18.32 -6.65 -25.85
CA ASN B 243 -17.90 -7.71 -24.95
C ASN B 243 -17.05 -7.21 -23.80
N GLY B 244 -17.04 -5.90 -23.53
CA GLY B 244 -16.29 -5.36 -22.43
C GLY B 244 -17.13 -5.18 -21.19
N ARG B 245 -16.45 -4.75 -20.11
CA ARG B 245 -17.11 -4.49 -18.84
C ARG B 245 -17.71 -3.10 -18.74
N PHE B 246 -17.37 -2.19 -19.64
CA PHE B 246 -17.86 -0.82 -19.56
C PHE B 246 -18.38 -0.33 -20.93
N ASP B 247 -19.21 -1.15 -21.58
CA ASP B 247 -19.84 -0.75 -22.84
C ASP B 247 -21.08 0.09 -22.56
N VAL B 248 -21.09 1.33 -23.04
CA VAL B 248 -22.27 2.18 -22.87
C VAL B 248 -23.42 1.64 -23.71
N LEU B 249 -24.62 1.63 -23.11
CA LEU B 249 -25.82 1.08 -23.77
C LEU B 249 -26.48 2.10 -24.69
N PRO B 250 -27.14 1.66 -25.74
CA PRO B 250 -27.95 2.57 -26.55
C PRO B 250 -29.25 2.90 -25.82
N LEU B 251 -29.91 3.97 -26.28
CA LEU B 251 -31.23 4.34 -25.77
C LEU B 251 -32.34 3.58 -26.50
N LEU B 252 -33.29 3.08 -25.73
CA LEU B 252 -34.54 2.52 -26.24
C LEU B 252 -35.64 3.50 -25.87
N LEU B 253 -36.17 4.18 -26.90
CA LEU B 253 -37.08 5.30 -26.75
C LEU B 253 -38.41 4.93 -27.41
N GLN B 254 -39.49 5.07 -26.65
CA GLN B 254 -40.85 4.73 -27.07
C GLN B 254 -41.67 6.02 -27.20
N ALA B 255 -42.08 6.32 -28.42
CA ALA B 255 -43.11 7.29 -28.74
C ALA B 255 -44.49 6.66 -28.58
N PRO B 256 -45.52 7.47 -28.38
CA PRO B 256 -46.87 6.93 -28.13
C PRO B 256 -47.30 5.91 -29.18
N ASP B 257 -47.72 4.75 -28.71
CA ASP B 257 -48.33 3.69 -29.54
C ASP B 257 -47.39 3.22 -30.64
N GLU B 258 -46.09 3.35 -30.39
CA GLU B 258 -44.99 2.88 -31.20
C GLU B 258 -44.18 1.88 -30.39
N PRO B 259 -43.58 0.86 -31.03
CA PRO B 259 -42.57 0.04 -30.34
C PRO B 259 -41.36 0.90 -29.97
N PRO B 260 -40.49 0.43 -29.08
CA PRO B 260 -39.30 1.22 -28.75
C PRO B 260 -38.33 1.25 -29.92
N GLU B 261 -37.67 2.38 -30.10
CA GLU B 261 -36.71 2.56 -31.16
C GLU B 261 -35.34 2.77 -30.57
N LEU B 262 -34.34 2.17 -31.22
CA LEU B 262 -32.98 2.10 -30.72
C LEU B 262 -32.18 3.28 -31.24
N PHE B 263 -31.51 4.00 -30.34
CA PHE B 263 -30.65 5.13 -30.71
C PHE B 263 -29.31 5.02 -30.01
N LEU B 264 -28.23 5.15 -30.77
CA LEU B 264 -26.89 5.13 -30.22
C LEU B 264 -26.49 6.52 -29.72
N LEU B 265 -25.83 6.57 -28.56
CA LEU B 265 -25.27 7.83 -28.08
C LEU B 265 -23.91 8.08 -28.72
N PRO B 266 -23.67 9.26 -29.27
CA PRO B 266 -22.34 9.59 -29.77
C PRO B 266 -21.31 9.44 -28.66
N PRO B 267 -20.21 8.75 -28.93
CA PRO B 267 -19.20 8.57 -27.89
C PRO B 267 -18.75 9.88 -27.25
N GLU B 268 -18.59 10.93 -28.04
CA GLU B 268 -18.10 12.21 -27.53
C GLU B 268 -19.14 12.98 -26.72
N LEU B 269 -20.38 12.48 -26.66
CA LEU B 269 -21.37 13.05 -25.78
C LEU B 269 -21.33 12.44 -24.39
N VAL B 270 -20.72 11.26 -24.24
CA VAL B 270 -20.71 10.54 -22.96
C VAL B 270 -19.33 10.74 -22.34
N LEU B 271 -19.21 11.77 -21.52
CA LEU B 271 -17.98 12.00 -20.77
C LEU B 271 -17.78 10.91 -19.72
N GLU B 272 -16.62 10.25 -19.76
CA GLU B 272 -16.27 9.16 -18.84
C GLU B 272 -15.00 9.50 -18.08
N VAL B 273 -14.79 8.80 -16.97
CA VAL B 273 -13.61 9.06 -16.13
C VAL B 273 -12.90 7.75 -15.83
N PRO B 274 -11.71 7.52 -16.35
CA PRO B 274 -10.96 6.34 -15.95
C PRO B 274 -10.51 6.50 -14.51
N LEU B 275 -10.45 5.38 -13.79
CA LEU B 275 -10.22 5.43 -12.35
C LEU B 275 -8.75 5.12 -12.05
N GLU B 276 -8.14 5.98 -11.25
CA GLU B 276 -6.80 5.74 -10.77
C GLU B 276 -6.74 6.14 -9.29
N HIS B 277 -5.68 5.70 -8.63
CA HIS B 277 -5.48 6.00 -7.23
C HIS B 277 -4.25 6.88 -7.04
N PRO B 278 -4.32 7.92 -6.20
CA PRO B 278 -3.19 8.84 -6.08
C PRO B 278 -1.90 8.18 -5.64
N THR B 279 -1.97 7.15 -4.80
CA THR B 279 -0.77 6.46 -4.34
C THR B 279 -0.79 4.95 -4.53
N LEU B 280 -1.82 4.35 -5.12
CA LEU B 280 -1.77 2.93 -5.46
C LEU B 280 -1.75 2.86 -6.99
N GLU B 281 -0.55 2.83 -7.56
CA GLU B 281 -0.39 2.97 -9.00
C GLU B 281 -0.79 1.72 -9.76
N TRP B 282 -0.88 0.56 -9.09
CA TRP B 282 -1.41 -0.59 -9.78
C TRP B 282 -2.92 -0.49 -9.97
N PHE B 283 -3.57 0.47 -9.29
CA PHE B 283 -5.03 0.60 -9.38
C PHE B 283 -5.46 0.98 -10.79
N ALA B 284 -4.65 1.79 -11.49
CA ALA B 284 -5.04 2.21 -12.83
C ALA B 284 -5.09 1.02 -13.78
N ALA B 285 -4.32 -0.03 -13.49
CA ALA B 285 -4.27 -1.21 -14.34
C ALA B 285 -5.50 -2.08 -14.21
N LEU B 286 -6.40 -1.78 -13.26
CA LEU B 286 -7.67 -2.48 -13.15
C LEU B 286 -8.58 -2.18 -14.34
N GLY B 287 -8.37 -1.07 -15.03
CA GLY B 287 -9.19 -0.71 -16.17
C GLY B 287 -10.55 -0.21 -15.79
N LEU B 288 -10.71 0.33 -14.59
CA LEU B 288 -12.02 0.74 -14.15
C LEU B 288 -12.34 2.15 -14.66
N ARG B 289 -13.62 2.37 -14.93
CA ARG B 289 -14.17 3.60 -15.45
C ARG B 289 -15.50 3.84 -14.75
N TRP B 290 -15.91 5.10 -14.67
CA TRP B 290 -17.32 5.39 -14.50
C TRP B 290 -17.64 6.62 -15.34
N TYR B 291 -18.93 6.88 -15.56
CA TYR B 291 -19.35 8.01 -16.39
C TYR B 291 -19.60 9.26 -15.53
N ALA B 292 -19.61 10.43 -16.18
CA ALA B 292 -19.72 11.69 -15.45
C ALA B 292 -21.15 11.98 -15.00
N LEU B 293 -22.16 11.62 -15.81
CA LEU B 293 -23.49 12.21 -15.65
C LEU B 293 -24.48 11.20 -15.11
N PRO B 294 -24.97 11.36 -13.91
CA PRO B 294 -26.05 10.49 -13.43
C PRO B 294 -27.40 11.07 -13.87
N ALA B 295 -28.09 10.39 -14.76
CA ALA B 295 -29.32 10.93 -15.34
C ALA B 295 -30.39 9.85 -15.28
N VAL B 296 -31.29 9.96 -14.29
CA VAL B 296 -32.34 8.98 -14.07
C VAL B 296 -33.46 9.22 -15.08
N SER B 297 -33.84 8.17 -15.81
CA SER B 297 -34.71 8.35 -16.96
C SER B 297 -35.98 7.52 -16.91
N ASN B 298 -36.27 6.83 -15.80
CA ASN B 298 -37.43 5.94 -15.75
C ASN B 298 -38.42 6.27 -14.64
N MET B 299 -38.36 7.45 -14.05
CA MET B 299 -39.34 7.79 -13.03
C MET B 299 -40.41 8.68 -13.61
N LEU B 300 -41.56 8.68 -12.95
CA LEU B 300 -42.70 9.46 -13.38
C LEU B 300 -42.79 10.73 -12.55
N LEU B 301 -42.89 11.88 -13.22
CA LEU B 301 -43.02 13.17 -12.56
C LEU B 301 -44.51 13.51 -12.47
N GLU B 302 -44.99 13.77 -11.26
CA GLU B 302 -46.40 14.09 -10.99
C GLU B 302 -46.52 15.54 -10.55
N ILE B 303 -47.35 16.31 -11.24
CA ILE B 303 -47.59 17.73 -10.95
C ILE B 303 -49.10 17.95 -11.04
N GLY B 304 -49.71 18.40 -9.94
CA GLY B 304 -51.13 18.70 -9.91
C GLY B 304 -52.02 17.66 -10.55
N GLY B 305 -51.78 16.37 -10.27
CA GLY B 305 -52.54 15.31 -10.87
C GLY B 305 -52.14 14.94 -12.28
N LEU B 306 -51.33 15.75 -12.94
CA LEU B 306 -50.86 15.42 -14.28
C LEU B 306 -49.65 14.51 -14.17
N GLU B 307 -49.53 13.56 -15.08
CA GLU B 307 -48.45 12.57 -14.99
C GLU B 307 -47.52 12.69 -16.21
N PHE B 308 -46.22 12.75 -15.95
CA PHE B 308 -45.20 12.83 -17.00
C PHE B 308 -44.35 11.57 -16.94
N PRO B 309 -44.72 10.50 -17.65
CA PRO B 309 -43.95 9.25 -17.54
C PRO B 309 -42.55 9.36 -18.12
N ALA B 310 -42.24 10.39 -18.91
CA ALA B 310 -40.88 10.56 -19.42
C ALA B 310 -40.42 11.97 -19.08
N ALA B 311 -39.48 12.06 -18.14
CA ALA B 311 -38.98 13.34 -17.65
C ALA B 311 -37.61 13.12 -16.99
N PRO B 312 -36.59 12.79 -17.79
CA PRO B 312 -35.28 12.44 -17.21
C PRO B 312 -34.62 13.65 -16.57
N PHE B 313 -33.98 13.39 -15.43
CA PHE B 313 -33.33 14.44 -14.65
C PHE B 313 -31.92 13.99 -14.27
N SER B 314 -31.03 14.96 -14.10
CA SER B 314 -29.62 14.65 -13.89
C SER B 314 -29.02 15.69 -12.95
N GLY B 315 -28.01 15.25 -12.18
CA GLY B 315 -27.28 16.13 -11.29
C GLY B 315 -25.80 15.87 -11.40
N TRP B 316 -25.16 15.67 -10.26
CA TRP B 316 -23.79 15.16 -10.26
C TRP B 316 -23.69 14.11 -9.16
N TYR B 317 -22.70 13.24 -9.30
CA TYR B 317 -22.55 12.10 -8.42
C TYR B 317 -22.02 12.52 -7.05
N MET B 318 -22.48 11.80 -6.03
CA MET B 318 -21.81 11.71 -4.74
C MET B 318 -20.88 10.49 -4.79
N SER B 319 -19.66 10.63 -4.26
CA SER B 319 -18.63 9.65 -4.58
C SER B 319 -18.95 8.25 -4.07
N THR B 320 -19.71 8.14 -2.97
CA THR B 320 -20.06 6.79 -2.48
C THR B 320 -20.99 6.05 -3.43
N GLU B 321 -21.79 6.73 -4.25
CA GLU B 321 -22.62 5.95 -5.17
C GLU B 321 -21.75 5.10 -6.08
N ILE B 322 -20.64 5.69 -6.53
CA ILE B 322 -19.73 5.01 -7.44
C ILE B 322 -18.83 4.05 -6.67
N GLY B 323 -18.10 4.56 -5.68
CA GLY B 323 -17.05 3.77 -5.04
C GLY B 323 -17.59 2.63 -4.18
N THR B 324 -18.61 2.93 -3.37
CA THR B 324 -19.18 1.94 -2.49
C THR B 324 -20.25 1.09 -3.19
N ARG B 325 -21.25 1.72 -3.78
CA ARG B 325 -22.37 0.89 -4.25
C ARG B 325 -22.07 0.27 -5.59
N ASN B 326 -21.76 1.08 -6.60
CA ASN B 326 -21.69 0.54 -7.95
C ASN B 326 -20.51 -0.41 -8.12
N LEU B 327 -19.38 -0.10 -7.48
CA LEU B 327 -18.21 -0.96 -7.65
C LEU B 327 -18.08 -2.03 -6.58
N CYS B 328 -18.59 -1.81 -5.37
CA CYS B 328 -18.33 -2.75 -4.28
C CYS B 328 -19.52 -3.62 -3.88
N ASP B 329 -20.75 -3.25 -4.20
CA ASP B 329 -21.88 -4.12 -3.90
C ASP B 329 -21.59 -5.52 -4.43
N PRO B 330 -21.90 -6.58 -3.67
CA PRO B 330 -21.64 -7.93 -4.17
C PRO B 330 -22.44 -8.25 -5.42
N HIS B 331 -23.60 -7.63 -5.61
CA HIS B 331 -24.41 -7.84 -6.81
C HIS B 331 -24.15 -6.80 -7.89
N ARG B 332 -23.09 -6.01 -7.75
CA ARG B 332 -22.71 -5.05 -8.79
C ARG B 332 -21.35 -5.45 -9.34
N TYR B 333 -20.39 -4.54 -9.49
CA TYR B 333 -19.08 -4.95 -10.02
C TYR B 333 -18.29 -5.79 -9.01
N ASN B 334 -18.58 -5.66 -7.71
CA ASN B 334 -18.05 -6.59 -6.71
C ASN B 334 -16.51 -6.65 -6.73
N ILE B 335 -15.86 -5.48 -6.74
CA ILE B 335 -14.40 -5.46 -6.88
C ILE B 335 -13.67 -5.50 -5.54
N LEU B 336 -14.39 -5.56 -4.42
CA LEU B 336 -13.80 -5.28 -3.12
C LEU B 336 -12.67 -6.25 -2.79
N GLU B 337 -12.90 -7.54 -3.00
CA GLU B 337 -11.87 -8.52 -2.65
C GLU B 337 -10.66 -8.40 -3.56
N ASP B 338 -10.89 -8.15 -4.85
CA ASP B 338 -9.78 -7.94 -5.79
C ASP B 338 -8.86 -6.83 -5.33
N VAL B 339 -9.46 -5.69 -4.95
CA VAL B 339 -8.66 -4.55 -4.50
C VAL B 339 -7.91 -4.92 -3.22
N ALA B 340 -8.58 -5.60 -2.28
CA ALA B 340 -7.95 -5.92 -1.00
C ALA B 340 -6.80 -6.90 -1.18
N VAL B 341 -6.98 -7.90 -2.02
CA VAL B 341 -5.91 -8.83 -2.33
C VAL B 341 -4.71 -8.06 -2.89
N CYS B 342 -4.95 -7.20 -3.89
CA CYS B 342 -3.87 -6.38 -4.43
C CYS B 342 -3.25 -5.47 -3.37
N MET B 343 -4.03 -5.00 -2.40
CA MET B 343 -3.48 -4.14 -1.35
C MET B 343 -2.63 -4.91 -0.34
N ASP B 344 -2.54 -6.24 -0.48
CA ASP B 344 -1.86 -7.09 0.48
C ASP B 344 -2.48 -6.97 1.87
N LEU B 345 -3.80 -6.88 1.90
CA LEU B 345 -4.53 -7.02 3.15
C LEU B 345 -4.74 -8.50 3.49
N ASP B 346 -4.88 -8.77 4.79
CA ASP B 346 -5.17 -10.10 5.29
C ASP B 346 -6.65 -10.38 5.10
N THR B 347 -7.02 -11.02 3.99
CA THR B 347 -8.42 -11.35 3.76
C THR B 347 -8.80 -12.72 4.34
N ARG B 348 -7.92 -13.36 5.13
CA ARG B 348 -8.31 -14.61 5.78
C ARG B 348 -9.35 -14.37 6.87
N THR B 349 -9.27 -13.22 7.56
CA THR B 349 -10.07 -12.95 8.74
C THR B 349 -10.75 -11.59 8.61
N THR B 350 -11.98 -11.48 9.14
CA THR B 350 -12.75 -10.24 8.98
C THR B 350 -12.31 -9.17 9.96
N SER B 351 -11.70 -9.55 11.09
CA SER B 351 -11.32 -8.57 12.10
C SER B 351 -10.06 -7.80 11.73
N SER B 352 -9.38 -8.13 10.64
CA SER B 352 -8.40 -7.20 10.09
C SER B 352 -9.06 -5.99 9.42
N LEU B 353 -10.38 -6.02 9.21
CA LEU B 353 -11.15 -4.93 8.59
C LEU B 353 -10.68 -4.65 7.15
N TRP B 354 -10.28 -5.69 6.43
CA TRP B 354 -9.77 -5.49 5.08
C TRP B 354 -10.84 -4.91 4.18
N LYS B 355 -12.11 -5.26 4.41
CA LYS B 355 -13.19 -4.73 3.59
C LYS B 355 -13.28 -3.22 3.74
N ASP B 356 -13.30 -2.74 4.99
CA ASP B 356 -13.40 -1.31 5.24
C ASP B 356 -12.21 -0.55 4.62
N LYS B 357 -11.00 -1.12 4.71
CA LYS B 357 -9.82 -0.45 4.17
C LYS B 357 -9.84 -0.42 2.64
N ALA B 358 -10.14 -1.54 2.00
CA ALA B 358 -10.27 -1.54 0.53
C ALA B 358 -11.33 -0.54 0.09
N ALA B 359 -12.50 -0.54 0.74
CA ALA B 359 -13.58 0.35 0.33
C ALA B 359 -13.19 1.82 0.44
N VAL B 360 -12.49 2.18 1.52
CA VAL B 360 -12.08 3.57 1.68
C VAL B 360 -11.18 3.98 0.52
N GLU B 361 -10.25 3.09 0.14
CA GLU B 361 -9.30 3.44 -0.92
C GLU B 361 -9.96 3.49 -2.31
N ILE B 362 -10.93 2.62 -2.58
CA ILE B 362 -11.72 2.73 -3.81
C ILE B 362 -12.43 4.08 -3.89
N ASN B 363 -13.00 4.53 -2.77
CA ASN B 363 -13.63 5.84 -2.75
C ASN B 363 -12.60 6.95 -2.99
N VAL B 364 -11.44 6.89 -2.30
CA VAL B 364 -10.35 7.84 -2.56
C VAL B 364 -10.04 7.92 -4.05
N ALA B 365 -9.98 6.76 -4.71
CA ALA B 365 -9.65 6.74 -6.13
C ALA B 365 -10.71 7.41 -6.97
N VAL B 366 -11.98 7.23 -6.59
CA VAL B 366 -13.07 7.86 -7.32
C VAL B 366 -12.96 9.38 -7.25
N LEU B 367 -12.78 9.90 -6.03
CA LEU B 367 -12.69 11.35 -5.83
C LEU B 367 -11.47 11.92 -6.54
N HIS B 368 -10.33 11.27 -6.37
CA HIS B 368 -9.12 11.72 -7.03
C HIS B 368 -9.30 11.74 -8.54
N SER B 369 -9.85 10.67 -9.08
CA SER B 369 -10.01 10.56 -10.52
C SER B 369 -10.92 11.65 -11.08
N TYR B 370 -12.06 11.90 -10.45
CA TYR B 370 -12.99 12.92 -10.97
C TYR B 370 -12.39 14.32 -10.86
N GLN B 371 -11.72 14.61 -9.75
CA GLN B 371 -11.06 15.90 -9.62
C GLN B 371 -9.98 16.07 -10.68
N LEU B 372 -9.23 15.01 -10.97
CA LEU B 372 -8.19 15.07 -12.00
C LEU B 372 -8.79 15.29 -13.40
N ALA B 373 -9.92 14.63 -13.69
CA ALA B 373 -10.64 14.81 -14.94
C ALA B 373 -11.44 16.11 -15.00
N LYS B 374 -11.51 16.86 -13.90
CA LYS B 374 -12.27 18.10 -13.83
C LYS B 374 -13.75 17.85 -14.11
N VAL B 375 -14.29 16.83 -13.43
CA VAL B 375 -15.70 16.46 -13.48
C VAL B 375 -16.27 16.64 -12.08
N THR B 376 -17.34 17.44 -11.97
CA THR B 376 -18.01 17.69 -10.69
C THR B 376 -18.27 16.39 -9.93
N ILE B 377 -18.02 16.43 -8.63
CA ILE B 377 -18.28 15.33 -7.71
C ILE B 377 -18.23 15.87 -6.29
N VAL B 378 -19.04 15.28 -5.40
CA VAL B 378 -19.08 15.68 -4.00
C VAL B 378 -18.84 14.44 -3.15
N ASP B 379 -18.06 14.61 -2.07
CA ASP B 379 -17.89 13.50 -1.14
C ASP B 379 -19.03 13.50 -0.13
N HIS B 380 -19.23 12.33 0.51
CA HIS B 380 -20.33 12.15 1.44
C HIS B 380 -20.25 13.07 2.67
N HIS B 381 -19.05 13.52 3.08
CA HIS B 381 -18.98 14.50 4.16
C HIS B 381 -19.51 15.84 3.71
N ALA B 382 -19.00 16.37 2.59
CA ALA B 382 -19.52 17.65 2.12
C ALA B 382 -21.00 17.56 1.78
N ALA B 383 -21.43 16.42 1.24
CA ALA B 383 -22.83 16.32 0.83
C ALA B 383 -23.78 16.27 2.04
N THR B 384 -23.44 15.48 3.06
CA THR B 384 -24.31 15.42 4.24
C THR B 384 -24.25 16.71 5.05
N ALA B 385 -23.11 17.41 5.05
CA ALA B 385 -23.08 18.71 5.68
C ALA B 385 -24.04 19.67 4.96
N SER B 386 -24.03 19.65 3.64
CA SER B 386 -24.93 20.59 2.96
C SER B 386 -26.39 20.15 3.12
N PHE B 387 -26.65 18.86 3.27
CA PHE B 387 -28.03 18.46 3.52
C PHE B 387 -28.52 18.99 4.86
N MET B 388 -27.67 18.94 5.89
CA MET B 388 -28.03 19.52 7.19
C MET B 388 -28.46 20.97 7.04
N LYS B 389 -27.71 21.75 6.26
CA LYS B 389 -28.12 23.11 6.00
C LYS B 389 -29.48 23.17 5.32
N HIS B 390 -29.72 22.29 4.34
CA HIS B 390 -31.04 22.17 3.72
C HIS B 390 -32.13 21.93 4.75
N LEU B 391 -31.87 21.05 5.72
CA LEU B 391 -32.87 20.76 6.75
C LEU B 391 -33.22 22.02 7.53
N GLU B 392 -32.21 22.83 7.84
CA GLU B 392 -32.45 24.08 8.57
C GLU B 392 -33.17 25.11 7.69
N ASN B 393 -32.78 25.22 6.41
CA ASN B 393 -33.52 26.11 5.51
C ASN B 393 -34.98 25.69 5.41
N GLU B 394 -35.23 24.38 5.38
CA GLU B 394 -36.60 23.90 5.15
C GLU B 394 -37.48 24.07 6.37
N GLN B 395 -36.91 23.91 7.56
CA GLN B 395 -37.68 24.12 8.79
C GLN B 395 -38.20 25.54 8.86
N LYS B 396 -37.37 26.52 8.47
CA LYS B 396 -37.83 27.91 8.47
C LYS B 396 -38.85 28.18 7.36
N ALA B 397 -38.74 27.50 6.23
CA ALA B 397 -39.59 27.84 5.08
C ALA B 397 -40.95 27.14 5.14
N ARG B 398 -40.97 25.82 5.36
CA ARG B 398 -42.21 25.06 5.35
C ARG B 398 -42.54 24.39 6.66
N GLY B 399 -41.66 24.50 7.66
CA GLY B 399 -41.87 23.81 8.93
C GLY B 399 -41.53 22.33 8.87
N GLY B 400 -40.45 21.97 8.18
CA GLY B 400 -40.07 20.58 8.14
C GLY B 400 -39.56 20.14 6.79
N CYS B 401 -39.24 18.85 6.66
CA CYS B 401 -38.63 18.33 5.46
C CYS B 401 -38.73 16.80 5.41
N PRO B 402 -39.46 16.24 4.46
CA PRO B 402 -39.50 14.78 4.32
C PRO B 402 -38.12 14.24 4.01
N ALA B 403 -37.68 13.25 4.81
CA ALA B 403 -36.34 12.70 4.69
C ALA B 403 -36.37 11.23 5.07
N ASP B 404 -35.78 10.41 4.22
CA ASP B 404 -35.69 8.97 4.42
C ASP B 404 -34.29 8.66 4.94
N TRP B 405 -34.19 8.47 6.27
CA TRP B 405 -32.90 8.35 6.97
C TRP B 405 -32.01 7.28 6.35
N ALA B 406 -32.57 6.10 6.10
CA ALA B 406 -31.74 4.98 5.64
C ALA B 406 -31.14 5.25 4.28
N TRP B 407 -31.69 6.19 3.52
CA TRP B 407 -31.16 6.58 2.21
C TRP B 407 -30.32 7.84 2.26
N ILE B 408 -30.54 8.71 3.26
CA ILE B 408 -29.76 9.93 3.41
C ILE B 408 -28.40 9.61 4.03
N VAL B 409 -28.34 8.68 4.97
CA VAL B 409 -27.08 8.30 5.61
C VAL B 409 -26.24 7.51 4.60
N PRO B 410 -24.98 7.90 4.38
CA PRO B 410 -24.18 7.27 3.34
C PRO B 410 -23.87 5.81 3.68
N PRO B 411 -23.57 4.99 2.66
CA PRO B 411 -23.34 3.55 2.88
C PRO B 411 -21.97 3.19 3.45
N ILE B 412 -21.01 4.12 3.54
CA ILE B 412 -19.85 3.95 4.42
C ILE B 412 -19.82 5.14 5.36
N SER B 413 -19.11 4.95 6.48
CA SER B 413 -18.82 6.02 7.43
C SER B 413 -20.09 6.73 7.92
N GLY B 414 -21.20 5.97 8.04
CA GLY B 414 -22.49 6.54 8.36
C GLY B 414 -22.49 7.51 9.52
N SER B 415 -21.97 7.09 10.70
CA SER B 415 -22.06 7.90 11.89
C SER B 415 -20.95 8.94 12.01
N LEU B 416 -19.99 8.95 11.07
CA LEU B 416 -19.05 10.05 10.95
C LEU B 416 -19.63 11.26 10.24
N THR B 417 -20.80 11.13 9.62
CA THR B 417 -21.47 12.27 9.00
C THR B 417 -22.53 12.79 9.93
N PRO B 418 -22.93 14.06 9.77
CA PRO B 418 -23.92 14.66 10.68
C PRO B 418 -25.36 14.19 10.47
N VAL B 419 -25.70 13.60 9.33
CA VAL B 419 -27.09 13.17 9.20
C VAL B 419 -27.39 11.92 10.03
N PHE B 420 -26.37 11.13 10.38
CA PHE B 420 -26.59 9.94 11.20
C PHE B 420 -27.35 10.26 12.48
N HIS B 421 -26.98 11.35 13.17
CA HIS B 421 -27.52 11.65 14.49
C HIS B 421 -28.71 12.57 14.41
N GLN B 422 -29.23 12.78 13.21
CA GLN B 422 -30.42 13.59 12.98
C GLN B 422 -31.59 12.64 12.78
N GLU B 423 -32.53 12.65 13.72
CA GLU B 423 -33.80 12.00 13.48
C GLU B 423 -34.50 12.67 12.30
N MET B 424 -35.25 11.88 11.53
CA MET B 424 -35.94 12.39 10.37
C MET B 424 -37.34 11.79 10.31
N VAL B 425 -38.20 12.46 9.55
CA VAL B 425 -39.62 12.11 9.36
C VAL B 425 -39.86 11.90 7.88
N ASN B 426 -40.40 10.75 7.52
CA ASN B 426 -40.56 10.38 6.13
C ASN B 426 -42.05 10.43 5.74
N TYR B 427 -42.37 11.20 4.70
CA TYR B 427 -43.73 11.32 4.23
C TYR B 427 -43.72 11.80 2.77
N PHE B 428 -44.87 11.66 2.11
CA PHE B 428 -44.97 11.90 0.68
C PHE B 428 -45.71 13.21 0.43
N LEU B 429 -45.01 14.18 -0.15
CA LEU B 429 -45.59 15.40 -0.68
C LEU B 429 -45.61 15.37 -2.20
N SER B 430 -46.54 16.11 -2.78
CA SER B 430 -46.64 16.31 -4.21
C SER B 430 -46.49 17.79 -4.52
N PRO B 431 -45.89 18.17 -5.67
CA PRO B 431 -45.32 17.34 -6.74
C PRO B 431 -44.22 16.40 -6.29
N ALA B 432 -44.01 15.37 -7.12
CA ALA B 432 -43.22 14.22 -6.70
C ALA B 432 -42.68 13.50 -7.92
N PHE B 433 -41.53 12.89 -7.74
CA PHE B 433 -41.08 11.81 -8.62
C PHE B 433 -41.51 10.51 -7.99
N ARG B 434 -42.08 9.63 -8.80
CA ARG B 434 -42.67 8.38 -8.36
C ARG B 434 -42.06 7.26 -9.18
N TYR B 435 -42.01 6.07 -8.60
CA TYR B 435 -41.70 4.86 -9.34
C TYR B 435 -42.86 4.52 -10.27
N GLN B 436 -42.54 3.81 -11.36
CA GLN B 436 -43.55 3.32 -12.28
C GLN B 436 -43.08 1.97 -12.80
N PRO B 437 -44.01 1.12 -13.25
CA PRO B 437 -43.59 -0.18 -13.78
C PRO B 437 -42.83 -0.03 -15.07
N ASP B 438 -41.91 -0.97 -15.30
CA ASP B 438 -41.18 -1.01 -16.55
C ASP B 438 -42.17 -1.17 -17.70
N PRO B 439 -41.96 -0.47 -18.82
CA PRO B 439 -42.93 -0.53 -19.91
C PRO B 439 -42.98 -1.88 -20.62
N TRP B 440 -42.09 -2.82 -20.30
CA TRP B 440 -42.09 -4.10 -20.99
C TRP B 440 -42.64 -5.23 -20.12
N PHE C 28 53.35 -1.31 -13.84
CA PHE C 28 52.32 -1.50 -14.87
C PHE C 28 51.34 -2.59 -14.45
N PRO C 29 50.16 -2.17 -14.00
CA PRO C 29 49.18 -3.14 -13.46
C PRO C 29 48.78 -4.23 -14.47
N ARG C 30 48.70 -5.47 -13.96
CA ARG C 30 48.35 -6.66 -14.72
C ARG C 30 46.86 -6.96 -14.54
N VAL C 31 46.14 -7.07 -15.66
CA VAL C 31 44.69 -7.14 -15.69
C VAL C 31 44.26 -8.47 -16.31
N LYS C 32 43.47 -9.25 -15.56
CA LYS C 32 43.06 -10.57 -16.04
C LYS C 32 41.57 -10.58 -16.42
N ASN C 33 41.23 -11.36 -17.45
CA ASN C 33 39.85 -11.72 -17.73
C ASN C 33 39.62 -13.18 -17.31
N TRP C 34 38.69 -13.39 -16.37
CA TRP C 34 38.51 -14.67 -15.72
C TRP C 34 37.63 -15.63 -16.50
N GLU C 35 36.90 -15.14 -17.49
CA GLU C 35 36.13 -16.02 -18.34
C GLU C 35 37.00 -16.71 -19.37
N VAL C 36 38.01 -16.01 -19.88
CA VAL C 36 38.81 -16.49 -21.00
C VAL C 36 40.17 -16.94 -20.50
N GLY C 37 40.68 -16.24 -19.48
CA GLY C 37 42.02 -16.46 -18.97
C GLY C 37 43.05 -15.54 -19.56
N SER C 38 42.64 -14.57 -20.38
CA SER C 38 43.59 -13.70 -21.06
C SER C 38 44.12 -12.64 -20.10
N ILE C 39 45.32 -12.16 -20.39
CA ILE C 39 46.05 -11.21 -19.56
C ILE C 39 46.50 -10.04 -20.42
N THR C 40 46.33 -8.81 -19.93
CA THR C 40 47.01 -7.65 -20.50
C THR C 40 47.59 -6.79 -19.38
N TYR C 41 48.38 -5.80 -19.78
CA TYR C 41 49.04 -4.86 -18.87
C TYR C 41 48.63 -3.44 -19.26
N ASP C 42 48.07 -2.69 -18.30
CA ASP C 42 47.63 -1.33 -18.59
C ASP C 42 48.83 -0.40 -18.43
N THR C 43 49.40 0.03 -19.55
CA THR C 43 50.52 0.97 -19.53
C THR C 43 50.06 2.42 -19.62
N LEU C 44 48.77 2.66 -19.91
CA LEU C 44 48.24 4.01 -20.01
C LEU C 44 47.95 4.64 -18.65
N SER C 45 47.73 3.81 -17.62
CA SER C 45 47.52 4.33 -16.27
C SER C 45 48.73 5.15 -15.81
N ALA C 46 49.94 4.80 -16.27
CA ALA C 46 51.14 5.54 -15.88
C ALA C 46 51.03 7.02 -16.20
N GLN C 47 50.33 7.36 -17.28
CA GLN C 47 50.10 8.73 -17.70
C GLN C 47 48.83 9.33 -17.08
N ALA C 48 48.37 8.81 -15.95
CA ALA C 48 47.24 9.42 -15.26
C ALA C 48 47.62 10.81 -14.79
N GLN C 49 46.93 11.82 -15.32
CA GLN C 49 47.21 13.21 -14.98
C GLN C 49 46.94 13.49 -13.51
N GLN C 50 45.66 13.45 -13.11
CA GLN C 50 45.28 13.89 -11.77
C GLN C 50 45.34 12.70 -10.81
N ASP C 51 44.76 12.88 -9.62
CA ASP C 51 44.81 11.88 -8.57
C ASP C 51 43.39 11.53 -8.11
N GLY C 52 43.13 10.23 -7.95
CA GLY C 52 41.86 9.74 -7.48
C GLY C 52 41.77 9.64 -5.97
N PRO C 53 40.70 9.03 -5.48
CA PRO C 53 40.43 9.07 -4.04
C PRO C 53 41.16 8.02 -3.22
N CYS C 54 41.73 6.99 -3.84
CA CYS C 54 42.19 5.80 -3.13
C CYS C 54 43.62 5.98 -2.62
N THR C 55 43.95 5.24 -1.56
CA THR C 55 45.33 5.19 -1.09
C THR C 55 45.70 3.73 -0.82
N PRO C 56 46.99 3.40 -0.63
CA PRO C 56 47.33 2.02 -0.25
C PRO C 56 46.65 1.55 1.03
N ARG C 57 46.25 2.49 1.88
CA ARG C 57 45.58 2.16 3.13
C ARG C 57 44.12 1.75 2.91
N ARG C 58 43.43 2.35 1.93
CA ARG C 58 42.00 2.10 1.76
C ARG C 58 41.56 2.50 0.36
N CYS C 59 40.68 1.71 -0.21
CA CYS C 59 40.13 1.95 -1.53
C CYS C 59 38.73 2.58 -1.40
N LEU C 60 38.53 3.69 -2.12
CA LEU C 60 37.28 4.45 -2.14
C LEU C 60 36.65 4.40 -3.53
N GLY C 61 36.94 3.35 -4.29
CA GLY C 61 36.43 3.25 -5.65
C GLY C 61 34.91 3.30 -5.74
N SER C 62 34.21 2.82 -4.70
CA SER C 62 32.76 2.80 -4.80
C SER C 62 32.11 4.16 -4.57
N LEU C 63 32.85 5.19 -4.19
CA LEU C 63 32.24 6.50 -3.92
C LEU C 63 31.83 7.20 -5.23
N VAL C 64 30.61 7.74 -5.26
CA VAL C 64 30.09 8.40 -6.45
C VAL C 64 30.84 9.70 -6.76
N PHE C 65 30.95 10.57 -5.76
CA PHE C 65 31.59 11.87 -5.92
C PHE C 65 32.91 11.85 -5.15
N PRO C 66 34.04 11.57 -5.82
CA PRO C 66 35.32 11.44 -5.11
C PRO C 66 36.02 12.79 -4.93
N ALA C 79 47.30 31.87 -11.51
CA ALA C 79 48.36 30.95 -11.89
C ALA C 79 48.44 30.77 -13.41
N PRO C 80 49.16 31.68 -14.08
CA PRO C 80 49.39 31.51 -15.52
C PRO C 80 50.30 30.34 -15.85
N GLU C 81 51.26 30.01 -14.97
CA GLU C 81 52.10 28.83 -15.19
C GLU C 81 51.29 27.55 -15.14
N GLN C 82 50.29 27.48 -14.28
CA GLN C 82 49.46 26.28 -14.19
C GLN C 82 48.66 26.05 -15.47
N LEU C 83 48.14 27.12 -16.06
CA LEU C 83 47.32 26.98 -17.26
C LEU C 83 48.16 26.54 -18.45
N LEU C 84 49.36 27.12 -18.57
CA LEU C 84 50.24 26.86 -19.71
C LEU C 84 50.67 25.41 -19.79
N SER C 85 50.96 24.78 -18.65
CA SER C 85 51.46 23.41 -18.70
C SER C 85 50.36 22.44 -19.08
N GLN C 86 49.13 22.71 -18.64
CA GLN C 86 47.99 21.92 -19.12
C GLN C 86 47.72 22.18 -20.59
N ALA C 87 47.71 23.46 -20.98
CA ALA C 87 47.58 23.82 -22.39
C ALA C 87 48.67 23.15 -23.23
N ARG C 88 49.91 23.15 -22.74
CA ARG C 88 50.99 22.59 -23.54
C ARG C 88 50.83 21.08 -23.70
N ASP C 89 50.41 20.39 -22.62
CA ASP C 89 50.22 18.95 -22.70
C ASP C 89 49.14 18.56 -23.70
N PHE C 90 48.04 19.30 -23.76
CA PHE C 90 46.96 18.94 -24.68
C PHE C 90 47.38 19.10 -26.13
N ILE C 91 48.13 20.17 -26.46
CA ILE C 91 48.60 20.40 -27.82
C ILE C 91 49.50 19.26 -28.27
N ASN C 92 50.41 18.83 -27.39
CA ASN C 92 51.27 17.70 -27.70
C ASN C 92 50.44 16.45 -27.98
N GLN C 93 49.40 16.21 -27.17
CA GLN C 93 48.46 15.13 -27.42
C GLN C 93 47.84 15.25 -28.80
N TYR C 94 47.31 16.43 -29.10
CA TYR C 94 46.62 16.63 -30.38
C TYR C 94 47.55 16.34 -31.55
N TYR C 95 48.72 16.94 -31.57
CA TYR C 95 49.63 16.73 -32.68
C TYR C 95 50.25 15.33 -32.70
N SER C 96 50.32 14.67 -31.55
CA SER C 96 50.69 13.25 -31.59
C SER C 96 49.63 12.44 -32.32
N SER C 97 48.35 12.73 -32.08
CA SER C 97 47.27 11.91 -32.61
C SER C 97 47.06 12.09 -34.11
N ILE C 98 47.49 13.21 -34.69
CA ILE C 98 47.41 13.38 -36.14
C ILE C 98 48.75 13.17 -36.81
N LYS C 99 49.73 12.63 -36.08
CA LYS C 99 51.04 12.27 -36.64
C LYS C 99 51.77 13.51 -37.15
N ARG C 100 51.70 14.61 -36.37
CA ARG C 100 52.31 15.87 -36.77
C ARG C 100 53.07 16.54 -35.63
N SER C 101 53.53 15.79 -34.63
CA SER C 101 54.27 16.38 -33.53
C SER C 101 55.73 16.53 -33.91
N GLY C 102 56.37 17.56 -33.36
CA GLY C 102 57.65 18.05 -33.90
C GLY C 102 57.44 18.85 -35.16
N SER C 103 56.68 18.31 -36.12
CA SER C 103 56.28 19.00 -37.34
C SER C 103 55.81 20.41 -37.04
N GLN C 104 56.61 21.41 -37.44
CA GLN C 104 56.58 22.76 -36.90
C GLN C 104 55.26 23.50 -37.16
N ALA C 105 54.22 22.82 -37.65
CA ALA C 105 52.88 23.27 -37.34
C ALA C 105 52.60 23.07 -35.86
N HIS C 106 53.15 22.01 -35.28
CA HIS C 106 53.12 21.83 -33.83
C HIS C 106 53.78 23.00 -33.13
N GLU C 107 54.96 23.42 -33.60
CA GLU C 107 55.71 24.43 -32.88
C GLU C 107 55.08 25.81 -33.00
N GLN C 108 54.38 26.10 -34.10
CA GLN C 108 53.71 27.40 -34.22
C GLN C 108 52.56 27.52 -33.24
N ARG C 109 51.78 26.45 -33.08
CA ARG C 109 50.64 26.48 -32.16
C ARG C 109 51.10 26.65 -30.71
N LEU C 110 52.17 25.96 -30.32
CA LEU C 110 52.72 26.13 -28.97
C LEU C 110 52.96 27.60 -28.64
N GLN C 111 53.62 28.35 -29.54
CA GLN C 111 53.97 29.73 -29.24
C GLN C 111 52.75 30.64 -29.29
N GLU C 112 51.80 30.37 -30.20
CA GLU C 112 50.57 31.15 -30.22
C GLU C 112 49.85 31.10 -28.87
N VAL C 113 49.76 29.90 -28.28
CA VAL C 113 49.09 29.79 -26.98
C VAL C 113 49.85 30.58 -25.92
N GLU C 114 51.18 30.44 -25.89
CA GLU C 114 52.01 31.18 -24.94
C GLU C 114 51.67 32.67 -24.95
N ALA C 115 51.69 33.31 -26.12
CA ALA C 115 51.47 34.76 -26.16
C ALA C 115 50.01 35.11 -25.88
N GLU C 116 49.07 34.26 -26.28
CA GLU C 116 47.66 34.53 -26.04
C GLU C 116 47.37 34.61 -24.54
N VAL C 117 47.94 33.68 -23.76
CA VAL C 117 47.75 33.70 -22.31
C VAL C 117 48.48 34.88 -21.68
N ALA C 118 49.68 35.20 -22.18
CA ALA C 118 50.40 36.36 -21.69
C ALA C 118 49.61 37.65 -21.92
N ALA C 119 48.97 37.77 -23.08
CA ALA C 119 48.18 38.95 -23.39
C ALA C 119 46.81 38.95 -22.73
N THR C 120 46.22 37.77 -22.44
CA THR C 120 44.83 37.76 -22.01
C THR C 120 44.48 36.81 -20.86
N GLY C 121 45.44 36.04 -20.33
CA GLY C 121 45.17 35.15 -19.22
C GLY C 121 44.47 33.86 -19.58
N THR C 122 44.09 33.69 -20.85
CA THR C 122 43.48 32.46 -21.32
C THR C 122 43.92 32.28 -22.77
N TYR C 123 43.34 31.31 -23.47
CA TYR C 123 43.58 31.15 -24.88
C TYR C 123 42.37 30.51 -25.52
N GLN C 124 42.33 30.54 -26.86
CA GLN C 124 41.24 29.97 -27.62
C GLN C 124 41.66 28.63 -28.24
N LEU C 125 40.72 27.67 -28.23
CA LEU C 125 40.92 26.44 -28.97
C LEU C 125 40.54 26.62 -30.43
N ARG C 126 41.36 26.08 -31.33
CA ARG C 126 40.93 25.88 -32.70
C ARG C 126 39.79 24.87 -32.73
N GLU C 127 38.89 25.04 -33.70
CA GLU C 127 37.70 24.21 -33.79
C GLU C 127 38.05 22.73 -33.85
N SER C 128 39.10 22.39 -34.61
CA SER C 128 39.53 21.00 -34.67
C SER C 128 40.00 20.51 -33.30
N GLU C 129 40.82 21.33 -32.61
CA GLU C 129 41.21 21.00 -31.23
C GLU C 129 40.00 20.80 -30.33
N LEU C 130 38.99 21.68 -30.46
CA LEU C 130 37.77 21.54 -29.67
C LEU C 130 37.07 20.22 -29.97
N VAL C 131 36.97 19.86 -31.26
CA VAL C 131 36.39 18.58 -31.63
C VAL C 131 37.19 17.44 -31.02
N PHE C 132 38.51 17.48 -31.18
CA PHE C 132 39.35 16.42 -30.65
C PHE C 132 39.23 16.32 -29.13
N GLY C 133 39.11 17.46 -28.44
CA GLY C 133 39.05 17.45 -27.00
C GLY C 133 37.74 16.89 -26.47
N ALA C 134 36.62 17.27 -27.10
CA ALA C 134 35.33 16.69 -26.75
C ALA C 134 35.35 15.18 -26.91
N LYS C 135 35.83 14.69 -28.06
CA LYS C 135 35.86 13.24 -28.27
C LYS C 135 36.74 12.55 -27.24
N GLN C 136 37.89 13.16 -26.90
CA GLN C 136 38.80 12.55 -25.93
C GLN C 136 38.18 12.51 -24.55
N ALA C 137 37.51 13.58 -24.13
CA ALA C 137 36.89 13.59 -22.81
C ALA C 137 35.87 12.45 -22.67
N TRP C 138 35.13 12.15 -23.73
CA TRP C 138 34.23 11.00 -23.72
C TRP C 138 35.02 9.70 -23.63
N ARG C 139 36.02 9.56 -24.51
CA ARG C 139 36.85 8.36 -24.56
C ARG C 139 37.53 8.07 -23.22
N ASN C 140 37.79 9.12 -22.43
CA ASN C 140 38.47 8.98 -21.14
C ASN C 140 37.54 8.79 -19.97
N ALA C 141 36.23 8.88 -20.18
CA ALA C 141 35.24 8.82 -19.11
C ALA C 141 35.17 7.41 -18.55
N PRO C 142 35.68 7.15 -17.35
CA PRO C 142 35.79 5.75 -16.88
C PRO C 142 34.48 5.06 -16.64
N ARG C 143 33.41 5.79 -16.39
CA ARG C 143 32.14 5.14 -16.10
C ARG C 143 31.25 4.93 -17.32
N CYS C 144 31.67 5.34 -18.52
CA CYS C 144 30.79 5.26 -19.67
C CYS C 144 30.95 3.91 -20.38
N VAL C 145 29.87 3.11 -20.40
CA VAL C 145 29.90 1.83 -21.10
C VAL C 145 29.72 1.99 -22.61
N GLY C 146 29.35 3.17 -23.09
CA GLY C 146 29.00 3.32 -24.49
C GLY C 146 30.13 3.84 -25.36
N ARG C 147 31.37 3.64 -24.92
CA ARG C 147 32.52 4.32 -25.51
C ARG C 147 33.00 3.71 -26.83
N ILE C 148 32.54 2.51 -27.22
CA ILE C 148 32.82 2.02 -28.57
C ILE C 148 32.50 3.11 -29.61
N GLN C 149 31.57 4.01 -29.30
CA GLN C 149 31.06 5.06 -30.19
C GLN C 149 31.85 6.36 -30.13
N TRP C 150 32.99 6.39 -29.40
CA TRP C 150 33.59 7.68 -29.06
C TRP C 150 34.02 8.47 -30.29
N GLY C 151 34.38 7.79 -31.38
CA GLY C 151 34.80 8.51 -32.57
C GLY C 151 33.68 9.26 -33.29
N LYS C 152 32.43 8.84 -33.09
CA LYS C 152 31.28 9.42 -33.79
C LYS C 152 30.53 10.31 -32.80
N LEU C 153 30.88 11.59 -32.78
CA LEU C 153 30.26 12.57 -31.89
C LEU C 153 30.15 13.87 -32.66
N GLN C 154 28.99 14.51 -32.62
CA GLN C 154 28.77 15.77 -33.32
C GLN C 154 29.00 16.94 -32.37
N VAL C 155 30.02 17.74 -32.63
CA VAL C 155 30.41 18.84 -31.77
C VAL C 155 29.82 20.13 -32.34
N PHE C 156 28.97 20.79 -31.58
CA PHE C 156 28.36 22.05 -31.98
C PHE C 156 29.06 23.19 -31.25
N ASP C 157 29.66 24.09 -32.01
CA ASP C 157 30.45 25.17 -31.44
C ASP C 157 29.53 26.35 -31.15
N ALA C 158 29.18 26.53 -29.88
CA ALA C 158 28.36 27.64 -29.43
C ALA C 158 29.17 28.64 -28.61
N ARG C 159 30.49 28.70 -28.85
CA ARG C 159 31.37 29.55 -28.05
C ARG C 159 31.17 31.03 -28.32
N ASP C 160 30.32 31.40 -29.27
CA ASP C 160 30.00 32.79 -29.57
C ASP C 160 28.66 33.21 -28.99
N CYS C 161 28.14 32.45 -28.02
CA CYS C 161 26.81 32.66 -27.49
C CYS C 161 26.79 33.87 -26.55
N ARG C 162 25.79 34.74 -26.72
CA ARG C 162 25.70 35.97 -25.95
C ARG C 162 24.61 35.95 -24.89
N SER C 163 23.43 35.41 -25.19
CA SER C 163 22.27 35.53 -24.33
C SER C 163 21.70 34.17 -24.00
N ALA C 164 20.96 34.12 -22.88
CA ALA C 164 20.19 32.93 -22.55
C ALA C 164 19.19 32.58 -23.64
N GLN C 165 18.70 33.59 -24.37
CA GLN C 165 17.79 33.30 -25.48
C GLN C 165 18.51 32.61 -26.62
N GLU C 166 19.75 33.03 -26.91
CA GLU C 166 20.54 32.32 -27.89
C GLU C 166 20.95 30.94 -27.36
N MET C 167 21.31 30.88 -26.07
CA MET C 167 21.60 29.60 -25.44
C MET C 167 20.46 28.61 -25.67
N PHE C 168 19.23 29.06 -25.44
CA PHE C 168 18.07 28.20 -25.64
C PHE C 168 17.92 27.79 -27.09
N THR C 169 18.42 28.61 -28.02
CA THR C 169 18.33 28.29 -29.44
C THR C 169 19.29 27.16 -29.82
N TYR C 170 20.56 27.26 -29.42
CA TYR C 170 21.50 26.15 -29.59
C TYR C 170 20.97 24.85 -28.99
N ILE C 171 20.30 24.94 -27.84
CA ILE C 171 19.84 23.74 -27.17
C ILE C 171 18.77 23.04 -28.01
N CYS C 172 17.78 23.80 -28.48
CA CYS C 172 16.73 23.20 -29.29
C CYS C 172 17.28 22.65 -30.60
N ASN C 173 18.33 23.27 -31.14
CA ASN C 173 19.02 22.72 -32.30
C ASN C 173 19.67 21.37 -31.97
N HIS C 174 20.51 21.35 -30.93
CA HIS C 174 21.04 20.11 -30.40
C HIS C 174 19.95 19.07 -30.28
N ILE C 175 18.86 19.41 -29.57
CA ILE C 175 17.81 18.44 -29.30
C ILE C 175 17.24 17.89 -30.60
N LYS C 176 16.95 18.76 -31.57
CA LYS C 176 16.34 18.25 -32.79
C LYS C 176 17.34 17.48 -33.66
N TYR C 177 18.61 17.89 -33.67
CA TYR C 177 19.62 17.10 -34.38
C TYR C 177 19.85 15.75 -33.69
N ALA C 178 19.94 15.75 -32.37
CA ALA C 178 20.26 14.49 -31.67
C ALA C 178 19.08 13.53 -31.66
N THR C 179 17.85 14.05 -31.59
CA THR C 179 16.68 13.18 -31.61
C THR C 179 16.48 12.55 -32.98
N ASN C 180 16.49 13.35 -34.05
CA ASN C 180 16.44 12.83 -35.42
C ASN C 180 15.26 11.87 -35.62
N ARG C 181 14.10 12.24 -35.06
CA ARG C 181 12.87 11.47 -35.20
C ARG C 181 13.00 10.05 -34.62
N GLY C 182 13.85 9.87 -33.61
CA GLY C 182 14.04 8.59 -32.98
C GLY C 182 15.33 7.87 -33.36
N ASN C 183 15.98 8.29 -34.45
CA ASN C 183 17.23 7.67 -34.87
C ASN C 183 18.38 8.45 -34.24
N LEU C 184 18.76 8.06 -33.03
CA LEU C 184 19.55 8.95 -32.18
C LEU C 184 20.98 9.07 -32.67
N ARG C 185 21.53 10.27 -32.55
CA ARG C 185 22.88 10.61 -32.95
C ARG C 185 23.56 11.34 -31.81
N SER C 186 24.77 10.90 -31.47
CA SER C 186 25.49 11.51 -30.36
C SER C 186 25.91 12.93 -30.71
N ALA C 187 25.87 13.82 -29.73
CA ALA C 187 26.22 15.21 -29.98
C ALA C 187 26.61 15.94 -28.69
N ILE C 188 27.38 17.01 -28.84
CA ILE C 188 27.69 17.92 -27.75
C ILE C 188 27.60 19.35 -28.26
N THR C 189 27.11 20.26 -27.43
CA THR C 189 27.15 21.69 -27.72
C THR C 189 28.04 22.38 -26.70
N VAL C 190 29.03 23.14 -27.17
CA VAL C 190 30.02 23.76 -26.30
C VAL C 190 29.74 25.25 -26.22
N PHE C 191 29.30 25.70 -25.05
CA PHE C 191 29.07 27.12 -24.77
C PHE C 191 30.40 27.78 -24.35
N PRO C 192 30.43 29.10 -24.16
CA PRO C 192 31.73 29.75 -23.96
C PRO C 192 32.41 29.32 -22.67
N GLN C 193 33.74 29.17 -22.76
CA GLN C 193 34.55 28.78 -21.62
C GLN C 193 34.40 29.78 -20.49
N ARG C 194 34.63 29.30 -19.27
CA ARG C 194 34.74 30.21 -18.13
C ARG C 194 35.94 31.12 -18.36
N CYS C 195 35.72 32.42 -18.19
CA CYS C 195 36.83 33.32 -18.36
C CYS C 195 37.13 33.98 -17.03
N PRO C 196 38.39 34.37 -16.80
CA PRO C 196 38.67 35.22 -15.65
C PRO C 196 37.96 36.54 -15.86
N GLY C 197 37.81 37.28 -14.79
CA GLY C 197 36.93 38.43 -14.83
C GLY C 197 35.64 38.05 -14.16
N ARG C 198 34.56 37.99 -14.91
CA ARG C 198 33.24 37.77 -14.33
CA ARG C 198 33.25 37.75 -14.34
C ARG C 198 32.38 36.96 -15.30
N GLY C 199 31.70 35.96 -14.77
CA GLY C 199 30.68 35.31 -15.58
C GLY C 199 30.90 33.85 -15.92
N ASP C 200 29.80 33.09 -15.92
CA ASP C 200 29.78 31.71 -16.37
C ASP C 200 28.42 31.39 -16.97
N PHE C 201 28.43 30.69 -18.10
CA PHE C 201 27.21 30.07 -18.58
C PHE C 201 26.95 28.80 -17.79
N ARG C 202 25.68 28.59 -17.42
CA ARG C 202 25.30 27.38 -16.71
C ARG C 202 23.91 26.95 -17.16
N ILE C 203 23.69 25.64 -17.20
CA ILE C 203 22.35 25.07 -17.31
C ILE C 203 22.01 24.49 -15.96
N TRP C 204 20.93 24.99 -15.34
CA TRP C 204 20.67 24.59 -13.96
C TRP C 204 20.15 23.16 -13.88
N ASN C 205 19.43 22.70 -14.91
CA ASN C 205 18.92 21.34 -14.91
C ASN C 205 20.07 20.36 -15.11
N SER C 206 19.99 19.21 -14.44
CA SER C 206 21.01 18.18 -14.60
C SER C 206 20.91 17.47 -15.94
N GLN C 207 19.69 17.36 -16.49
CA GLN C 207 19.50 16.93 -17.87
C GLN C 207 18.59 17.93 -18.57
N LEU C 208 18.65 17.92 -19.91
CA LEU C 208 17.77 18.77 -20.69
C LEU C 208 16.32 18.32 -20.56
N VAL C 209 16.08 17.01 -20.58
CA VAL C 209 14.76 16.45 -20.37
C VAL C 209 14.72 15.84 -18.98
N ARG C 210 13.77 16.29 -18.16
CA ARG C 210 13.64 15.87 -16.78
C ARG C 210 12.17 15.97 -16.40
N TYR C 211 11.63 14.93 -15.75
CA TYR C 211 10.27 14.97 -15.25
C TYR C 211 10.21 15.63 -13.89
N ALA C 212 9.15 16.39 -13.65
CA ALA C 212 9.04 17.16 -12.42
C ALA C 212 8.78 16.26 -11.21
N GLY C 213 9.15 16.77 -10.05
CA GLY C 213 8.96 16.06 -8.80
C GLY C 213 8.28 16.94 -7.77
N TYR C 214 7.01 16.64 -7.49
CA TYR C 214 6.18 17.47 -6.63
C TYR C 214 6.10 16.84 -5.26
N ARG C 215 6.61 17.53 -4.24
CA ARG C 215 6.40 17.06 -2.87
C ARG C 215 4.93 17.20 -2.50
N GLN C 216 4.42 16.24 -1.74
CA GLN C 216 3.01 16.17 -1.41
C GLN C 216 2.80 16.43 0.07
N GLN C 217 1.54 16.70 0.43
CA GLN C 217 1.19 16.95 1.83
C GLN C 217 1.69 15.85 2.75
N ASP C 218 1.57 14.59 2.30
CA ASP C 218 1.92 13.44 3.14
C ASP C 218 3.40 13.06 3.05
N GLY C 219 4.28 13.99 2.65
CA GLY C 219 5.70 13.77 2.59
C GLY C 219 6.20 13.11 1.30
N SER C 220 5.39 12.26 0.69
CA SER C 220 5.78 11.54 -0.51
C SER C 220 5.97 12.52 -1.68
N VAL C 221 6.50 12.00 -2.78
CA VAL C 221 6.71 12.77 -4.00
C VAL C 221 5.87 12.16 -5.11
N ARG C 222 5.34 13.04 -5.97
CA ARG C 222 4.66 12.67 -7.20
C ARG C 222 5.48 13.21 -8.36
N GLY C 223 5.88 12.32 -9.26
CA GLY C 223 6.87 12.66 -10.26
C GLY C 223 8.20 12.03 -9.89
N ASP C 224 9.30 12.64 -10.36
CA ASP C 224 10.62 12.07 -10.15
C ASP C 224 11.21 12.62 -8.86
N PRO C 225 11.43 11.80 -7.84
CA PRO C 225 12.05 12.29 -6.60
C PRO C 225 13.43 12.91 -6.80
N ALA C 226 14.14 12.55 -7.87
CA ALA C 226 15.46 13.15 -8.10
C ALA C 226 15.37 14.63 -8.45
N ASN C 227 14.19 15.12 -8.84
CA ASN C 227 14.04 16.45 -9.38
C ASN C 227 13.19 17.36 -8.49
N VAL C 228 13.17 17.08 -7.19
CA VAL C 228 12.42 17.92 -6.26
C VAL C 228 13.07 19.29 -6.11
N GLU C 229 14.41 19.34 -6.09
CA GLU C 229 15.09 20.62 -5.90
C GLU C 229 14.96 21.51 -7.11
N ILE C 230 15.15 20.95 -8.31
CA ILE C 230 15.02 21.74 -9.52
C ILE C 230 13.57 22.14 -9.76
N THR C 231 12.62 21.24 -9.46
CA THR C 231 11.21 21.56 -9.68
C THR C 231 10.80 22.78 -8.86
N GLU C 232 11.27 22.85 -7.61
CA GLU C 232 10.98 24.01 -6.78
C GLU C 232 11.70 25.26 -7.26
N LEU C 233 12.88 25.10 -7.88
CA LEU C 233 13.56 26.25 -8.46
C LEU C 233 12.78 26.79 -9.65
N CYS C 234 12.25 25.91 -10.50
CA CYS C 234 11.43 26.35 -11.62
C CYS C 234 10.20 27.09 -11.13
N ILE C 235 9.55 26.58 -10.09
CA ILE C 235 8.38 27.25 -9.53
C ILE C 235 8.74 28.65 -9.06
N GLN C 236 9.83 28.78 -8.31
CA GLN C 236 10.26 30.08 -7.80
C GLN C 236 10.45 31.08 -8.94
N HIS C 237 11.07 30.65 -10.03
CA HIS C 237 11.35 31.53 -11.16
C HIS C 237 10.22 31.55 -12.19
N GLY C 238 8.97 31.41 -11.75
CA GLY C 238 7.81 31.73 -12.55
C GLY C 238 7.01 30.53 -13.02
N TRP C 239 7.59 29.33 -13.05
CA TRP C 239 6.94 28.24 -13.77
C TRP C 239 5.65 27.81 -13.08
N THR C 240 4.60 27.62 -13.88
CA THR C 240 3.31 27.16 -13.41
C THR C 240 3.32 25.64 -13.34
N PRO C 241 3.23 25.07 -12.14
CA PRO C 241 3.47 23.63 -11.99
C PRO C 241 2.30 22.81 -12.53
N GLY C 242 2.64 21.69 -13.16
CA GLY C 242 1.66 20.69 -13.52
C GLY C 242 1.29 19.85 -12.31
N ASN C 243 0.56 18.76 -12.58
CA ASN C 243 0.16 17.85 -11.52
C ASN C 243 0.43 16.38 -11.82
N GLY C 244 1.05 16.06 -12.96
CA GLY C 244 1.21 14.68 -13.36
C GLY C 244 2.45 14.02 -12.77
N ARG C 245 2.64 12.75 -13.15
CA ARG C 245 3.85 12.00 -12.81
C ARG C 245 4.94 12.13 -13.84
N PHE C 246 4.67 12.71 -15.01
CA PHE C 246 5.66 12.82 -16.06
C PHE C 246 5.57 14.21 -16.71
N ASP C 247 5.59 15.25 -15.88
CA ASP C 247 5.60 16.62 -16.39
C ASP C 247 7.04 17.00 -16.73
N VAL C 248 7.31 17.27 -18.01
CA VAL C 248 8.63 17.71 -18.46
C VAL C 248 8.93 19.07 -17.87
N LEU C 249 10.08 19.19 -17.20
CA LEU C 249 10.44 20.46 -16.57
C LEU C 249 10.86 21.48 -17.62
N PRO C 250 10.75 22.77 -17.29
CA PRO C 250 11.34 23.81 -18.15
C PRO C 250 12.83 23.96 -17.87
N LEU C 251 13.53 24.56 -18.83
CA LEU C 251 14.95 24.80 -18.69
C LEU C 251 15.24 26.12 -17.98
N LEU C 252 16.21 26.08 -17.07
CA LEU C 252 16.66 27.26 -16.32
C LEU C 252 18.10 27.57 -16.77
N LEU C 253 18.21 28.48 -17.74
CA LEU C 253 19.48 28.81 -18.37
C LEU C 253 20.03 30.11 -17.79
N GLN C 254 21.32 30.12 -17.49
CA GLN C 254 21.96 31.23 -16.79
C GLN C 254 23.09 31.77 -17.63
N ALA C 255 22.88 32.93 -18.24
CA ALA C 255 23.95 33.67 -18.90
C ALA C 255 24.85 34.30 -17.86
N PRO C 256 26.06 34.75 -18.25
CA PRO C 256 27.00 35.29 -17.26
C PRO C 256 26.45 36.46 -16.44
N ASP C 257 26.56 36.31 -15.11
CA ASP C 257 26.30 37.34 -14.12
C ASP C 257 24.82 37.58 -13.89
N GLU C 258 24.02 37.54 -14.96
CA GLU C 258 22.58 37.74 -14.87
C GLU C 258 21.95 36.60 -14.08
N PRO C 259 20.68 36.72 -13.68
CA PRO C 259 19.98 35.56 -13.08
C PRO C 259 19.51 34.59 -14.13
N PRO C 260 19.12 33.37 -13.74
CA PRO C 260 18.65 32.41 -14.74
C PRO C 260 17.26 32.77 -15.27
N GLU C 261 17.09 32.57 -16.58
CA GLU C 261 15.81 32.79 -17.24
C GLU C 261 15.13 31.46 -17.52
N LEU C 262 13.82 31.44 -17.33
CA LEU C 262 13.01 30.23 -17.46
C LEU C 262 12.52 30.09 -18.90
N PHE C 263 12.78 28.94 -19.51
CA PHE C 263 12.37 28.66 -20.88
C PHE C 263 11.62 27.33 -20.91
N LEU C 264 10.61 27.26 -21.78
CA LEU C 264 9.80 26.06 -21.99
C LEU C 264 10.19 25.38 -23.29
N LEU C 265 10.22 24.06 -23.28
CA LEU C 265 10.62 23.28 -24.44
C LEU C 265 9.40 22.90 -25.24
N PRO C 266 9.32 23.25 -26.53
CA PRO C 266 8.18 22.85 -27.37
C PRO C 266 7.95 21.35 -27.31
N PRO C 267 6.77 20.92 -26.84
CA PRO C 267 6.48 19.48 -26.75
C PRO C 267 6.79 18.71 -28.03
N GLU C 268 6.57 19.35 -29.20
CA GLU C 268 6.97 18.78 -30.49
C GLU C 268 8.41 18.29 -30.48
N LEU C 269 9.26 18.93 -29.69
CA LEU C 269 10.69 18.72 -29.73
C LEU C 269 11.15 17.60 -28.81
N VAL C 270 10.34 17.23 -27.83
CA VAL C 270 10.70 16.28 -26.78
C VAL C 270 10.04 14.93 -27.02
N LEU C 271 10.75 14.04 -27.70
CA LEU C 271 10.19 12.74 -28.11
C LEU C 271 10.07 11.82 -26.90
N GLU C 272 8.87 11.34 -26.65
CA GLU C 272 8.60 10.50 -25.50
C GLU C 272 8.07 9.14 -25.95
N VAL C 273 8.26 8.13 -25.11
CA VAL C 273 7.91 6.76 -25.47
C VAL C 273 6.95 6.25 -24.40
N PRO C 274 5.69 5.94 -24.74
CA PRO C 274 4.83 5.29 -23.76
C PRO C 274 5.24 3.83 -23.62
N LEU C 275 5.24 3.33 -22.38
CA LEU C 275 5.76 2.01 -22.10
C LEU C 275 4.65 0.98 -22.12
N GLU C 276 4.81 -0.07 -22.93
CA GLU C 276 3.89 -1.18 -22.95
C GLU C 276 4.69 -2.48 -22.96
N HIS C 277 4.04 -3.57 -22.58
CA HIS C 277 4.70 -4.86 -22.53
C HIS C 277 4.18 -5.74 -23.65
N PRO C 278 5.03 -6.55 -24.29
CA PRO C 278 4.57 -7.30 -25.46
C PRO C 278 3.49 -8.34 -25.17
N THR C 279 3.38 -8.85 -23.94
CA THR C 279 2.37 -9.85 -23.62
C THR C 279 1.51 -9.54 -22.41
N LEU C 280 1.95 -8.68 -21.49
CA LEU C 280 1.16 -8.26 -20.33
C LEU C 280 0.35 -7.04 -20.76
N GLU C 281 -0.92 -7.26 -21.10
CA GLU C 281 -1.75 -6.22 -21.71
C GLU C 281 -2.02 -5.08 -20.74
N TRP C 282 -2.11 -5.37 -19.45
CA TRP C 282 -2.35 -4.34 -18.45
C TRP C 282 -1.18 -3.37 -18.29
N PHE C 283 0.02 -3.70 -18.79
CA PHE C 283 1.18 -2.84 -18.50
C PHE C 283 0.98 -1.43 -19.03
N ALA C 284 0.53 -1.29 -20.29
CA ALA C 284 0.25 0.02 -20.86
C ALA C 284 -0.64 0.85 -19.94
N ALA C 285 -1.61 0.21 -19.28
CA ALA C 285 -2.52 0.95 -18.42
C ALA C 285 -1.83 1.56 -17.21
N LEU C 286 -0.59 1.18 -16.93
CA LEU C 286 0.07 1.79 -15.79
C LEU C 286 0.43 3.23 -16.07
N GLY C 287 0.42 3.65 -17.34
CA GLY C 287 0.71 5.02 -17.69
C GLY C 287 2.16 5.41 -17.61
N LEU C 288 3.08 4.45 -17.62
CA LEU C 288 4.50 4.76 -17.56
C LEU C 288 5.01 5.28 -18.91
N ARG C 289 5.89 6.27 -18.84
CA ARG C 289 6.50 6.90 -20.01
C ARG C 289 7.97 7.11 -19.72
N TRP C 290 8.77 7.25 -20.77
CA TRP C 290 10.08 7.87 -20.63
C TRP C 290 10.42 8.59 -21.93
N TYR C 291 11.54 9.33 -21.91
CA TYR C 291 11.89 10.20 -23.02
C TYR C 291 13.07 9.62 -23.80
N ALA C 292 13.16 10.02 -25.06
CA ALA C 292 14.08 9.39 -26.01
C ALA C 292 15.52 9.77 -25.73
N LEU C 293 15.78 11.03 -25.41
CA LEU C 293 17.12 11.59 -25.53
C LEU C 293 17.77 11.78 -24.17
N PRO C 294 18.78 10.99 -23.82
CA PRO C 294 19.50 11.23 -22.55
C PRO C 294 20.58 12.29 -22.78
N ALA C 295 20.40 13.46 -22.17
CA ALA C 295 21.27 14.61 -22.45
C ALA C 295 21.68 15.28 -21.14
N VAL C 296 22.95 15.12 -20.78
CA VAL C 296 23.50 15.58 -19.50
C VAL C 296 23.96 17.03 -19.63
N SER C 297 23.50 17.90 -18.71
CA SER C 297 23.68 19.34 -18.83
C SER C 297 24.35 20.01 -17.64
N ASN C 298 24.76 19.26 -16.61
CA ASN C 298 25.31 19.89 -15.42
C ASN C 298 26.79 19.59 -15.21
N MET C 299 27.46 18.99 -16.19
CA MET C 299 28.87 18.66 -16.07
C MET C 299 29.75 19.70 -16.79
N LEU C 300 30.99 19.80 -16.31
CA LEU C 300 31.97 20.73 -16.82
C LEU C 300 32.96 19.98 -17.69
N LEU C 301 33.25 20.52 -18.86
CA LEU C 301 34.20 19.96 -19.81
C LEU C 301 35.53 20.69 -19.66
N GLU C 302 36.62 19.92 -19.64
CA GLU C 302 37.96 20.45 -19.38
C GLU C 302 38.89 19.99 -20.48
N ILE C 303 39.52 20.94 -21.18
CA ILE C 303 40.37 20.67 -22.34
C ILE C 303 41.59 21.56 -22.25
N GLY C 304 42.77 20.94 -22.11
CA GLY C 304 44.02 21.69 -22.05
C GLY C 304 44.02 22.87 -21.09
N GLY C 305 43.49 22.66 -19.88
CA GLY C 305 43.43 23.71 -18.88
C GLY C 305 42.23 24.63 -18.99
N LEU C 306 41.48 24.59 -20.08
CA LEU C 306 40.28 25.39 -20.25
C LEU C 306 39.07 24.64 -19.69
N GLU C 307 38.04 25.39 -19.32
CA GLU C 307 36.89 24.80 -18.66
C GLU C 307 35.61 25.36 -19.25
N PHE C 308 34.67 24.48 -19.54
CA PHE C 308 33.40 24.86 -20.15
C PHE C 308 32.30 24.43 -19.21
N PRO C 309 31.83 25.31 -18.33
CA PRO C 309 30.78 24.90 -17.38
C PRO C 309 29.48 24.50 -18.05
N ALA C 310 29.30 24.85 -19.32
CA ALA C 310 28.10 24.54 -20.09
C ALA C 310 28.53 23.83 -21.37
N ALA C 311 28.38 22.52 -21.41
CA ALA C 311 28.70 21.68 -22.57
C ALA C 311 27.80 20.46 -22.59
N PRO C 312 26.50 20.63 -22.76
CA PRO C 312 25.59 19.47 -22.70
C PRO C 312 25.91 18.46 -23.78
N PHE C 313 25.84 17.17 -23.42
CA PHE C 313 26.10 16.08 -24.35
C PHE C 313 24.97 15.06 -24.25
N SER C 314 24.71 14.36 -25.36
CA SER C 314 23.64 13.38 -25.42
C SER C 314 24.07 12.15 -26.21
N GLY C 315 23.44 11.04 -25.93
CA GLY C 315 23.67 9.82 -26.69
C GLY C 315 22.37 9.09 -26.98
N TRP C 316 22.30 7.84 -26.56
CA TRP C 316 21.05 7.10 -26.48
C TRP C 316 21.15 6.15 -25.28
N TYR C 317 19.99 5.66 -24.84
CA TYR C 317 19.87 4.95 -23.58
C TYR C 317 20.32 3.50 -23.71
N MET C 318 20.91 3.00 -22.62
CA MET C 318 20.93 1.58 -22.32
C MET C 318 19.68 1.28 -21.50
N SER C 319 18.97 0.20 -21.85
CA SER C 319 17.63 -0.01 -21.30
C SER C 319 17.63 -0.18 -19.77
N THR C 320 18.73 -0.67 -19.18
CA THR C 320 18.72 -0.82 -17.72
C THR C 320 18.68 0.53 -17.01
N GLU C 321 19.07 1.62 -17.70
CA GLU C 321 19.01 2.94 -17.09
C GLU C 321 17.58 3.34 -16.83
N ILE C 322 16.73 3.16 -17.84
CA ILE C 322 15.32 3.47 -17.71
C ILE C 322 14.62 2.43 -16.84
N GLY C 323 14.71 1.16 -17.22
CA GLY C 323 13.84 0.16 -16.63
C GLY C 323 14.26 -0.20 -15.21
N THR C 324 15.55 -0.37 -14.98
CA THR C 324 16.02 -0.75 -13.65
C THR C 324 16.29 0.47 -12.76
N ARG C 325 17.12 1.41 -13.20
CA ARG C 325 17.49 2.47 -12.27
C ARG C 325 16.37 3.50 -12.12
N ASN C 326 15.86 4.04 -13.23
CA ASN C 326 14.95 5.18 -13.13
C ASN C 326 13.57 4.76 -12.64
N LEU C 327 13.09 3.59 -13.05
CA LEU C 327 11.75 3.17 -12.67
C LEU C 327 11.73 2.33 -11.41
N CYS C 328 12.80 1.60 -11.11
CA CYS C 328 12.81 0.66 -10.00
C CYS C 328 13.60 1.07 -8.77
N ASP C 329 14.50 2.06 -8.86
CA ASP C 329 15.25 2.41 -7.66
C ASP C 329 14.27 2.84 -6.57
N PRO C 330 14.51 2.43 -5.32
CA PRO C 330 13.62 2.82 -4.22
C PRO C 330 13.50 4.33 -4.06
N HIS C 331 14.55 5.07 -4.41
CA HIS C 331 14.51 6.52 -4.31
C HIS C 331 14.16 7.18 -5.63
N ARG C 332 13.74 6.43 -6.64
CA ARG C 332 13.21 7.04 -7.86
C ARG C 332 11.72 6.76 -7.99
N TYR C 333 11.25 6.37 -9.18
CA TYR C 333 9.81 6.09 -9.34
C TYR C 333 9.36 4.88 -8.52
N ASN C 334 10.25 3.91 -8.28
CA ASN C 334 10.00 2.86 -7.29
C ASN C 334 8.72 2.07 -7.60
N ILE C 335 8.63 1.55 -8.83
CA ILE C 335 7.42 0.91 -9.34
C ILE C 335 7.41 -0.60 -9.17
N LEU C 336 8.49 -1.17 -8.64
CA LEU C 336 8.65 -2.63 -8.69
C LEU C 336 7.44 -3.34 -8.08
N GLU C 337 6.97 -2.89 -6.93
CA GLU C 337 5.92 -3.61 -6.25
C GLU C 337 4.58 -3.43 -6.95
N ASP C 338 4.37 -2.28 -7.58
CA ASP C 338 3.20 -2.10 -8.45
C ASP C 338 3.17 -3.16 -9.55
N VAL C 339 4.29 -3.34 -10.26
CA VAL C 339 4.33 -4.31 -11.36
C VAL C 339 4.19 -5.74 -10.84
N ALA C 340 4.85 -6.04 -9.70
CA ALA C 340 4.77 -7.37 -9.11
C ALA C 340 3.33 -7.73 -8.72
N VAL C 341 2.59 -6.79 -8.13
CA VAL C 341 1.21 -7.06 -7.77
C VAL C 341 0.37 -7.36 -9.02
N CYS C 342 0.68 -6.68 -10.14
CA CYS C 342 -0.08 -6.95 -11.36
C CYS C 342 0.30 -8.30 -11.97
N MET C 343 1.52 -8.77 -11.75
CA MET C 343 1.94 -10.07 -12.26
C MET C 343 1.50 -11.22 -11.37
N ASP C 344 0.81 -10.91 -10.26
CA ASP C 344 0.40 -11.91 -9.28
C ASP C 344 1.58 -12.65 -8.68
N LEU C 345 2.66 -11.92 -8.40
CA LEU C 345 3.81 -12.53 -7.78
C LEU C 345 3.61 -12.61 -6.27
N ASP C 346 4.37 -13.50 -5.62
CA ASP C 346 4.27 -13.63 -4.17
C ASP C 346 5.18 -12.61 -3.52
N THR C 347 4.60 -11.49 -3.08
CA THR C 347 5.38 -10.41 -2.52
C THR C 347 5.61 -10.54 -1.01
N ARG C 348 5.14 -11.62 -0.40
CA ARG C 348 5.24 -11.77 1.05
C ARG C 348 6.52 -12.46 1.47
N THR C 349 7.29 -13.01 0.54
CA THR C 349 8.57 -13.63 0.86
C THR C 349 9.60 -13.27 -0.19
N THR C 350 10.82 -12.91 0.27
CA THR C 350 11.87 -12.50 -0.65
C THR C 350 12.30 -13.62 -1.57
N SER C 351 12.12 -14.87 -1.16
CA SER C 351 12.69 -15.99 -1.90
C SER C 351 11.84 -16.44 -3.07
N SER C 352 10.72 -15.77 -3.35
CA SER C 352 10.08 -16.00 -4.65
C SER C 352 10.77 -15.24 -5.76
N LEU C 353 11.73 -14.37 -5.41
CA LEU C 353 12.46 -13.54 -6.37
C LEU C 353 11.49 -12.69 -7.19
N TRP C 354 10.46 -12.17 -6.52
CA TRP C 354 9.46 -11.37 -7.21
C TRP C 354 10.06 -10.06 -7.69
N LYS C 355 11.00 -9.51 -6.92
CA LYS C 355 11.70 -8.31 -7.37
C LYS C 355 12.45 -8.56 -8.67
N ASP C 356 13.06 -9.74 -8.80
CA ASP C 356 13.82 -10.06 -10.00
C ASP C 356 12.88 -10.31 -11.19
N LYS C 357 11.80 -11.04 -10.96
CA LYS C 357 10.87 -11.33 -12.05
C LYS C 357 10.23 -10.04 -12.55
N ALA C 358 9.80 -9.18 -11.62
CA ALA C 358 9.19 -7.92 -12.02
C ALA C 358 10.19 -7.02 -12.77
N ALA C 359 11.41 -6.92 -12.26
CA ALA C 359 12.41 -6.06 -12.88
C ALA C 359 12.73 -6.49 -14.31
N VAL C 360 12.86 -7.80 -14.54
CA VAL C 360 13.12 -8.26 -15.91
C VAL C 360 11.98 -7.88 -16.83
N GLU C 361 10.73 -7.96 -16.35
CA GLU C 361 9.61 -7.61 -17.21
C GLU C 361 9.53 -6.11 -17.48
N ILE C 362 9.94 -5.27 -16.53
CA ILE C 362 9.99 -3.83 -16.81
C ILE C 362 11.05 -3.53 -17.86
N ASN C 363 12.23 -4.14 -17.74
CA ASN C 363 13.23 -3.99 -18.80
C ASN C 363 12.72 -4.53 -20.13
N VAL C 364 11.98 -5.65 -20.13
CA VAL C 364 11.41 -6.17 -21.37
C VAL C 364 10.46 -5.16 -22.00
N ALA C 365 9.67 -4.47 -21.17
CA ALA C 365 8.71 -3.49 -21.66
C ALA C 365 9.41 -2.27 -22.24
N VAL C 366 10.52 -1.86 -21.62
CA VAL C 366 11.27 -0.72 -22.13
C VAL C 366 11.84 -1.03 -23.50
N LEU C 367 12.51 -2.18 -23.63
CA LEU C 367 13.09 -2.53 -24.92
C LEU C 367 12.01 -2.66 -26.00
N HIS C 368 10.91 -3.35 -25.68
CA HIS C 368 9.84 -3.53 -26.66
C HIS C 368 9.21 -2.20 -27.05
N SER C 369 9.03 -1.31 -26.07
CA SER C 369 8.39 -0.03 -26.34
C SER C 369 9.28 0.86 -27.20
N TYR C 370 10.58 0.96 -26.88
CA TYR C 370 11.46 1.77 -27.70
C TYR C 370 11.58 1.23 -29.12
N GLN C 371 11.71 -0.09 -29.26
CA GLN C 371 11.78 -0.69 -30.59
C GLN C 371 10.52 -0.40 -31.39
N LEU C 372 9.35 -0.57 -30.76
CA LEU C 372 8.10 -0.36 -31.48
C LEU C 372 7.97 1.08 -31.98
N ALA C 373 8.47 2.04 -31.19
CA ALA C 373 8.42 3.47 -31.51
C ALA C 373 9.60 3.93 -32.36
N LYS C 374 10.50 3.03 -32.75
CA LYS C 374 11.64 3.35 -33.61
C LYS C 374 12.59 4.37 -32.97
N VAL C 375 12.76 4.28 -31.66
CA VAL C 375 13.71 5.09 -30.92
C VAL C 375 14.91 4.23 -30.55
N THR C 376 16.12 4.73 -30.88
CA THR C 376 17.35 3.99 -30.60
C THR C 376 17.46 3.63 -29.12
N ILE C 377 17.67 2.34 -28.85
CA ILE C 377 17.98 1.88 -27.49
C ILE C 377 18.87 0.65 -27.62
N VAL C 378 19.65 0.37 -26.58
CA VAL C 378 20.52 -0.79 -26.57
C VAL C 378 20.35 -1.54 -25.24
N ASP C 379 20.40 -2.86 -25.30
CA ASP C 379 20.23 -3.62 -24.08
C ASP C 379 21.60 -3.87 -23.47
N HIS C 380 21.61 -4.26 -22.19
CA HIS C 380 22.88 -4.35 -21.48
C HIS C 380 23.73 -5.52 -21.97
N HIS C 381 23.15 -6.53 -22.62
CA HIS C 381 24.02 -7.57 -23.15
C HIS C 381 24.78 -7.06 -24.35
N ALA C 382 24.09 -6.42 -25.29
CA ALA C 382 24.77 -5.90 -26.47
C ALA C 382 25.73 -4.78 -26.09
N ALA C 383 25.39 -3.97 -25.07
CA ALA C 383 26.24 -2.84 -24.70
C ALA C 383 27.56 -3.32 -24.08
N THR C 384 27.49 -4.24 -23.13
CA THR C 384 28.72 -4.72 -22.51
C THR C 384 29.61 -5.49 -23.51
N ALA C 385 29.01 -6.22 -24.46
CA ALA C 385 29.81 -6.90 -25.47
C ALA C 385 30.59 -5.90 -26.32
N SER C 386 29.95 -4.79 -26.68
CA SER C 386 30.66 -3.78 -27.46
C SER C 386 31.71 -3.06 -26.61
N PHE C 387 31.51 -2.98 -25.30
CA PHE C 387 32.55 -2.40 -24.45
C PHE C 387 33.74 -3.33 -24.36
N MET C 388 33.50 -4.64 -24.29
CA MET C 388 34.61 -5.59 -24.42
C MET C 388 35.40 -5.33 -25.69
N LYS C 389 34.70 -5.04 -26.80
CA LYS C 389 35.40 -4.74 -28.04
C LYS C 389 36.21 -3.45 -27.91
N HIS C 390 35.59 -2.42 -27.32
CA HIS C 390 36.29 -1.17 -27.07
C HIS C 390 37.56 -1.37 -26.23
N LEU C 391 37.49 -2.16 -25.16
CA LEU C 391 38.68 -2.47 -24.36
C LEU C 391 39.78 -3.06 -25.24
N GLU C 392 39.42 -4.02 -26.08
CA GLU C 392 40.39 -4.63 -26.99
C GLU C 392 41.02 -3.57 -27.89
N ASN C 393 40.20 -2.78 -28.59
CA ASN C 393 40.69 -1.71 -29.44
C ASN C 393 41.64 -0.77 -28.68
N GLU C 394 41.20 -0.31 -27.50
CA GLU C 394 42.01 0.65 -26.74
C GLU C 394 43.32 0.04 -26.30
N GLN C 395 43.34 -1.26 -26.02
CA GLN C 395 44.59 -1.91 -25.64
C GLN C 395 45.63 -1.77 -26.75
N LYS C 396 45.18 -1.88 -28.00
CA LYS C 396 46.11 -1.70 -29.12
C LYS C 396 46.39 -0.22 -29.36
N ALA C 397 45.37 0.64 -29.25
CA ALA C 397 45.55 2.04 -29.60
C ALA C 397 46.41 2.78 -28.58
N ARG C 398 46.16 2.55 -27.29
CA ARG C 398 46.76 3.36 -26.22
C ARG C 398 47.38 2.51 -25.11
N GLY C 399 47.38 1.18 -25.25
CA GLY C 399 47.93 0.35 -24.20
C GLY C 399 47.07 0.22 -22.95
N GLY C 400 45.79 0.57 -23.03
CA GLY C 400 44.91 0.37 -21.90
C GLY C 400 43.68 1.23 -22.01
N CYS C 401 42.93 1.27 -20.92
CA CYS C 401 41.66 1.98 -20.94
C CYS C 401 41.13 2.15 -19.53
N PRO C 402 40.91 3.40 -19.07
CA PRO C 402 40.35 3.60 -17.72
C PRO C 402 38.88 3.14 -17.68
N ALA C 403 38.53 2.44 -16.60
CA ALA C 403 37.21 1.85 -16.51
C ALA C 403 36.86 1.64 -15.04
N ASP C 404 35.63 1.99 -14.70
CA ASP C 404 35.13 1.98 -13.33
C ASP C 404 34.18 0.79 -13.27
N TRP C 405 34.70 -0.33 -12.76
CA TRP C 405 33.98 -1.60 -12.85
C TRP C 405 32.58 -1.48 -12.27
N ALA C 406 32.45 -0.76 -11.15
CA ALA C 406 31.18 -0.67 -10.46
C ALA C 406 30.10 -0.02 -11.34
N TRP C 407 30.51 0.82 -12.29
CA TRP C 407 29.58 1.48 -13.20
C TRP C 407 29.55 0.86 -14.59
N ILE C 408 30.52 0.03 -14.93
CA ILE C 408 30.46 -0.62 -16.23
C ILE C 408 29.56 -1.86 -16.17
N VAL C 409 29.60 -2.59 -15.05
CA VAL C 409 28.72 -3.75 -14.87
C VAL C 409 27.28 -3.27 -14.74
N PRO C 410 26.33 -3.86 -15.50
CA PRO C 410 24.93 -3.39 -15.46
C PRO C 410 24.27 -3.69 -14.12
N PRO C 411 23.23 -2.94 -13.77
CA PRO C 411 22.58 -3.10 -12.45
C PRO C 411 21.62 -4.28 -12.33
N ILE C 412 21.41 -5.04 -13.39
CA ILE C 412 20.77 -6.35 -13.32
C ILE C 412 21.61 -7.30 -14.16
N SER C 413 21.58 -8.58 -13.78
CA SER C 413 22.27 -9.64 -14.53
C SER C 413 23.77 -9.38 -14.71
N GLY C 414 24.38 -8.66 -13.77
CA GLY C 414 25.81 -8.38 -13.83
C GLY C 414 26.68 -9.50 -14.36
N SER C 415 26.62 -10.67 -13.74
CA SER C 415 27.57 -11.71 -14.09
C SER C 415 27.18 -12.50 -15.33
N LEU C 416 26.00 -12.21 -15.89
CA LEU C 416 25.62 -12.74 -17.21
C LEU C 416 26.24 -11.94 -18.35
N THR C 417 26.89 -10.82 -18.06
CA THR C 417 27.53 -9.96 -19.06
C THR C 417 29.04 -10.11 -18.98
N PRO C 418 29.77 -9.91 -20.08
CA PRO C 418 31.18 -10.29 -20.07
C PRO C 418 32.08 -9.32 -19.31
N VAL C 419 31.62 -8.09 -19.03
CA VAL C 419 32.43 -7.16 -18.27
C VAL C 419 32.54 -7.58 -16.80
N PHE C 420 31.59 -8.37 -16.29
CA PHE C 420 31.64 -8.79 -14.89
C PHE C 420 32.94 -9.51 -14.57
N HIS C 421 33.39 -10.37 -15.49
CA HIS C 421 34.61 -11.16 -15.30
C HIS C 421 35.87 -10.42 -15.74
N GLN C 422 35.74 -9.18 -16.21
CA GLN C 422 36.89 -8.41 -16.70
C GLN C 422 37.44 -7.53 -15.58
N GLU C 423 38.70 -7.75 -15.21
CA GLU C 423 39.34 -6.82 -14.29
C GLU C 423 39.54 -5.48 -14.97
N MET C 424 39.43 -4.40 -14.19
CA MET C 424 39.53 -3.05 -14.74
C MET C 424 40.36 -2.16 -13.85
N VAL C 425 41.02 -1.19 -14.48
CA VAL C 425 41.87 -0.18 -13.83
C VAL C 425 41.22 1.18 -14.04
N ASN C 426 40.97 1.89 -12.95
CA ASN C 426 40.35 3.20 -13.02
C ASN C 426 41.38 4.30 -12.72
N TYR C 427 41.42 5.32 -13.58
CA TYR C 427 42.25 6.50 -13.41
C TYR C 427 41.66 7.64 -14.23
N PHE C 428 42.26 8.84 -14.10
CA PHE C 428 41.72 10.08 -14.66
C PHE C 428 42.69 10.63 -15.71
N LEU C 429 42.29 10.56 -16.98
CA LEU C 429 42.99 11.25 -18.06
C LEU C 429 42.29 12.56 -18.39
N SER C 430 43.05 13.50 -18.88
CA SER C 430 42.52 14.73 -19.43
C SER C 430 42.77 14.76 -20.94
N PRO C 431 41.87 15.38 -21.74
CA PRO C 431 40.60 16.05 -21.44
C PRO C 431 39.58 15.16 -20.75
N ALA C 432 38.68 15.79 -20.00
CA ALA C 432 37.75 15.05 -19.17
C ALA C 432 36.46 15.81 -18.99
N PHE C 433 35.41 15.07 -18.72
CA PHE C 433 34.20 15.62 -18.13
C PHE C 433 34.32 15.52 -16.62
N ARG C 434 34.01 16.60 -15.91
CA ARG C 434 34.06 16.58 -14.46
C ARG C 434 32.73 17.04 -13.85
N TYR C 435 32.50 16.65 -12.61
CA TYR C 435 31.42 17.20 -11.81
C TYR C 435 31.77 18.62 -11.36
N GLN C 436 30.74 19.40 -11.05
CA GLN C 436 30.91 20.78 -10.62
C GLN C 436 29.83 21.12 -9.62
N PRO C 437 30.07 22.12 -8.76
CA PRO C 437 29.04 22.54 -7.81
C PRO C 437 27.84 23.10 -8.56
N ASP C 438 26.69 23.03 -7.92
CA ASP C 438 25.50 23.60 -8.52
C ASP C 438 25.59 25.13 -8.55
N PRO C 439 24.95 25.77 -9.52
CA PRO C 439 25.09 27.22 -9.63
C PRO C 439 24.51 27.95 -8.43
N TRP C 440 23.52 27.39 -7.77
CA TRP C 440 23.02 27.99 -6.52
C TRP C 440 23.82 27.49 -5.31
N LYS D 27 40.01 13.91 6.93
CA LYS D 27 40.95 12.78 7.01
C LYS D 27 40.20 11.47 7.23
N PHE D 28 38.87 11.55 7.35
CA PHE D 28 38.02 10.37 7.52
C PHE D 28 37.06 10.28 6.35
N PRO D 29 37.03 9.17 5.62
CA PRO D 29 36.15 9.06 4.44
C PRO D 29 34.69 9.27 4.80
N ARG D 30 34.03 10.12 4.03
CA ARG D 30 32.58 10.33 4.13
C ARG D 30 31.89 9.38 3.16
N VAL D 31 31.06 8.48 3.69
CA VAL D 31 30.40 7.47 2.89
C VAL D 31 28.89 7.66 3.03
N LYS D 32 28.19 7.56 1.91
CA LYS D 32 26.78 7.94 1.79
C LYS D 32 25.93 6.75 1.37
N ASN D 33 24.69 6.72 1.82
CA ASN D 33 23.70 5.79 1.29
C ASN D 33 22.74 6.57 0.39
N TRP D 34 22.64 6.19 -0.88
CA TRP D 34 21.87 7.01 -1.83
C TRP D 34 20.39 6.68 -1.84
N GLU D 35 20.00 5.52 -1.33
CA GLU D 35 18.58 5.24 -1.16
C GLU D 35 17.97 6.05 -0.02
N VAL D 36 18.72 6.25 1.06
CA VAL D 36 18.22 6.88 2.27
C VAL D 36 18.71 8.31 2.42
N GLY D 37 19.82 8.69 1.79
CA GLY D 37 20.38 10.01 1.89
C GLY D 37 21.34 10.19 3.05
N SER D 38 21.52 9.16 3.88
CA SER D 38 22.27 9.26 5.11
C SER D 38 23.78 9.15 4.86
N ILE D 39 24.55 9.64 5.83
CA ILE D 39 25.99 9.83 5.69
C ILE D 39 26.69 9.38 6.97
N THR D 40 27.78 8.62 6.82
CA THR D 40 28.64 8.25 7.94
C THR D 40 30.09 8.47 7.57
N TYR D 41 30.97 8.45 8.57
CA TYR D 41 32.42 8.55 8.40
C TYR D 41 33.06 7.25 8.85
N ASP D 42 33.91 6.68 8.02
CA ASP D 42 34.61 5.45 8.39
C ASP D 42 35.92 5.84 9.07
N THR D 43 35.88 5.96 10.40
CA THR D 43 37.10 6.20 11.16
C THR D 43 37.93 4.94 11.36
N LEU D 44 37.31 3.76 11.24
CA LEU D 44 38.03 2.51 11.44
C LEU D 44 39.13 2.31 10.39
N SER D 45 38.88 2.74 9.15
CA SER D 45 39.86 2.57 8.06
C SER D 45 41.21 3.16 8.40
N ALA D 46 41.24 4.22 9.22
CA ALA D 46 42.51 4.81 9.61
C ALA D 46 43.38 3.85 10.40
N GLN D 47 42.77 2.84 11.02
CA GLN D 47 43.51 1.80 11.72
C GLN D 47 43.94 0.65 10.82
N ALA D 48 43.64 0.71 9.52
CA ALA D 48 44.18 -0.28 8.61
C ALA D 48 45.69 -0.10 8.50
N GLN D 49 46.44 -1.18 8.60
CA GLN D 49 47.85 -1.09 8.25
C GLN D 49 48.38 -2.45 7.80
N GLN D 50 47.79 -2.93 6.72
CA GLN D 50 48.51 -3.62 5.66
C GLN D 50 48.03 -3.01 4.35
N ASP D 51 48.98 -2.64 3.50
CA ASP D 51 48.62 -1.82 2.36
C ASP D 51 47.91 -2.64 1.29
N GLY D 52 46.96 -1.98 0.61
CA GLY D 52 46.23 -2.57 -0.47
C GLY D 52 46.82 -2.15 -1.79
N PRO D 53 46.13 -2.47 -2.89
CA PRO D 53 46.71 -2.29 -4.23
C PRO D 53 46.59 -0.88 -4.81
N CYS D 54 45.74 -0.05 -4.22
CA CYS D 54 45.35 1.19 -4.87
C CYS D 54 46.33 2.29 -4.51
N THR D 55 46.32 3.34 -5.35
CA THR D 55 47.15 4.52 -5.16
C THR D 55 46.36 5.71 -5.66
N PRO D 56 46.76 6.94 -5.27
CA PRO D 56 46.12 8.13 -5.85
C PRO D 56 46.16 8.12 -7.37
N ARG D 57 47.09 7.37 -7.96
CA ARG D 57 47.17 7.39 -9.42
C ARG D 57 46.15 6.47 -10.10
N ARG D 58 45.88 5.31 -9.52
CA ARG D 58 44.92 4.41 -10.15
C ARG D 58 44.39 3.43 -9.11
N CYS D 59 43.09 3.13 -9.21
CA CYS D 59 42.39 2.22 -8.32
C CYS D 59 42.38 0.82 -8.94
N LEU D 60 42.87 -0.16 -8.18
CA LEU D 60 42.91 -1.56 -8.57
C LEU D 60 41.90 -2.37 -7.78
N GLY D 61 40.77 -1.75 -7.45
CA GLY D 61 39.82 -2.39 -6.56
C GLY D 61 39.15 -3.62 -7.15
N SER D 62 39.03 -3.69 -8.47
CA SER D 62 38.33 -4.81 -9.09
C SER D 62 39.19 -6.07 -9.24
N LEU D 63 40.49 -6.00 -8.96
CA LEU D 63 41.35 -7.17 -9.13
C LEU D 63 40.96 -8.27 -8.14
N VAL D 64 40.94 -9.52 -8.60
CA VAL D 64 40.57 -10.64 -7.74
C VAL D 64 41.67 -10.91 -6.72
N PHE D 65 42.90 -11.04 -7.18
CA PHE D 65 44.05 -11.24 -6.30
C PHE D 65 44.93 -10.00 -6.37
N PRO D 66 44.88 -9.11 -5.37
CA PRO D 66 45.72 -7.90 -5.41
C PRO D 66 47.23 -8.16 -5.37
N ARG D 67 47.66 -9.42 -5.34
CA ARG D 67 49.07 -9.83 -5.28
C ARG D 67 50.02 -8.97 -6.14
N ALA D 79 61.97 -10.19 12.16
CA ALA D 79 60.82 -10.96 12.64
C ALA D 79 60.38 -10.55 14.05
N PRO D 80 61.26 -10.70 15.06
CA PRO D 80 60.76 -10.66 16.46
C PRO D 80 60.03 -9.38 16.79
N GLU D 81 60.52 -8.22 16.32
CA GLU D 81 59.90 -6.95 16.62
C GLU D 81 58.59 -6.78 15.86
N GLN D 82 58.55 -7.20 14.59
CA GLN D 82 57.30 -7.09 13.83
C GLN D 82 56.26 -8.07 14.35
N LEU D 83 56.65 -9.32 14.61
CA LEU D 83 55.76 -10.27 15.25
C LEU D 83 55.21 -9.73 16.56
N LEU D 84 56.07 -9.09 17.36
CA LEU D 84 55.66 -8.60 18.67
C LEU D 84 54.61 -7.50 18.54
N SER D 85 54.78 -6.59 17.59
CA SER D 85 53.82 -5.51 17.49
C SER D 85 52.45 -5.97 16.99
N GLN D 86 52.41 -7.03 16.19
CA GLN D 86 51.12 -7.61 15.79
C GLN D 86 50.48 -8.39 16.93
N ALA D 87 51.31 -9.16 17.65
CA ALA D 87 50.83 -9.87 18.84
C ALA D 87 50.23 -8.90 19.85
N ARG D 88 50.94 -7.81 20.13
CA ARG D 88 50.46 -6.82 21.09
C ARG D 88 49.14 -6.20 20.63
N ASP D 89 49.07 -5.80 19.36
CA ASP D 89 47.83 -5.22 18.90
C ASP D 89 46.69 -6.19 19.07
N PHE D 90 46.93 -7.47 18.76
CA PHE D 90 45.90 -8.47 18.91
C PHE D 90 45.47 -8.62 20.37
N ILE D 91 46.44 -8.76 21.29
CA ILE D 91 46.13 -8.85 22.71
C ILE D 91 45.31 -7.64 23.16
N ASN D 92 45.67 -6.45 22.67
CA ASN D 92 44.88 -5.27 22.97
C ASN D 92 43.45 -5.43 22.45
N GLN D 93 43.29 -6.07 21.29
CA GLN D 93 41.95 -6.23 20.74
C GLN D 93 41.15 -7.16 21.62
N TYR D 94 41.77 -8.25 22.07
CA TYR D 94 41.10 -9.19 22.94
C TYR D 94 40.64 -8.53 24.24
N TYR D 95 41.52 -7.78 24.87
CA TYR D 95 41.14 -7.21 26.17
C TYR D 95 40.15 -6.08 26.00
N SER D 96 40.22 -5.36 24.88
CA SER D 96 39.19 -4.38 24.62
C SER D 96 37.82 -5.04 24.45
N SER D 97 37.79 -6.24 23.87
CA SER D 97 36.51 -6.89 23.58
C SER D 97 35.79 -7.34 24.85
N ILE D 98 36.53 -7.74 25.89
CA ILE D 98 35.91 -8.23 27.12
C ILE D 98 35.89 -7.10 28.13
N LYS D 99 36.13 -5.88 27.67
CA LYS D 99 36.00 -4.66 28.48
C LYS D 99 36.90 -4.73 29.71
N ARG D 100 38.17 -5.07 29.48
CA ARG D 100 39.16 -5.18 30.55
C ARG D 100 40.50 -4.62 30.11
N SER D 101 40.49 -3.54 29.34
CA SER D 101 41.74 -2.92 28.92
CA SER D 101 41.73 -2.91 28.92
C SER D 101 42.44 -2.27 30.09
N GLY D 102 43.77 -2.36 30.11
CA GLY D 102 44.56 -1.80 31.17
C GLY D 102 44.56 -2.58 32.47
N SER D 103 43.81 -3.68 32.55
CA SER D 103 43.75 -4.50 33.75
C SER D 103 45.11 -5.14 34.04
N GLN D 104 45.23 -5.72 35.24
CA GLN D 104 46.41 -6.51 35.55
C GLN D 104 46.56 -7.68 34.60
N ALA D 105 45.46 -8.39 34.34
CA ALA D 105 45.53 -9.52 33.45
C ALA D 105 45.94 -9.13 32.05
N HIS D 106 45.56 -7.91 31.62
CA HIS D 106 45.98 -7.43 30.30
C HIS D 106 47.47 -7.16 30.29
N GLU D 107 47.96 -6.40 31.28
CA GLU D 107 49.40 -6.17 31.39
C GLU D 107 50.17 -7.48 31.47
N GLN D 108 49.66 -8.44 32.21
CA GLN D 108 50.41 -9.68 32.39
C GLN D 108 50.46 -10.50 31.11
N ARG D 109 49.35 -10.53 30.36
CA ARG D 109 49.37 -11.31 29.13
C ARG D 109 50.33 -10.70 28.11
N LEU D 110 50.37 -9.37 28.02
CA LEU D 110 51.32 -8.70 27.13
C LEU D 110 52.75 -9.07 27.50
N GLN D 111 53.11 -8.93 28.79
CA GLN D 111 54.44 -9.30 29.27
C GLN D 111 54.73 -10.76 29.00
N GLU D 112 53.75 -11.63 29.25
CA GLU D 112 53.93 -13.05 29.01
C GLU D 112 54.22 -13.34 27.54
N VAL D 113 53.59 -12.60 26.61
CA VAL D 113 53.80 -12.87 25.19
C VAL D 113 55.17 -12.37 24.75
N GLU D 114 55.55 -11.17 25.19
CA GLU D 114 56.91 -10.68 24.99
C GLU D 114 57.94 -11.73 25.41
N ALA D 115 57.76 -12.34 26.59
CA ALA D 115 58.77 -13.27 27.07
C ALA D 115 58.80 -14.54 26.23
N GLU D 116 57.65 -14.97 25.73
CA GLU D 116 57.67 -16.15 24.86
C GLU D 116 58.35 -15.83 23.54
N VAL D 117 57.99 -14.71 22.92
CA VAL D 117 58.60 -14.32 21.65
C VAL D 117 60.11 -14.16 21.80
N ALA D 118 60.54 -13.61 22.94
CA ALA D 118 61.97 -13.39 23.17
C ALA D 118 62.73 -14.71 23.34
N ALA D 119 62.11 -15.69 24.01
CA ALA D 119 62.79 -16.93 24.37
C ALA D 119 62.63 -18.04 23.35
N THR D 120 61.64 -17.94 22.47
CA THR D 120 61.36 -18.98 21.50
C THR D 120 61.31 -18.48 20.06
N GLY D 121 61.10 -17.18 19.85
CA GLY D 121 60.83 -16.66 18.53
C GLY D 121 59.38 -16.66 18.15
N THR D 122 58.52 -17.31 18.94
CA THR D 122 57.10 -17.37 18.65
C THR D 122 56.32 -17.41 19.97
N TYR D 123 55.02 -17.62 19.90
CA TYR D 123 54.20 -17.75 21.10
C TYR D 123 52.97 -18.56 20.77
N GLN D 124 52.21 -18.91 21.80
CA GLN D 124 50.99 -19.69 21.67
C GLN D 124 49.80 -18.87 22.11
N LEU D 125 48.71 -18.97 21.35
CA LEU D 125 47.44 -18.35 21.74
C LEU D 125 46.81 -19.11 22.91
N ARG D 126 46.25 -18.37 23.84
CA ARG D 126 45.29 -18.95 24.75
C ARG D 126 44.06 -19.39 23.96
N GLU D 127 43.36 -20.43 24.46
CA GLU D 127 42.17 -20.91 23.75
C GLU D 127 41.15 -19.78 23.56
N SER D 128 40.90 -18.99 24.59
CA SER D 128 39.94 -17.89 24.47
CA SER D 128 39.93 -17.90 24.46
C SER D 128 40.35 -16.89 23.40
N GLU D 129 41.66 -16.63 23.27
CA GLU D 129 42.17 -15.72 22.24
C GLU D 129 42.00 -16.32 20.85
N LEU D 130 42.13 -17.63 20.71
CA LEU D 130 41.92 -18.26 19.42
C LEU D 130 40.47 -18.14 18.98
N VAL D 131 39.52 -18.37 19.90
CA VAL D 131 38.10 -18.24 19.56
C VAL D 131 37.81 -16.82 19.13
N PHE D 132 38.24 -15.85 19.92
CA PHE D 132 38.09 -14.46 19.54
C PHE D 132 38.77 -14.15 18.20
N GLY D 133 39.96 -14.70 17.98
CA GLY D 133 40.71 -14.38 16.77
C GLY D 133 39.99 -14.85 15.51
N ALA D 134 39.48 -16.09 15.52
CA ALA D 134 38.77 -16.63 14.37
C ALA D 134 37.54 -15.80 14.06
N LYS D 135 36.77 -15.43 15.10
CA LYS D 135 35.60 -14.59 14.89
C LYS D 135 35.98 -13.24 14.30
N GLN D 136 37.09 -12.65 14.78
CA GLN D 136 37.52 -11.36 14.29
C GLN D 136 37.96 -11.42 12.83
N ALA D 137 38.57 -12.53 12.42
CA ALA D 137 38.96 -12.66 11.03
C ALA D 137 37.73 -12.68 10.12
N TRP D 138 36.68 -13.40 10.52
CA TRP D 138 35.43 -13.39 9.77
C TRP D 138 34.86 -11.98 9.69
N ARG D 139 34.69 -11.34 10.85
CA ARG D 139 34.22 -9.97 10.94
C ARG D 139 34.98 -9.01 10.02
N ASN D 140 36.29 -9.23 9.86
CA ASN D 140 37.15 -8.32 9.10
C ASN D 140 37.17 -8.62 7.58
N ALA D 141 36.60 -9.74 7.14
CA ALA D 141 36.61 -10.14 5.73
C ALA D 141 35.79 -9.18 4.86
N PRO D 142 36.43 -8.31 4.06
CA PRO D 142 35.66 -7.25 3.36
C PRO D 142 34.69 -7.78 2.33
N ARG D 143 34.91 -8.98 1.78
CA ARG D 143 34.06 -9.54 0.72
C ARG D 143 32.93 -10.42 1.20
N CYS D 144 32.80 -10.65 2.51
CA CYS D 144 31.79 -11.57 3.03
C CYS D 144 30.51 -10.81 3.35
N VAL D 145 29.42 -11.16 2.66
CA VAL D 145 28.12 -10.55 2.93
C VAL D 145 27.40 -11.19 4.11
N GLY D 146 27.87 -12.35 4.58
CA GLY D 146 27.19 -13.02 5.67
C GLY D 146 27.72 -12.70 7.07
N ARG D 147 28.36 -11.55 7.24
CA ARG D 147 29.04 -11.25 8.51
C ARG D 147 28.08 -10.81 9.62
N ILE D 148 26.77 -10.61 9.35
CA ILE D 148 25.84 -10.41 10.47
C ILE D 148 25.97 -11.55 11.48
N GLN D 149 26.45 -12.71 11.05
CA GLN D 149 26.56 -13.91 11.87
C GLN D 149 27.92 -14.04 12.60
N TRP D 150 28.82 -13.06 12.49
CA TRP D 150 30.24 -13.28 12.82
C TRP D 150 30.45 -13.75 14.26
N GLY D 151 29.59 -13.34 15.19
CA GLY D 151 29.81 -13.71 16.58
C GLY D 151 29.27 -15.08 16.96
N LYS D 152 28.43 -15.68 16.13
CA LYS D 152 27.93 -17.03 16.37
C LYS D 152 28.73 -17.92 15.43
N LEU D 153 29.79 -18.51 15.94
CA LEU D 153 30.77 -19.25 15.15
C LEU D 153 31.33 -20.33 16.06
N GLN D 154 31.26 -21.59 15.64
CA GLN D 154 31.76 -22.69 16.44
C GLN D 154 33.23 -22.96 16.09
N VAL D 155 34.11 -22.76 17.05
CA VAL D 155 35.55 -22.86 16.83
C VAL D 155 36.05 -24.19 17.39
N PHE D 156 36.53 -25.07 16.52
CA PHE D 156 37.13 -26.33 16.96
C PHE D 156 38.66 -26.21 17.05
N ASP D 157 39.21 -26.49 18.22
CA ASP D 157 40.64 -26.38 18.49
C ASP D 157 41.32 -27.69 18.13
N ALA D 158 41.99 -27.73 16.98
CA ALA D 158 42.71 -28.93 16.57
C ALA D 158 44.23 -28.71 16.60
N ARG D 159 44.71 -27.77 17.42
CA ARG D 159 46.13 -27.42 17.40
C ARG D 159 47.02 -28.54 17.93
N ASP D 160 46.45 -29.57 18.58
CA ASP D 160 47.27 -30.70 19.00
C ASP D 160 47.28 -31.82 17.97
N CYS D 161 46.86 -31.54 16.73
CA CYS D 161 46.79 -32.56 15.70
C CYS D 161 48.18 -33.02 15.27
N ARG D 162 48.32 -34.33 15.04
CA ARG D 162 49.65 -34.91 14.84
C ARG D 162 49.83 -35.66 13.53
N SER D 163 48.79 -35.85 12.72
CA SER D 163 48.96 -36.68 11.53
C SER D 163 47.88 -36.36 10.52
N ALA D 164 48.12 -36.77 9.26
CA ALA D 164 47.13 -36.57 8.22
C ALA D 164 45.87 -37.37 8.51
N GLN D 165 46.01 -38.54 9.12
CA GLN D 165 44.84 -39.33 9.51
C GLN D 165 44.03 -38.62 10.59
N GLU D 166 44.71 -37.96 11.52
CA GLU D 166 43.99 -37.24 12.57
C GLU D 166 43.34 -35.99 12.01
N MET D 167 43.97 -35.37 11.00
CA MET D 167 43.34 -34.29 10.26
C MET D 167 41.97 -34.72 9.72
N PHE D 168 41.90 -35.94 9.18
CA PHE D 168 40.67 -36.40 8.53
C PHE D 168 39.57 -36.63 9.55
N THR D 169 39.94 -37.11 10.73
CA THR D 169 38.97 -37.23 11.82
C THR D 169 38.41 -35.87 12.17
N TYR D 170 39.28 -34.87 12.34
CA TYR D 170 38.80 -33.53 12.69
C TYR D 170 37.87 -32.97 11.60
N ILE D 171 38.13 -33.29 10.34
CA ILE D 171 37.37 -32.71 9.24
C ILE D 171 35.99 -33.34 9.16
N CYS D 172 35.92 -34.68 9.27
CA CYS D 172 34.63 -35.35 9.28
C CYS D 172 33.78 -34.88 10.45
N ASN D 173 34.40 -34.63 11.62
CA ASN D 173 33.63 -34.09 12.74
C ASN D 173 33.15 -32.68 12.46
N HIS D 174 33.98 -31.89 11.78
CA HIS D 174 33.54 -30.55 11.39
C HIS D 174 32.35 -30.67 10.44
N ILE D 175 32.46 -31.54 9.43
CA ILE D 175 31.40 -31.65 8.42
C ILE D 175 30.11 -32.13 9.08
N LYS D 176 30.21 -33.15 9.93
CA LYS D 176 29.02 -33.64 10.63
C LYS D 176 28.39 -32.53 11.48
N TYR D 177 29.20 -31.80 12.26
CA TYR D 177 28.64 -30.75 13.12
C TYR D 177 28.01 -29.62 12.29
N ALA D 178 28.70 -29.18 11.23
CA ALA D 178 28.25 -28.00 10.50
C ALA D 178 27.01 -28.29 9.67
N THR D 179 26.98 -29.48 9.05
CA THR D 179 25.83 -29.89 8.24
C THR D 179 24.60 -30.04 9.11
N ASN D 180 24.75 -30.75 10.24
CA ASN D 180 23.67 -30.90 11.21
C ASN D 180 22.36 -31.28 10.50
N ARG D 181 22.47 -32.27 9.61
CA ARG D 181 21.36 -32.86 8.86
C ARG D 181 20.54 -31.81 8.09
N GLY D 182 21.17 -30.73 7.68
CA GLY D 182 20.50 -29.72 6.89
C GLY D 182 20.26 -28.40 7.61
N ASN D 183 20.36 -28.36 8.93
CA ASN D 183 20.22 -27.10 9.66
C ASN D 183 21.63 -26.60 9.95
N LEU D 184 22.18 -25.81 9.02
CA LEU D 184 23.61 -25.58 8.96
C LEU D 184 24.07 -24.65 10.10
N ARG D 185 25.24 -24.95 10.64
CA ARG D 185 25.86 -24.12 11.67
C ARG D 185 27.27 -23.80 11.23
N SER D 186 27.67 -22.54 11.38
CA SER D 186 29.00 -22.16 10.89
C SER D 186 30.08 -22.62 11.86
N ALA D 187 31.22 -22.99 11.30
CA ALA D 187 32.26 -23.59 12.12
C ALA D 187 33.60 -23.35 11.45
N ILE D 188 34.63 -23.31 12.27
CA ILE D 188 36.01 -23.33 11.81
C ILE D 188 36.77 -24.34 12.66
N THR D 189 37.60 -25.16 12.01
CA THR D 189 38.56 -26.03 12.68
C THR D 189 39.96 -25.48 12.43
N VAL D 190 40.72 -25.23 13.50
CA VAL D 190 42.04 -24.61 13.41
C VAL D 190 43.07 -25.67 13.75
N PHE D 191 43.85 -26.05 12.73
CA PHE D 191 44.96 -26.98 12.86
C PHE D 191 46.23 -26.26 13.29
N PRO D 192 47.31 -26.98 13.60
CA PRO D 192 48.46 -26.33 14.25
C PRO D 192 49.08 -25.21 13.42
N GLN D 193 49.59 -24.20 14.10
CA GLN D 193 50.17 -23.02 13.46
C GLN D 193 51.49 -23.33 12.77
N ARG D 194 51.86 -22.46 11.84
CA ARG D 194 53.15 -22.52 11.19
C ARG D 194 54.23 -22.31 12.22
N CYS D 195 55.23 -23.18 12.22
N CYS D 195 55.22 -23.18 12.23
CA CYS D 195 56.30 -23.18 13.19
CA CYS D 195 56.29 -23.02 13.19
C CYS D 195 57.63 -23.33 12.48
C CYS D 195 57.63 -23.36 12.54
N PRO D 196 58.70 -22.70 12.96
CA PRO D 196 60.01 -22.93 12.35
C PRO D 196 60.52 -24.34 12.60
N GLY D 197 61.10 -24.92 11.56
CA GLY D 197 61.67 -26.25 11.65
C GLY D 197 60.71 -27.38 11.37
N ARG D 198 59.56 -27.10 10.77
CA ARG D 198 58.53 -28.10 10.52
C ARG D 198 57.69 -27.62 9.34
N GLY D 199 57.19 -28.57 8.56
CA GLY D 199 56.27 -28.22 7.49
C GLY D 199 54.91 -27.80 8.01
N ASP D 200 54.11 -27.22 7.11
CA ASP D 200 52.73 -26.83 7.42
C ASP D 200 51.79 -28.02 7.27
N PHE D 201 50.76 -28.05 8.11
CA PHE D 201 49.54 -28.74 7.72
C PHE D 201 48.87 -27.99 6.59
N ARG D 202 48.42 -28.71 5.56
CA ARG D 202 47.68 -28.10 4.45
C ARG D 202 46.54 -29.01 4.01
N ILE D 203 45.45 -28.39 3.58
CA ILE D 203 44.41 -29.10 2.83
C ILE D 203 44.52 -28.67 1.38
N TRP D 204 44.83 -29.62 0.50
CA TRP D 204 45.08 -29.31 -0.90
C TRP D 204 43.80 -28.86 -1.60
N ASN D 205 42.64 -29.31 -1.14
CA ASN D 205 41.37 -28.95 -1.75
C ASN D 205 40.98 -27.51 -1.40
N SER D 206 40.30 -26.85 -2.35
CA SER D 206 39.86 -25.47 -2.13
C SER D 206 38.63 -25.43 -1.24
N GLN D 207 37.85 -26.51 -1.25
CA GLN D 207 36.69 -26.66 -0.38
C GLN D 207 36.61 -28.11 0.06
N LEU D 208 35.99 -28.35 1.22
CA LEU D 208 35.86 -29.71 1.71
C LEU D 208 35.02 -30.57 0.78
N VAL D 209 34.01 -29.98 0.12
CA VAL D 209 33.15 -30.71 -0.81
C VAL D 209 33.25 -30.03 -2.17
N ARG D 210 33.70 -30.76 -3.19
CA ARG D 210 33.83 -30.25 -4.55
C ARG D 210 33.54 -31.38 -5.51
N TYR D 211 32.98 -31.01 -6.66
CA TYR D 211 32.67 -31.99 -7.69
C TYR D 211 33.85 -32.09 -8.64
N ALA D 212 34.17 -33.31 -9.04
CA ALA D 212 35.28 -33.51 -9.97
C ALA D 212 35.01 -32.79 -11.28
N GLY D 213 36.10 -32.35 -11.92
CA GLY D 213 36.04 -31.86 -13.28
C GLY D 213 37.04 -32.57 -14.17
N TYR D 214 36.56 -33.44 -15.05
CA TYR D 214 37.41 -34.30 -15.88
C TYR D 214 37.69 -33.61 -17.23
N ARG D 215 38.94 -33.19 -17.45
CA ARG D 215 39.29 -32.51 -18.68
C ARG D 215 39.23 -33.51 -19.83
N GLN D 216 38.40 -33.19 -20.83
CA GLN D 216 38.19 -34.07 -21.97
C GLN D 216 39.26 -33.84 -23.04
N GLN D 217 39.16 -34.61 -24.13
CA GLN D 217 40.12 -34.46 -25.21
C GLN D 217 39.79 -33.28 -26.10
N ASP D 218 38.51 -32.96 -26.26
CA ASP D 218 38.05 -31.77 -27.00
C ASP D 218 38.52 -30.44 -26.33
N GLY D 219 39.44 -30.45 -25.37
CA GLY D 219 39.68 -29.29 -24.53
C GLY D 219 38.52 -28.92 -23.62
N SER D 220 37.48 -29.74 -23.56
CA SER D 220 36.29 -29.49 -22.75
C SER D 220 36.43 -30.19 -21.39
N VAL D 221 35.39 -30.09 -20.57
CA VAL D 221 35.36 -30.69 -19.23
C VAL D 221 34.00 -31.31 -18.98
N ARG D 222 33.99 -32.52 -18.43
CA ARG D 222 32.81 -33.08 -17.77
C ARG D 222 32.94 -32.83 -16.28
N GLY D 223 31.89 -32.27 -15.68
CA GLY D 223 31.91 -31.89 -14.28
C GLY D 223 32.18 -30.41 -14.09
N ASP D 224 32.85 -30.07 -13.00
CA ASP D 224 33.07 -28.67 -12.65
C ASP D 224 34.42 -28.21 -13.20
N PRO D 225 34.45 -27.27 -14.15
CA PRO D 225 35.74 -26.82 -14.69
C PRO D 225 36.64 -26.20 -13.64
N ALA D 226 36.06 -25.69 -12.54
CA ALA D 226 36.89 -25.02 -11.54
C ALA D 226 37.84 -26.00 -10.87
N ASN D 227 37.48 -27.28 -10.84
CA ASN D 227 38.20 -28.30 -10.09
C ASN D 227 38.99 -29.23 -11.00
N VAL D 228 39.42 -28.72 -12.15
CA VAL D 228 40.22 -29.52 -13.07
C VAL D 228 41.55 -29.90 -12.44
N GLU D 229 42.25 -28.93 -11.86
CA GLU D 229 43.61 -29.19 -11.40
C GLU D 229 43.59 -30.15 -10.22
N ILE D 230 42.67 -29.93 -9.27
CA ILE D 230 42.62 -30.76 -8.08
C ILE D 230 42.14 -32.17 -8.42
N THR D 231 41.32 -32.29 -9.46
CA THR D 231 40.92 -33.61 -9.94
C THR D 231 42.10 -34.38 -10.52
N GLU D 232 42.91 -33.70 -11.36
CA GLU D 232 44.11 -34.33 -11.91
C GLU D 232 45.11 -34.65 -10.81
N LEU D 233 45.15 -33.86 -9.74
CA LEU D 233 46.02 -34.19 -8.62
C LEU D 233 45.49 -35.39 -7.84
N CYS D 234 44.19 -35.54 -7.71
CA CYS D 234 43.65 -36.71 -7.03
C CYS D 234 43.94 -38.00 -7.80
N ILE D 235 43.78 -37.96 -9.13
CA ILE D 235 44.06 -39.14 -9.94
C ILE D 235 45.52 -39.54 -9.79
N GLN D 236 46.41 -38.56 -9.88
CA GLN D 236 47.84 -38.80 -9.81
C GLN D 236 48.25 -39.40 -8.47
N HIS D 237 47.47 -39.17 -7.41
CA HIS D 237 47.72 -39.77 -6.11
C HIS D 237 46.88 -41.01 -5.83
N GLY D 238 46.24 -41.58 -6.85
CA GLY D 238 45.65 -42.90 -6.73
C GLY D 238 44.15 -42.99 -6.51
N TRP D 239 43.38 -41.93 -6.77
CA TRP D 239 41.93 -42.02 -6.70
C TRP D 239 41.37 -42.62 -7.98
N THR D 240 40.47 -43.58 -7.86
CA THR D 240 39.78 -44.09 -9.04
C THR D 240 38.66 -43.13 -9.42
N PRO D 241 38.74 -42.47 -10.57
CA PRO D 241 37.74 -41.45 -10.91
C PRO D 241 36.39 -42.08 -11.24
N GLY D 242 35.39 -41.19 -11.33
CA GLY D 242 34.13 -41.50 -11.94
C GLY D 242 34.02 -40.85 -13.31
N ASN D 243 32.78 -40.80 -13.82
CA ASN D 243 32.52 -40.11 -15.08
C ASN D 243 31.25 -39.26 -15.04
N GLY D 244 30.80 -38.87 -13.85
CA GLY D 244 29.63 -38.04 -13.73
C GLY D 244 29.94 -36.55 -13.65
N ARG D 245 28.88 -35.75 -13.73
CA ARG D 245 28.98 -34.31 -13.60
C ARG D 245 29.04 -33.86 -12.15
N PHE D 246 28.66 -34.72 -11.20
CA PHE D 246 28.63 -34.36 -9.79
C PHE D 246 29.28 -35.45 -8.92
N ASP D 247 30.55 -35.75 -9.22
CA ASP D 247 31.34 -36.72 -8.46
C ASP D 247 32.11 -36.00 -7.34
N VAL D 248 31.80 -36.36 -6.10
CA VAL D 248 32.44 -35.73 -4.95
C VAL D 248 33.91 -36.15 -4.90
N LEU D 249 34.80 -35.15 -4.90
CA LEU D 249 36.23 -35.41 -4.87
C LEU D 249 36.67 -35.93 -3.50
N PRO D 250 37.73 -36.72 -3.45
CA PRO D 250 38.33 -37.08 -2.16
C PRO D 250 39.17 -35.92 -1.63
N LEU D 251 39.59 -36.06 -0.37
CA LEU D 251 40.45 -35.07 0.25
C LEU D 251 41.91 -35.46 0.11
N LEU D 252 42.72 -34.47 -0.21
CA LEU D 252 44.18 -34.59 -0.17
C LEU D 252 44.64 -33.79 1.05
N LEU D 253 45.06 -34.50 2.09
CA LEU D 253 45.47 -33.90 3.36
C LEU D 253 46.98 -34.01 3.52
N GLN D 254 47.61 -32.92 3.91
CA GLN D 254 49.06 -32.86 4.02
C GLN D 254 49.43 -32.54 5.46
N ALA D 255 50.05 -33.50 6.11
CA ALA D 255 50.70 -33.39 7.41
C ALA D 255 52.13 -32.92 7.20
N PRO D 256 52.75 -32.31 8.22
CA PRO D 256 54.07 -31.68 8.03
C PRO D 256 55.11 -32.66 7.49
N ASP D 257 55.77 -32.23 6.40
CA ASP D 257 56.96 -32.90 5.87
C ASP D 257 56.60 -34.27 5.31
N GLU D 258 55.44 -34.34 4.66
CA GLU D 258 54.89 -35.58 4.13
C GLU D 258 54.16 -35.22 2.84
N PRO D 259 54.16 -36.10 1.84
CA PRO D 259 53.27 -35.89 0.71
C PRO D 259 51.83 -35.97 1.15
N PRO D 260 50.90 -35.44 0.36
CA PRO D 260 49.49 -35.48 0.76
C PRO D 260 48.96 -36.90 0.71
N GLU D 261 47.99 -37.18 1.57
CA GLU D 261 47.40 -38.50 1.69
C GLU D 261 45.93 -38.42 1.29
N LEU D 262 45.46 -39.45 0.60
CA LEU D 262 44.14 -39.44 0.01
C LEU D 262 43.15 -40.08 0.98
N PHE D 263 42.07 -39.36 1.28
CA PHE D 263 40.99 -39.81 2.13
C PHE D 263 39.66 -39.62 1.39
N LEU D 264 38.77 -40.61 1.50
CA LEU D 264 37.45 -40.55 0.89
C LEU D 264 36.42 -40.10 1.91
N LEU D 265 35.58 -39.15 1.53
CA LEU D 265 34.53 -38.77 2.48
C LEU D 265 33.44 -39.82 2.49
N PRO D 266 32.91 -40.16 3.66
CA PRO D 266 31.77 -41.09 3.72
C PRO D 266 30.53 -40.47 3.12
N PRO D 267 29.98 -41.09 2.08
CA PRO D 267 28.81 -40.49 1.41
C PRO D 267 27.70 -40.01 2.34
N GLU D 268 27.47 -40.68 3.47
CA GLU D 268 26.43 -40.19 4.39
C GLU D 268 26.81 -38.88 5.07
N LEU D 269 28.05 -38.44 4.92
CA LEU D 269 28.49 -37.16 5.46
C LEU D 269 28.26 -36.01 4.51
N VAL D 270 28.16 -36.29 3.20
CA VAL D 270 28.09 -35.27 2.16
C VAL D 270 26.63 -35.12 1.78
N LEU D 271 25.96 -34.18 2.43
CA LEU D 271 24.56 -33.89 2.13
C LEU D 271 24.43 -33.11 0.82
N GLU D 272 23.58 -33.60 -0.09
CA GLU D 272 23.39 -33.02 -1.41
C GLU D 272 21.91 -32.75 -1.67
N VAL D 273 21.64 -31.81 -2.56
CA VAL D 273 20.27 -31.38 -2.83
C VAL D 273 19.97 -31.56 -4.31
N PRO D 274 19.08 -32.46 -4.68
CA PRO D 274 18.65 -32.52 -6.08
C PRO D 274 17.90 -31.24 -6.44
N LEU D 275 18.16 -30.74 -7.63
CA LEU D 275 17.55 -29.49 -8.05
C LEU D 275 16.30 -29.79 -8.86
N GLU D 276 15.21 -29.15 -8.48
CA GLU D 276 13.99 -29.16 -9.25
C GLU D 276 13.35 -27.78 -9.15
N HIS D 277 12.35 -27.54 -10.02
CA HIS D 277 11.72 -26.22 -10.09
C HIS D 277 10.27 -26.33 -9.65
N PRO D 278 9.73 -25.33 -8.94
CA PRO D 278 8.37 -25.48 -8.38
C PRO D 278 7.29 -25.59 -9.43
N THR D 279 7.46 -24.92 -10.56
CA THR D 279 6.52 -25.06 -11.63
C THR D 279 7.14 -25.57 -12.92
N LEU D 280 8.47 -25.69 -13.06
CA LEU D 280 8.99 -26.20 -14.34
C LEU D 280 9.41 -27.65 -14.15
N GLU D 281 8.51 -28.56 -14.55
CA GLU D 281 8.62 -29.96 -14.15
C GLU D 281 9.74 -30.68 -14.87
N TRP D 282 10.07 -30.26 -16.09
CA TRP D 282 11.18 -30.88 -16.80
C TRP D 282 12.53 -30.56 -16.17
N PHE D 283 12.63 -29.45 -15.44
CA PHE D 283 13.89 -29.08 -14.80
C PHE D 283 14.50 -30.25 -14.04
N ALA D 284 13.68 -30.97 -13.26
CA ALA D 284 14.21 -32.06 -12.47
C ALA D 284 14.94 -33.09 -13.33
N ALA D 285 14.52 -33.23 -14.60
CA ALA D 285 15.13 -34.21 -15.50
C ALA D 285 16.51 -33.78 -16.01
N LEU D 286 16.90 -32.51 -15.85
CA LEU D 286 18.28 -32.10 -16.15
C LEU D 286 19.28 -32.82 -15.25
N GLY D 287 18.84 -33.32 -14.10
CA GLY D 287 19.69 -34.10 -13.22
C GLY D 287 20.70 -33.28 -12.47
N LEU D 288 20.34 -32.06 -12.09
CA LEU D 288 21.25 -31.15 -11.41
C LEU D 288 21.18 -31.37 -9.90
N ARG D 289 22.27 -31.00 -9.22
CA ARG D 289 22.37 -31.12 -7.78
C ARG D 289 23.49 -30.21 -7.32
N TRP D 290 23.41 -29.80 -6.05
CA TRP D 290 24.54 -29.13 -5.42
C TRP D 290 24.69 -29.67 -4.00
N TYR D 291 25.79 -29.32 -3.34
CA TYR D 291 26.00 -29.83 -1.99
C TYR D 291 25.53 -28.79 -0.96
N ALA D 292 25.21 -29.31 0.23
CA ALA D 292 24.63 -28.44 1.26
C ALA D 292 25.64 -27.46 1.84
N LEU D 293 26.90 -27.87 1.95
CA LEU D 293 27.85 -27.24 2.87
C LEU D 293 29.00 -26.55 2.14
N PRO D 294 29.06 -25.22 2.14
CA PRO D 294 30.22 -24.50 1.59
C PRO D 294 31.31 -24.37 2.64
N ALA D 295 32.44 -25.04 2.41
CA ALA D 295 33.51 -25.14 3.42
C ALA D 295 34.84 -24.84 2.74
N VAL D 296 35.31 -23.61 2.88
CA VAL D 296 36.56 -23.18 2.28
C VAL D 296 37.72 -23.70 3.13
N SER D 297 38.67 -24.42 2.50
CA SER D 297 39.77 -25.07 3.21
C SER D 297 41.17 -24.62 2.79
N ASN D 298 41.31 -23.64 1.89
CA ASN D 298 42.65 -23.33 1.40
C ASN D 298 43.12 -21.92 1.75
N MET D 299 42.42 -21.21 2.61
CA MET D 299 42.90 -19.91 3.05
C MET D 299 43.73 -20.04 4.34
N LEU D 300 44.53 -19.03 4.59
CA LEU D 300 45.36 -18.93 5.78
C LEU D 300 44.68 -17.99 6.78
N LEU D 301 44.58 -18.44 8.01
CA LEU D 301 44.06 -17.62 9.09
C LEU D 301 45.24 -17.01 9.85
N GLU D 302 45.25 -15.69 9.98
CA GLU D 302 46.34 -14.96 10.63
C GLU D 302 45.78 -14.27 11.85
N ILE D 303 46.38 -14.54 13.02
CA ILE D 303 45.91 -14.00 14.29
C ILE D 303 47.13 -13.54 15.09
N GLY D 304 47.20 -12.24 15.40
CA GLY D 304 48.32 -11.73 16.18
C GLY D 304 49.69 -12.07 15.64
N GLY D 305 49.83 -12.15 14.31
CA GLY D 305 51.09 -12.52 13.69
C GLY D 305 51.32 -14.02 13.57
N LEU D 306 50.54 -14.84 14.27
CA LEU D 306 50.65 -16.27 14.05
C LEU D 306 49.90 -16.64 12.77
N GLU D 307 50.32 -17.74 12.15
CA GLU D 307 49.76 -18.16 10.89
C GLU D 307 49.29 -19.59 10.98
N PHE D 308 48.06 -19.82 10.50
CA PHE D 308 47.42 -21.12 10.51
C PHE D 308 47.09 -21.48 9.07
N PRO D 309 48.00 -22.16 8.36
CA PRO D 309 47.76 -22.46 6.94
C PRO D 309 46.67 -23.46 6.69
N ALA D 310 46.21 -24.17 7.71
CA ALA D 310 45.08 -25.10 7.57
C ALA D 310 44.07 -24.76 8.65
N ALA D 311 42.94 -24.20 8.24
CA ALA D 311 41.88 -23.77 9.13
C ALA D 311 40.57 -23.66 8.37
N PRO D 312 40.01 -24.80 7.93
CA PRO D 312 38.80 -24.75 7.07
C PRO D 312 37.62 -24.19 7.84
N PHE D 313 36.84 -23.35 7.16
CA PHE D 313 35.65 -22.77 7.77
C PHE D 313 34.44 -22.95 6.86
N SER D 314 33.24 -22.90 7.45
CA SER D 314 32.07 -23.15 6.65
C SER D 314 30.89 -22.38 7.22
N GLY D 315 29.93 -22.09 6.37
CA GLY D 315 28.67 -21.52 6.83
C GLY D 315 27.53 -22.13 6.04
N TRP D 316 26.72 -21.29 5.39
CA TRP D 316 25.72 -21.76 4.47
C TRP D 316 25.66 -20.86 3.24
N TYR D 317 25.07 -21.40 2.18
CA TYR D 317 25.08 -20.76 0.88
C TYR D 317 24.09 -19.61 0.78
N MET D 318 24.49 -18.58 0.05
CA MET D 318 23.56 -17.65 -0.56
C MET D 318 23.24 -18.18 -1.96
N SER D 319 21.96 -18.18 -2.32
CA SER D 319 21.54 -18.96 -3.49
C SER D 319 22.19 -18.49 -4.78
N THR D 320 22.49 -17.20 -4.92
CA THR D 320 23.12 -16.75 -6.16
C THR D 320 24.49 -17.40 -6.38
N GLU D 321 25.15 -17.89 -5.32
CA GLU D 321 26.41 -18.58 -5.55
C GLU D 321 26.19 -19.87 -6.33
N ILE D 322 25.13 -20.60 -5.98
CA ILE D 322 24.87 -21.84 -6.71
C ILE D 322 24.20 -21.54 -8.04
N GLY D 323 23.10 -20.79 -8.01
CA GLY D 323 22.28 -20.63 -9.21
C GLY D 323 22.96 -19.80 -10.29
N THR D 324 23.56 -18.69 -9.90
CA THR D 324 24.14 -17.77 -10.88
C THR D 324 25.60 -18.12 -11.18
N ARG D 325 26.44 -18.14 -10.15
CA ARG D 325 27.86 -18.34 -10.43
C ARG D 325 28.15 -19.80 -10.78
N ASN D 326 27.83 -20.73 -9.87
CA ASN D 326 28.24 -22.11 -10.08
C ASN D 326 27.53 -22.75 -11.28
N LEU D 327 26.25 -22.44 -11.47
CA LEU D 327 25.53 -23.09 -12.57
C LEU D 327 25.57 -22.30 -13.88
N CYS D 328 25.60 -20.96 -13.83
CA CYS D 328 25.46 -20.14 -15.03
C CYS D 328 26.73 -19.47 -15.52
N ASP D 329 27.82 -19.44 -14.75
CA ASP D 329 29.04 -18.88 -15.29
C ASP D 329 29.43 -19.66 -16.54
N PRO D 330 29.87 -18.98 -17.60
CA PRO D 330 30.25 -19.71 -18.82
C PRO D 330 31.41 -20.65 -18.62
N HIS D 331 32.30 -20.35 -17.69
CA HIS D 331 33.46 -21.17 -17.36
C HIS D 331 33.17 -22.13 -16.21
N ARG D 332 31.93 -22.22 -15.77
CA ARG D 332 31.51 -23.21 -14.78
C ARG D 332 30.59 -24.23 -15.48
N TYR D 333 29.46 -24.62 -14.89
CA TYR D 333 28.63 -25.65 -15.51
C TYR D 333 27.94 -25.14 -16.76
N ASN D 334 27.69 -23.83 -16.84
CA ASN D 334 27.23 -23.15 -18.06
C ASN D 334 25.93 -23.77 -18.60
N ILE D 335 24.86 -23.70 -17.81
CA ILE D 335 23.60 -24.33 -18.20
C ILE D 335 22.60 -23.32 -18.75
N LEU D 336 22.98 -22.05 -18.83
CA LEU D 336 21.99 -20.99 -19.03
C LEU D 336 21.27 -21.16 -20.36
N GLU D 337 22.02 -21.40 -21.43
CA GLU D 337 21.40 -21.50 -22.75
C GLU D 337 20.53 -22.75 -22.84
N ASP D 338 20.94 -23.82 -22.16
CA ASP D 338 20.14 -25.05 -22.12
C ASP D 338 18.79 -24.78 -21.49
N VAL D 339 18.78 -24.13 -20.33
CA VAL D 339 17.54 -23.88 -19.62
C VAL D 339 16.64 -22.96 -20.42
N ALA D 340 17.21 -21.88 -20.99
CA ALA D 340 16.44 -20.97 -21.83
C ALA D 340 15.78 -21.70 -22.99
N VAL D 341 16.52 -22.58 -23.65
CA VAL D 341 15.97 -23.30 -24.79
C VAL D 341 14.82 -24.19 -24.35
N CYS D 342 14.99 -24.91 -23.23
CA CYS D 342 13.89 -25.67 -22.63
C CYS D 342 12.74 -24.74 -22.27
N MET D 343 13.04 -23.54 -21.80
CA MET D 343 11.97 -22.61 -21.45
C MET D 343 11.25 -22.08 -22.67
N ASP D 344 11.72 -22.43 -23.87
CA ASP D 344 11.18 -21.92 -25.13
C ASP D 344 11.25 -20.40 -25.22
N LEU D 345 12.35 -19.83 -24.70
CA LEU D 345 12.65 -18.42 -24.90
C LEU D 345 13.33 -18.20 -26.25
N ASP D 346 13.26 -16.97 -26.74
CA ASP D 346 13.87 -16.64 -28.03
C ASP D 346 15.34 -16.30 -27.80
N THR D 347 16.20 -17.31 -27.94
CA THR D 347 17.62 -17.13 -27.67
C THR D 347 18.39 -16.59 -28.88
N ARG D 348 17.70 -16.23 -29.96
CA ARG D 348 18.34 -15.71 -31.15
C ARG D 348 18.66 -14.23 -31.07
N THR D 349 18.18 -13.52 -30.06
CA THR D 349 18.49 -12.11 -29.90
C THR D 349 18.65 -11.79 -28.42
N THR D 350 19.62 -10.91 -28.12
CA THR D 350 19.86 -10.52 -26.73
C THR D 350 18.66 -9.80 -26.14
N SER D 351 17.94 -9.04 -26.97
CA SER D 351 16.93 -8.10 -26.48
C SER D 351 15.64 -8.78 -26.00
N SER D 352 15.48 -10.09 -26.15
CA SER D 352 14.41 -10.79 -25.45
C SER D 352 14.71 -10.99 -23.96
N LEU D 353 15.95 -10.77 -23.55
CA LEU D 353 16.37 -10.91 -22.15
C LEU D 353 16.20 -12.35 -21.68
N TRP D 354 16.35 -13.30 -22.59
CA TRP D 354 16.30 -14.71 -22.22
C TRP D 354 17.35 -15.06 -21.18
N LYS D 355 18.53 -14.43 -21.23
CA LYS D 355 19.56 -14.75 -20.25
C LYS D 355 19.10 -14.41 -18.85
N ASP D 356 18.55 -13.20 -18.67
CA ASP D 356 18.04 -12.81 -17.36
C ASP D 356 16.88 -13.68 -16.92
N LYS D 357 15.99 -14.08 -17.85
CA LYS D 357 14.83 -14.88 -17.49
C LYS D 357 15.22 -16.30 -17.07
N ALA D 358 16.12 -16.95 -17.82
CA ALA D 358 16.50 -18.30 -17.44
C ALA D 358 17.29 -18.28 -16.15
N ALA D 359 18.13 -17.27 -15.97
CA ALA D 359 18.94 -17.18 -14.75
C ALA D 359 18.07 -17.02 -13.52
N VAL D 360 17.06 -16.14 -13.59
CA VAL D 360 16.11 -16.01 -12.50
C VAL D 360 15.50 -17.36 -12.15
N GLU D 361 15.01 -18.10 -13.16
CA GLU D 361 14.34 -19.37 -12.86
C GLU D 361 15.29 -20.41 -12.30
N ILE D 362 16.58 -20.36 -12.66
CA ILE D 362 17.52 -21.30 -12.07
C ILE D 362 17.72 -20.98 -10.61
N ASN D 363 17.72 -19.69 -10.27
CA ASN D 363 17.79 -19.28 -8.87
C ASN D 363 16.53 -19.67 -8.10
N VAL D 364 15.34 -19.50 -8.70
CA VAL D 364 14.10 -20.01 -8.10
C VAL D 364 14.24 -21.50 -7.77
N ALA D 365 14.73 -22.30 -8.73
CA ALA D 365 14.87 -23.73 -8.49
C ALA D 365 15.82 -24.03 -7.32
N VAL D 366 16.98 -23.33 -7.27
CA VAL D 366 17.92 -23.53 -6.17
C VAL D 366 17.22 -23.30 -4.84
N LEU D 367 16.60 -22.13 -4.70
CA LEU D 367 15.91 -21.77 -3.46
C LEU D 367 14.85 -22.79 -3.14
N HIS D 368 14.01 -23.11 -4.12
CA HIS D 368 12.94 -24.05 -3.87
C HIS D 368 13.47 -25.43 -3.47
N SER D 369 14.52 -25.89 -4.15
CA SER D 369 15.05 -27.21 -3.85
C SER D 369 15.63 -27.28 -2.44
N TYR D 370 16.43 -26.27 -2.05
CA TYR D 370 16.98 -26.28 -0.69
C TYR D 370 15.89 -26.22 0.37
N GLN D 371 14.90 -25.33 0.21
CA GLN D 371 13.80 -25.27 1.16
C GLN D 371 13.05 -26.59 1.24
N LEU D 372 12.90 -27.27 0.11
CA LEU D 372 12.18 -28.55 0.07
C LEU D 372 12.95 -29.64 0.79
N ALA D 373 14.27 -29.68 0.62
CA ALA D 373 15.16 -30.63 1.29
C ALA D 373 15.45 -30.25 2.73
N LYS D 374 14.94 -29.11 3.20
CA LYS D 374 15.22 -28.62 4.56
C LYS D 374 16.72 -28.47 4.79
N VAL D 375 17.36 -27.75 3.85
CA VAL D 375 18.76 -27.36 3.97
C VAL D 375 18.80 -25.84 3.99
N THR D 376 19.44 -25.28 5.02
CA THR D 376 19.57 -23.84 5.21
C THR D 376 20.09 -23.19 3.93
N ILE D 377 19.45 -22.08 3.53
CA ILE D 377 19.93 -21.28 2.42
C ILE D 377 19.33 -19.89 2.60
N VAL D 378 19.99 -18.88 2.05
CA VAL D 378 19.50 -17.51 2.13
C VAL D 378 19.55 -16.91 0.72
N ASP D 379 18.47 -16.21 0.33
CA ASP D 379 18.47 -15.56 -0.99
C ASP D 379 19.24 -14.23 -0.90
N HIS D 380 19.54 -13.63 -2.06
CA HIS D 380 20.40 -12.44 -2.05
C HIS D 380 19.71 -11.21 -1.51
N HIS D 381 18.38 -11.18 -1.47
CA HIS D 381 17.67 -10.05 -0.88
C HIS D 381 17.75 -10.09 0.64
N ALA D 382 17.55 -11.28 1.22
CA ALA D 382 17.66 -11.40 2.66
C ALA D 382 19.11 -11.18 3.09
N ALA D 383 20.06 -11.82 2.40
CA ALA D 383 21.46 -11.68 2.79
C ALA D 383 21.92 -10.23 2.75
N THR D 384 21.54 -9.49 1.68
CA THR D 384 21.98 -8.10 1.60
C THR D 384 21.26 -7.22 2.59
N ALA D 385 20.00 -7.55 2.93
CA ALA D 385 19.31 -6.80 3.99
C ALA D 385 20.00 -7.00 5.33
N SER D 386 20.43 -8.22 5.61
CA SER D 386 21.10 -8.46 6.89
C SER D 386 22.47 -7.79 6.90
N PHE D 387 23.16 -7.77 5.75
CA PHE D 387 24.43 -7.06 5.73
C PHE D 387 24.26 -5.57 6.02
N MET D 388 23.15 -4.95 5.60
CA MET D 388 22.93 -3.54 5.95
C MET D 388 22.82 -3.34 7.46
N LYS D 389 22.19 -4.28 8.16
CA LYS D 389 22.11 -4.20 9.62
C LYS D 389 23.50 -4.38 10.25
N HIS D 390 24.33 -5.27 9.69
CA HIS D 390 25.71 -5.42 10.13
C HIS D 390 26.48 -4.12 10.02
N LEU D 391 26.31 -3.39 8.91
CA LEU D 391 27.03 -2.12 8.77
C LEU D 391 26.65 -1.15 9.87
N GLU D 392 25.35 -1.06 10.19
CA GLU D 392 24.93 -0.13 11.23
C GLU D 392 25.37 -0.60 12.62
N ASN D 393 25.46 -1.92 12.85
CA ASN D 393 26.01 -2.42 14.10
C ASN D 393 27.50 -2.08 14.20
N GLU D 394 28.24 -2.32 13.12
CA GLU D 394 29.68 -2.07 13.11
C GLU D 394 29.99 -0.58 13.16
N GLN D 395 29.16 0.27 12.54
CA GLN D 395 29.35 1.71 12.69
C GLN D 395 29.30 2.11 14.16
N LYS D 396 28.31 1.61 14.90
CA LYS D 396 28.23 1.91 16.33
C LYS D 396 29.37 1.24 17.11
N ALA D 397 29.73 0.00 16.76
CA ALA D 397 30.70 -0.74 17.56
C ALA D 397 32.13 -0.29 17.28
N ARG D 398 32.48 -0.08 16.01
CA ARG D 398 33.86 0.26 15.66
C ARG D 398 34.00 1.52 14.81
N GLY D 399 32.90 2.21 14.48
CA GLY D 399 33.01 3.36 13.61
C GLY D 399 33.40 3.01 12.18
N GLY D 400 33.02 1.83 11.70
CA GLY D 400 33.27 1.51 10.31
C GLY D 400 33.26 0.01 10.09
N CYS D 401 33.54 -0.35 8.85
CA CYS D 401 33.42 -1.72 8.41
C CYS D 401 34.08 -1.90 7.05
N PRO D 402 35.14 -2.70 6.94
CA PRO D 402 35.74 -2.92 5.62
C PRO D 402 34.78 -3.71 4.75
N ALA D 403 34.50 -3.18 3.56
CA ALA D 403 33.54 -3.79 2.66
C ALA D 403 34.00 -3.56 1.22
N ASP D 404 33.98 -4.64 0.45
CA ASP D 404 34.42 -4.65 -0.95
C ASP D 404 33.15 -4.71 -1.81
N TRP D 405 32.74 -3.54 -2.30
CA TRP D 405 31.45 -3.36 -2.98
C TRP D 405 31.24 -4.37 -4.11
N ALA D 406 32.26 -4.57 -4.93
CA ALA D 406 32.09 -5.46 -6.08
C ALA D 406 31.79 -6.90 -5.68
N TRP D 407 32.10 -7.30 -4.45
CA TRP D 407 31.82 -8.65 -3.98
C TRP D 407 30.59 -8.70 -3.09
N ILE D 408 30.25 -7.58 -2.44
CA ILE D 408 29.05 -7.53 -1.61
C ILE D 408 27.78 -7.44 -2.48
N VAL D 409 27.82 -6.73 -3.60
CA VAL D 409 26.66 -6.67 -4.50
C VAL D 409 26.50 -8.01 -5.21
N PRO D 410 25.35 -8.68 -5.14
CA PRO D 410 25.21 -10.03 -5.73
C PRO D 410 25.30 -9.98 -7.25
N PRO D 411 25.56 -11.11 -7.91
CA PRO D 411 25.83 -11.09 -9.35
C PRO D 411 24.61 -10.99 -10.26
N ILE D 412 23.40 -11.15 -9.73
CA ILE D 412 22.19 -10.76 -10.45
C ILE D 412 21.46 -9.74 -9.58
N SER D 413 20.72 -8.85 -10.25
CA SER D 413 19.76 -7.95 -9.61
C SER D 413 20.40 -6.94 -8.64
N GLY D 414 21.64 -6.53 -8.96
CA GLY D 414 22.43 -5.76 -8.01
C GLY D 414 21.72 -4.55 -7.42
N SER D 415 21.18 -3.68 -8.29
CA SER D 415 20.53 -2.46 -7.83
C SER D 415 19.19 -2.70 -7.15
N LEU D 416 18.62 -3.89 -7.27
CA LEU D 416 17.41 -4.17 -6.51
C LEU D 416 17.70 -4.50 -5.03
N THR D 417 18.97 -4.65 -4.66
CA THR D 417 19.32 -4.87 -3.27
C THR D 417 19.88 -3.58 -2.66
N PRO D 418 19.78 -3.42 -1.33
CA PRO D 418 20.10 -2.12 -0.74
C PRO D 418 21.59 -1.84 -0.65
N VAL D 419 22.45 -2.86 -0.74
CA VAL D 419 23.89 -2.63 -0.68
C VAL D 419 24.40 -1.94 -1.95
N PHE D 420 23.68 -2.09 -3.08
CA PHE D 420 24.06 -1.38 -4.30
C PHE D 420 24.21 0.10 -4.08
N HIS D 421 23.32 0.68 -3.28
CA HIS D 421 23.27 2.12 -3.09
C HIS D 421 24.07 2.57 -1.87
N GLN D 422 24.81 1.66 -1.24
CA GLN D 422 25.64 1.95 -0.08
C GLN D 422 27.10 2.09 -0.53
N GLU D 423 27.65 3.30 -0.44
CA GLU D 423 29.08 3.47 -0.65
C GLU D 423 29.84 2.71 0.43
N MET D 424 30.95 2.10 0.04
CA MET D 424 31.72 1.26 0.95
C MET D 424 33.19 1.64 0.90
N VAL D 425 33.89 1.38 2.01
CA VAL D 425 35.33 1.59 2.16
C VAL D 425 36.00 0.23 2.32
N ASN D 426 36.94 -0.07 1.44
CA ASN D 426 37.65 -1.33 1.48
C ASN D 426 39.04 -1.13 2.08
N TYR D 427 39.40 -1.98 3.06
CA TYR D 427 40.72 -1.89 3.72
C TYR D 427 40.97 -3.18 4.51
N PHE D 428 42.23 -3.39 4.90
CA PHE D 428 42.65 -4.67 5.48
C PHE D 428 42.85 -4.54 7.00
N LEU D 429 42.11 -5.34 7.76
CA LEU D 429 42.27 -5.45 9.21
C LEU D 429 42.73 -6.86 9.59
N SER D 430 43.43 -6.95 10.72
CA SER D 430 43.85 -8.23 11.27
C SER D 430 43.24 -8.43 12.66
N PRO D 431 42.92 -9.67 13.04
CA PRO D 431 43.00 -10.98 12.37
C PRO D 431 42.32 -11.01 10.99
N ALA D 432 42.74 -11.94 10.15
CA ALA D 432 42.28 -11.94 8.77
C ALA D 432 42.42 -13.34 8.18
N PHE D 433 41.55 -13.63 7.22
CA PHE D 433 41.73 -14.75 6.32
C PHE D 433 42.46 -14.25 5.07
N ARG D 434 43.46 -15.01 4.63
CA ARG D 434 44.34 -14.57 3.54
C ARG D 434 44.49 -15.70 2.52
N TYR D 435 44.61 -15.28 1.27
CA TYR D 435 45.04 -16.17 0.20
C TYR D 435 46.47 -16.61 0.43
N GLN D 436 46.78 -17.83 -0.01
CA GLN D 436 48.13 -18.38 0.12
C GLN D 436 48.40 -19.22 -1.12
N PRO D 437 49.66 -19.41 -1.49
CA PRO D 437 49.96 -20.20 -2.69
C PRO D 437 49.46 -21.64 -2.54
N ASP D 438 49.21 -22.27 -3.67
CA ASP D 438 48.86 -23.68 -3.67
C ASP D 438 50.05 -24.50 -3.20
N PRO D 439 49.82 -25.57 -2.45
CA PRO D 439 50.95 -26.31 -1.86
C PRO D 439 51.86 -26.94 -2.89
N TRP D 440 51.31 -27.37 -4.02
CA TRP D 440 52.08 -28.01 -5.07
C TRP D 440 52.73 -27.00 -6.02
CHA HEM E . -29.31 -3.48 21.19
CHB HEM E . -25.19 -5.90 20.37
CHC HEM E . -26.36 -9.11 23.84
CHD HEM E . -30.50 -6.69 24.60
C1A HEM E . -28.06 -3.77 20.73
C2A HEM E . -27.20 -2.94 19.88
C3A HEM E . -26.06 -3.62 19.68
C4A HEM E . -26.16 -4.91 20.36
CMA HEM E . -24.87 -3.15 18.84
CAA HEM E . -27.48 -1.53 19.32
CBA HEM E . -28.14 -0.58 20.33
CGA HEM E . -27.13 0.46 20.71
O1A HEM E . -26.05 0.47 20.08
O2A HEM E . -27.41 1.28 21.64
C1B HEM E . -25.17 -7.01 21.19
C2B HEM E . -24.18 -8.06 21.17
C3B HEM E . -24.48 -8.97 22.10
C4B HEM E . -25.69 -8.51 22.79
CMB HEM E . -22.98 -8.12 20.21
CAB HEM E . -23.63 -10.24 22.37
CBB HEM E . -23.95 -11.29 23.17
C1C HEM E . -27.56 -8.70 24.38
C2C HEM E . -28.23 -9.30 25.52
C3C HEM E . -29.38 -8.62 25.73
C4C HEM E . -29.48 -7.60 24.71
CMC HEM E . -27.66 -10.49 26.32
CAC HEM E . -30.50 -8.82 26.78
CBC HEM E . -30.59 -9.89 27.56
C1D HEM E . -30.55 -5.63 23.74
C2D HEM E . -31.63 -4.68 23.63
C3D HEM E . -31.32 -3.79 22.69
C4D HEM E . -30.01 -4.14 22.17
CMD HEM E . -32.93 -4.71 24.45
CAD HEM E . -32.22 -2.61 22.26
CBD HEM E . -31.48 -1.29 22.47
CGD HEM E . -32.43 -0.12 22.46
O1D HEM E . -31.95 1.02 22.65
O2D HEM E . -33.65 -0.34 22.27
NA HEM E . -27.38 -4.95 20.99
NB HEM E . -26.08 -7.32 22.19
NC HEM E . -28.35 -7.67 23.92
ND HEM E . -29.58 -5.27 22.83
FE HEM E . -27.98 -6.48 22.25
N1 H4B F . -27.70 2.62 15.65
C2 H4B F . -27.08 2.17 16.77
N2 H4B F . -26.58 0.91 16.82
N3 H4B F . -26.92 2.99 17.84
C4 H4B F . -27.41 4.27 17.82
O4 H4B F . -27.27 5.02 18.82
C4A H4B F . -28.06 4.73 16.69
C8A H4B F . -28.20 3.88 15.60
N5 H4B F . -28.55 5.98 16.64
N8 H4B F . -28.84 4.30 14.48
C6 H4B F . -29.66 6.22 15.72
C7 H4B F . -29.37 5.65 14.34
C9 H4B F . -30.05 7.70 15.68
O9 H4B F . -28.90 8.56 15.58
C10 H4B F . -30.98 7.98 14.50
C11 H4B F . -31.36 9.45 14.47
O10 H4B F . -32.14 7.14 14.60
C22 KL7 G . -31.60 4.00 24.04
C21 KL7 G . -29.48 4.90 23.43
C19 KL7 G . -29.57 2.61 24.12
C18 KL7 G . -30.37 1.83 25.18
C17 KL7 G . -29.43 1.11 26.14
C16 KL7 G . -27.39 0.09 25.02
C14 KL7 G . -29.45 -1.17 25.12
C15 KL7 G . -28.73 -0.02 25.41
C13 KL7 G . -28.83 -2.22 24.44
C12 KL7 G . -27.49 -2.10 24.06
C11 KL7 G . -26.78 -0.95 24.34
C02 KL7 G . -23.71 -4.89 23.50
C03 KL7 G . -24.43 -5.77 24.30
C04 KL7 G . -25.19 -5.27 25.35
C05 KL7 G . -25.20 -3.89 25.59
C06 KL7 G . -24.46 -3.05 24.76
C07 KL7 G . -25.98 -6.19 26.23
C08 KL7 G . -24.44 -1.55 24.96
C09 KL7 G . -25.32 -0.85 23.92
F12 KL7 G . -26.88 -3.10 23.39
F16 KL7 G . -26.66 1.19 25.29
N01 KL7 G . -23.75 -3.57 23.75
N02 KL7 G . -22.95 -5.35 22.48
N20 KL7 G . -30.30 3.68 23.42
C1 BTB H . 1.96 12.60 16.48
O1 BTB H . 1.35 13.90 16.61
C2 BTB H . 3.05 12.64 15.41
C3 BTB H . 2.43 12.57 14.01
O3 BTB H . 2.62 13.79 13.29
C4 BTB H . 3.82 13.95 15.52
O4 BTB H . 4.68 14.10 14.39
N BTB H . 3.99 11.51 15.60
C5 BTB H . 3.40 10.23 15.17
C6 BTB H . 4.33 9.50 14.18
O6 BTB H . 4.17 10.03 12.86
C7 BTB H . 4.37 11.45 17.03
C8 BTB H . 5.22 10.23 17.39
O8 BTB H . 6.43 10.23 16.62
C1 BTB I . -9.20 22.00 13.31
O1 BTB I . -10.42 21.27 13.33
C2 BTB I . -9.31 23.11 12.29
C3 BTB I . -10.63 23.83 12.52
O3 BTB I . -11.61 22.90 12.99
C4 BTB I . -8.15 24.08 12.46
O4 BTB I . -7.86 24.71 11.20
N BTB I . -9.21 22.56 10.92
C5 BTB I . -10.44 21.92 10.42
C6 BTB I . -11.08 22.77 9.32
O6 BTB I . -12.46 22.42 9.25
C7 BTB I . -8.11 21.58 10.85
C8 BTB I . -7.65 21.56 9.41
O8 BTB I . -7.75 22.91 8.92
ZN ZN J . -42.05 3.43 9.69
C1 GOL K . -33.65 -22.28 43.40
O1 GOL K . -34.30 -21.04 43.24
C2 GOL K . -32.91 -22.66 42.12
O2 GOL K . -33.01 -21.64 41.16
C3 GOL K . -33.49 -23.95 41.53
O3 GOL K . -33.54 -23.78 40.13
CL CL L . -21.39 1.39 25.37
GD GD M . 5.34 13.14 11.51
CHA HEM N . -32.04 10.18 -4.65
CHB HEM N . -27.84 12.65 -4.68
CHC HEM N . -29.62 15.72 -7.93
CHD HEM N . -33.98 13.60 -7.58
C1A HEM N . -30.71 10.51 -4.46
C2A HEM N . -29.68 9.72 -3.81
C3A HEM N . -28.53 10.40 -3.84
C4A HEM N . -28.79 11.66 -4.49
CMA HEM N . -27.12 10.02 -3.31
CAA HEM N . -29.92 8.30 -3.26
CBA HEM N . -29.24 7.44 -4.32
CGA HEM N . -29.92 6.13 -4.58
O1A HEM N . -29.21 5.10 -4.38
O2A HEM N . -31.12 6.09 -4.99
C1B HEM N . -27.95 13.71 -5.53
C2B HEM N . -26.95 14.72 -5.74
C3B HEM N . -27.41 15.58 -6.64
C4B HEM N . -28.76 15.14 -7.03
CMB HEM N . -25.55 14.78 -5.06
CAB HEM N . -26.60 16.81 -7.11
CBB HEM N . -26.98 17.63 -8.09
C1C HEM N . -30.95 15.38 -8.14
C2C HEM N . -31.82 15.99 -9.13
C3C HEM N . -33.04 15.41 -9.06
C4C HEM N . -32.97 14.41 -8.00
CMC HEM N . -31.34 17.11 -10.06
CAC HEM N . -34.37 15.69 -9.83
CBC HEM N . -34.72 16.88 -10.34
C1D HEM N . -33.81 12.49 -6.76
C2D HEM N . -34.85 11.56 -6.42
C3D HEM N . -34.35 10.63 -5.62
C4D HEM N . -32.94 10.92 -5.42
CMD HEM N . -36.31 11.63 -6.90
CAD HEM N . -35.17 9.46 -5.03
CBD HEM N . -34.83 8.12 -5.67
CGD HEM N . -35.64 7.00 -5.08
O1D HEM N . -36.77 7.22 -4.59
O2D HEM N . -35.14 5.85 -5.13
NA HEM N . -30.11 11.70 -4.85
NB HEM N . -29.06 13.99 -6.31
NC HEM N . -31.68 14.43 -7.47
ND HEM N . -32.66 12.08 -6.12
FE HEM N . -30.94 13.24 -5.90
N1 H4B O . -29.46 4.09 0.48
C2 H4B O . -29.07 4.58 -0.72
N2 H4B O . -28.64 5.87 -0.83
N3 H4B O . -29.12 3.79 -1.83
C4 H4B O . -29.55 2.50 -1.75
O4 H4B O . -29.60 1.78 -2.78
C4A H4B O . -29.96 2.00 -0.51
C8A H4B O . -29.91 2.81 0.61
N5 H4B O . -30.41 0.72 -0.38
N8 H4B O . -30.30 2.35 1.82
C6 H4B O . -31.32 0.48 0.71
C7 H4B O . -30.72 0.97 2.04
C9 H4B O . -31.82 -0.97 0.76
O9 H4B O . -30.79 -1.89 0.35
C10 H4B O . -32.32 -1.37 2.15
C11 H4B O . -32.83 -2.81 2.15
O10 H4B O . -33.36 -0.47 2.57
C22 KL7 P . -35.13 2.30 -6.55
C21 KL7 P . -33.14 3.05 -5.51
C19 KL7 P . -33.66 3.88 -7.65
C18 KL7 P . -34.40 5.10 -8.24
C17 KL7 P . -33.62 5.72 -9.40
C16 KL7 P . -31.35 6.64 -8.71
C14 KL7 P . -33.31 8.01 -8.46
C15 KL7 P . -32.72 6.80 -8.84
C13 KL7 P . -32.52 9.04 -7.94
C12 KL7 P . -31.15 8.85 -7.81
C11 KL7 P . -30.58 7.66 -8.19
C02 KL7 P . -27.21 11.47 -8.25
C03 KL7 P . -28.00 12.35 -9.00
C04 KL7 P . -28.99 11.85 -9.83
C05 KL7 P . -29.15 10.47 -9.93
C06 KL7 P . -28.34 9.62 -9.18
C07 KL7 P . -29.86 12.78 -10.64
C08 KL7 P . -28.50 8.12 -9.29
C09 KL7 P . -29.11 7.53 -8.03
F12 KL7 P . -30.36 9.81 -7.30
F16 KL7 P . -30.75 5.49 -9.08
N01 KL7 P . -27.41 10.13 -8.35
N02 KL7 P . -26.23 11.94 -7.45
N20 KL7 P . -34.25 3.45 -6.37
C1 BTB Q . 6.19 7.00 -3.28
O1 BTB Q . 6.00 8.35 -3.76
C2 BTB Q . 4.91 6.22 -3.51
C3 BTB Q . 3.99 6.26 -2.30
O3 BTB Q . 2.65 5.93 -2.72
C4 BTB Q . 4.16 6.86 -4.68
O4 BTB Q . 2.99 6.10 -4.96
N BTB Q . 5.21 4.79 -3.82
C5 BTB Q . 5.69 4.09 -2.61
C6 BTB Q . 4.96 2.78 -2.30
O6 BTB Q . 5.02 1.88 -3.44
C7 BTB Q . 6.06 4.59 -5.01
C8 BTB Q . 5.27 4.05 -6.21
O8 BTB Q . 4.76 2.73 -5.97
C1 BTB R . -47.55 2.76 -37.84
O1 BTB R . -48.56 1.83 -37.45
C2 BTB R . -46.30 2.61 -36.95
C3 BTB R . -46.66 2.13 -35.54
O3 BTB R . -47.88 2.70 -35.07
C4 BTB R . -45.36 1.54 -37.52
O4 BTB R . -45.10 0.55 -36.52
N BTB R . -45.58 3.91 -36.99
C5 BTB R . -46.53 5.01 -36.73
C6 BTB R . -45.81 6.33 -36.44
O6 BTB R . -45.35 6.98 -37.63
C7 BTB R . -45.09 4.07 -38.37
C8 BTB R . -43.61 4.45 -38.52
O8 BTB R . -43.35 4.71 -39.91
C1 BTB S . -11.69 -11.42 -9.90
O1 BTB S . -11.84 -10.42 -10.91
C2 BTB S . -13.04 -11.81 -9.32
C3 BTB S . -13.71 -10.69 -8.54
O3 BTB S . -15.01 -10.36 -9.06
C4 BTB S . -13.95 -12.22 -10.48
O4 BTB S . -13.16 -12.47 -11.64
N BTB S . -12.81 -12.93 -8.38
C5 BTB S . -11.74 -12.54 -7.46
C6 BTB S . -11.40 -13.64 -6.44
O6 BTB S . -12.61 -14.13 -5.85
C7 BTB S . -12.46 -14.16 -9.10
C8 BTB S . -13.54 -15.21 -8.81
O8 BTB S . -14.82 -14.57 -8.69
CL CL T . -25.68 5.31 -10.44
GD GD U . 2.66 3.70 -4.23
CHA HEM V . 28.25 7.38 -18.11
CHB HEM V . 25.88 4.82 -21.52
CHC HEM V . 26.94 8.29 -24.75
CHD HEM V . 29.78 10.55 -21.50
C1A HEM V . 27.41 6.44 -18.70
C2A HEM V . 26.61 5.39 -18.04
C3A HEM V . 25.97 4.70 -19.01
C4A HEM V . 26.32 5.27 -20.29
CMA HEM V . 25.00 3.52 -18.81
CAA HEM V . 26.45 5.06 -16.53
CBA HEM V . 26.32 6.31 -15.66
CGA HEM V . 24.91 6.54 -15.16
O1A HEM V . 23.95 5.88 -15.65
O2A HEM V . 24.73 7.41 -14.26
C1B HEM V . 26.01 5.50 -22.71
C2B HEM V . 25.57 5.03 -24.01
C3B HEM V . 25.86 5.97 -24.92
C4B HEM V . 26.50 7.10 -24.22
CMB HEM V . 24.88 3.68 -24.31
CAB HEM V . 25.52 5.82 -26.42
CBB HEM V . 25.76 6.76 -27.33
C1C HEM V . 27.76 9.23 -24.14
C2C HEM V . 28.23 10.46 -24.74
C3C HEM V . 29.00 11.09 -23.83
C4C HEM V . 29.08 10.26 -22.64
CMC HEM V . 27.84 10.92 -26.16
CAC HEM V . 29.79 12.42 -23.94
CBC HEM V . 30.40 12.78 -25.07
C1D HEM V . 29.57 9.92 -20.29
C2D HEM V . 30.06 10.38 -19.01
C3D HEM V . 29.65 9.53 -18.07
C4D HEM V . 28.88 8.47 -18.72
CMD HEM V . 30.92 11.65 -18.79
CAD HEM V . 30.02 9.73 -16.58
CBD HEM V . 28.83 9.45 -15.65
CGD HEM V . 29.16 9.87 -14.25
O1D HEM V . 30.23 10.50 -14.02
O2D HEM V . 28.34 9.55 -13.35
NA HEM V . 27.21 6.31 -20.06
NB HEM V . 26.57 6.76 -22.87
NC HEM V . 28.31 9.13 -22.86
ND HEM V . 28.84 8.75 -20.07
FE HEM V . 28.06 7.51 -21.53
N1 H4B W . 26.10 2.80 -11.79
C2 H4B W . 25.34 3.61 -12.56
N2 H4B W . 25.30 3.40 -13.90
N3 H4B W . 24.63 4.63 -11.99
C4 H4B W . 24.68 4.84 -10.64
O4 H4B W . 24.01 5.77 -10.14
C4A H4B W . 25.46 4.01 -9.85
C8A H4B W . 26.18 2.98 -10.44
N5 H4B W . 25.55 4.18 -8.51
N8 H4B W . 26.97 2.15 -9.71
C6 H4B W . 26.78 3.70 -7.88
C7 H4B W . 27.05 2.25 -8.26
C9 H4B W . 26.82 3.91 -6.37
O9 H4B W . 25.59 3.52 -5.73
C10 H4B W . 27.96 3.11 -5.74
C11 H4B W . 27.97 3.29 -4.23
O10 H4B W . 29.22 3.52 -6.30
C22 KL7 X . 27.00 11.41 -10.89
C21 KL7 X . 24.90 10.48 -10.43
C19 KL7 X . 25.45 10.94 -12.74
C18 KL7 X . 26.28 12.01 -13.48
C17 KL7 X . 25.50 12.67 -14.63
C16 KL7 X . 24.46 10.81 -16.02
C14 KL7 X . 26.58 11.75 -16.69
C15 KL7 X . 25.50 11.72 -15.81
C13 KL7 X . 26.63 10.88 -17.76
C12 KL7 X . 25.59 9.97 -17.96
C11 KL7 X . 24.51 9.94 -17.11
C02 KL7 X . 23.22 7.48 -21.60
C03 KL7 X . 23.86 8.44 -22.39
C04 KL7 X . 24.05 9.72 -21.90
C05 KL7 X . 23.58 10.03 -20.63
C06 KL7 X . 22.96 9.06 -19.86
C07 KL7 X . 24.74 10.78 -22.71
C08 KL7 X . 22.47 9.40 -18.47
C09 KL7 X . 23.40 8.94 -17.36
F12 KL7 X . 25.63 9.11 -19.00
F16 KL7 X . 23.40 10.76 -15.20
N01 KL7 X . 22.79 7.81 -20.36
N02 KL7 X . 23.01 6.22 -22.06
N20 KL7 X . 25.98 10.51 -11.42
C1 BTB Y . -4.06 -5.73 -10.72
O1 BTB Y . -3.84 -4.49 -11.39
C2 BTB Y . -4.11 -6.89 -11.72
C3 BTB Y . -3.33 -6.51 -12.98
O3 BTB Y . -3.40 -7.56 -13.96
C4 BTB Y . -3.49 -8.10 -11.00
O4 BTB Y . -3.97 -9.37 -11.49
N BTB Y . -5.51 -7.21 -12.09
C5 BTB Y . -6.04 -6.22 -13.06
C6 BTB Y . -6.66 -6.88 -14.30
O6 BTB Y . -5.86 -7.99 -14.73
C7 BTB Y . -6.36 -7.29 -10.89
C8 BTB Y . -7.75 -7.85 -11.19
O8 BTB Y . -8.03 -8.94 -10.29
C1 BTB Z . 3.52 -3.00 2.90
O1 BTB Z . 2.33 -3.26 2.16
C2 BTB Z . 4.63 -3.91 2.40
C3 BTB Z . 5.11 -3.50 1.03
O3 BTB Z . 5.33 -2.08 1.02
C4 BTB Z . 5.80 -3.85 3.39
O4 BTB Z . 7.02 -3.73 2.67
N BTB Z . 4.09 -5.23 2.28
C5 BTB Z . 3.77 -5.72 3.63
C6 BTB Z . 2.38 -6.32 3.61
O6 BTB Z . 2.48 -7.60 2.99
C7 BTB Z . 5.01 -6.11 1.52
C8 BTB Z . 5.60 -7.24 2.35
O8 BTB Z . 6.73 -6.80 3.12
C1 BTB AA . 22.58 42.68 -19.26
O1 BTB AA . 23.41 43.13 -20.34
C2 BTB AA . 22.61 43.72 -18.15
C3 BTB AA . 24.06 43.90 -17.70
O3 BTB AA . 24.42 45.29 -17.73
C4 BTB AA . 22.06 45.04 -18.69
O4 BTB AA . 22.49 45.25 -20.04
N BTB AA . 21.80 43.28 -16.98
C5 BTB AA . 20.36 43.29 -17.31
C6 BTB AA . 19.76 41.89 -17.24
O6 BTB AA . 20.00 41.31 -15.96
C7 BTB AA . 22.05 44.17 -15.82
C8 BTB AA . 22.07 43.38 -14.52
O8 BTB AA . 20.74 43.03 -14.12
C1 BTB BA . -0.44 -10.89 -4.60
O1 BTB BA . -1.56 -10.23 -5.21
C2 BTB BA . -0.89 -12.17 -3.88
C3 BTB BA . 0.12 -12.54 -2.79
O3 BTB BA . 0.29 -11.44 -1.87
C4 BTB BA . -2.22 -11.94 -3.16
O4 BTB BA . -2.66 -13.09 -2.42
N BTB BA . -1.02 -13.20 -4.92
C5 BTB BA . -2.33 -13.15 -5.54
C6 BTB BA . -2.60 -14.37 -6.42
O6 BTB BA . -3.85 -14.23 -7.11
C7 BTB BA . -0.82 -14.55 -4.39
C8 BTB BA . 0.50 -15.06 -4.95
O8 BTB BA . 0.47 -15.07 -6.38
ZN ZN CA . 40.64 1.79 -5.16
C1 GOL DA . 32.22 27.64 -37.72
O1 GOL DA . 31.80 27.25 -36.43
C2 GOL DA . 32.20 26.38 -38.56
O2 GOL DA . 32.07 25.31 -37.66
C3 GOL DA . 33.50 26.22 -39.34
O3 GOL DA . 33.81 24.83 -39.40
CL CL EA . 18.69 9.03 -17.09
GD GD FA . -5.76 -11.45 -10.31
CHA HEM GA . 33.22 -14.34 1.10
CHB HEM GA . 28.58 -15.49 2.11
CHC HEM GA . 30.02 -17.57 6.23
CHD HEM GA . 34.53 -16.00 5.50
C1A HEM GA . 31.87 -14.57 0.91
C2A HEM GA . 31.07 -14.42 -0.30
C3A HEM GA . 29.80 -14.75 0.02
C4A HEM GA . 29.73 -15.11 1.42
CMA HEM GA . 28.57 -14.75 -0.91
CAA HEM GA . 31.55 -13.99 -1.72
CBA HEM GA . 32.88 -14.62 -2.13
CGA HEM GA . 32.71 -15.56 -3.29
O1A HEM GA . 31.67 -15.46 -4.01
O2A HEM GA . 33.61 -16.43 -3.49
C1B HEM GA . 28.53 -16.10 3.34
C2B HEM GA . 27.35 -16.54 4.06
C3B HEM GA . 27.73 -17.12 5.20
C4B HEM GA . 29.19 -17.06 5.25
CMB HEM GA . 25.88 -16.38 3.64
CAB HEM GA . 26.73 -17.69 6.24
CBB HEM GA . 27.12 -18.19 7.42
C1C HEM GA . 31.37 -17.33 6.35
C2C HEM GA . 32.18 -17.83 7.44
C3C HEM GA . 33.44 -17.41 7.24
C4C HEM GA . 33.44 -16.61 6.03
CMC HEM GA . 31.61 -18.71 8.57
CAC HEM GA . 34.69 -17.62 8.11
CBC HEM GA . 34.66 -18.02 9.39
C1D HEM GA . 34.56 -15.44 4.24
C2D HEM GA . 35.74 -14.92 3.62
C3D HEM GA . 35.42 -14.46 2.43
C4D HEM GA . 33.99 -14.66 2.22
CMD HEM GA . 37.16 -14.91 4.24
CAD HEM GA . 36.46 -13.82 1.49
CBD HEM GA . 36.60 -14.65 0.23
CGD HEM GA . 37.66 -14.09 -0.68
O1D HEM GA . 38.49 -13.25 -0.24
O2D HEM GA . 37.65 -14.50 -1.87
NA HEM GA . 31.01 -15.00 1.92
NB HEM GA . 29.65 -16.44 4.10
NC HEM GA . 32.17 -16.59 5.51
ND HEM GA . 33.49 -15.26 3.37
FE HEM GA . 31.46 -15.51 3.86
N1 H4B HA . 31.72 -11.11 -6.37
C2 H4B HA . 31.47 -12.32 -5.82
N2 H4B HA . 30.63 -12.42 -4.76
N3 H4B HA . 32.06 -13.44 -6.34
C4 H4B HA . 32.88 -13.36 -7.41
O4 H4B HA . 33.41 -14.41 -7.87
C4A H4B HA . 33.17 -12.12 -7.97
C8A H4B HA . 32.56 -10.98 -7.43
N5 H4B HA . 34.00 -11.95 -9.02
N8 H4B HA . 32.80 -9.74 -7.93
C6 H4B HA . 34.66 -10.66 -9.15
C7 H4B HA . 33.63 -9.53 -9.11
C9 H4B HA . 35.60 -10.60 -10.36
O9 H4B HA . 35.15 -11.55 -11.35
C10 H4B HA . 35.70 -9.19 -10.95
C11 H4B HA . 36.62 -9.13 -12.18
O10 H4B HA . 36.18 -8.26 -9.96
C22 KL7 IA . 39.14 -16.10 -5.03
C21 KL7 IA . 36.74 -16.05 -5.07
C19 KL7 IA . 37.86 -17.63 -3.69
C18 KL7 IA . 38.13 -17.67 -2.17
C17 KL7 IA . 37.57 -18.93 -1.52
C16 KL7 IA . 35.02 -18.77 -1.46
C14 KL7 IA . 36.33 -17.87 0.36
C15 KL7 IA . 36.27 -18.53 -0.86
C13 KL7 IA . 35.15 -17.47 0.98
C12 KL7 IA . 33.91 -17.72 0.39
C11 KL7 IA . 33.85 -18.37 -0.82
C02 KL7 IA . 29.47 -19.18 1.56
C03 KL7 IA . 30.09 -19.47 2.78
C04 KL7 IA . 31.40 -19.96 2.78
C05 KL7 IA . 32.05 -20.15 1.57
C06 KL7 IA . 31.38 -19.84 0.37
C07 KL7 IA . 32.10 -20.28 4.09
C08 KL7 IA . 32.03 -20.02 -0.99
C09 KL7 IA . 32.50 -18.64 -1.44
F12 KL7 IA . 32.78 -17.34 1.00
F16 KL7 IA . 34.92 -19.40 -2.63
N01 KL7 IA . 30.12 -19.35 0.40
N02 KL7 IA . 28.22 -18.70 1.51
N20 KL7 IA . 37.92 -16.27 -4.23
C1 BTB JA . -0.26 -25.74 -13.61
O1 BTB JA . -0.61 -26.25 -12.32
C2 BTB JA . 1.26 -25.78 -13.78
C3 BTB JA . 1.78 -24.34 -13.91
O3 BTB JA . 3.21 -24.35 -14.01
C4 BTB JA . 1.93 -26.46 -12.58
O4 BTB JA . 3.21 -26.98 -12.97
N BTB JA . 1.60 -26.58 -14.99
C5 BTB JA . 1.43 -25.81 -16.23
C6 BTB JA . 2.20 -26.49 -17.35
O6 BTB JA . 3.33 -25.69 -17.71
C7 BTB JA . 0.94 -27.90 -15.05
C8 BTB JA . 1.92 -29.06 -14.91
O8 BTB JA . 2.93 -29.06 -15.91
C1 BTB KA . 57.73 -39.55 3.85
O1 BTB KA . 58.51 -40.35 2.95
C2 BTB KA . 58.28 -39.75 5.26
C3 BTB KA . 59.68 -40.35 5.14
O3 BTB KA . 60.58 -39.39 4.58
C4 BTB KA . 58.38 -38.37 5.88
O4 BTB KA . 58.45 -38.45 7.31
N BTB KA . 57.40 -40.63 6.05
C5 BTB KA . 58.19 -41.47 6.97
C6 BTB KA . 57.73 -41.22 8.40
O6 BTB KA . 56.58 -40.36 8.34
C7 BTB KA . 56.57 -41.47 5.15
C8 BTB KA . 56.36 -42.91 5.65
O8 BTB KA . 55.48 -42.92 6.78
C1 BTB LA . 14.01 -29.18 -29.23
O1 BTB LA . 14.92 -30.07 -29.86
C2 BTB LA . 13.92 -27.94 -29.98
C3 BTB LA . 15.20 -27.13 -30.07
O3 BTB LA . 16.33 -27.85 -29.57
C4 BTB LA . 13.33 -28.31 -31.32
O4 BTB LA . 12.30 -29.27 -31.12
N BTB LA . 12.99 -27.27 -29.19
C5 BTB LA . 12.78 -25.93 -29.74
C6 BTB LA . 11.34 -25.80 -30.27
O6 BTB LA . 10.39 -25.89 -29.19
C7 BTB LA . 13.48 -27.08 -27.81
C8 BTB LA . 12.50 -26.24 -26.99
O8 BTB LA . 11.32 -26.98 -26.65
C1 BTB MA . 24.77 -26.54 -27.07
O1 BTB MA . 23.70 -25.63 -27.34
C2 BTB MA . 24.94 -26.63 -25.57
C3 BTB MA . 23.59 -26.25 -24.98
O3 BTB MA . 22.57 -27.05 -25.61
C4 BTB MA . 26.01 -25.63 -25.10
O4 BTB MA . 25.48 -24.72 -24.12
N BTB MA . 25.27 -28.04 -25.22
C5 BTB MA . 24.97 -28.35 -23.80
C6 BTB MA . 25.11 -29.84 -23.55
O6 BTB MA . 26.28 -30.02 -22.75
C7 BTB MA . 26.58 -28.52 -25.73
C8 BTB MA . 27.90 -28.28 -24.97
O8 BTB MA . 27.77 -27.70 -23.68
GD GD NA . 4.33 -26.45 -15.22
CL CL OA . 30.89 -22.43 -4.10
#